data_4IMY
#
_entry.id   4IMY
#
_cell.length_a   100.691
_cell.length_b   126.298
_cell.length_c   195.626
_cell.angle_alpha   90.00
_cell.angle_beta   90.00
_cell.angle_gamma   90.00
#
_symmetry.space_group_name_H-M   'P 21 21 21'
#
loop_
_entity.id
_entity.type
_entity.pdbx_description
1 polymer 'Cyclin-dependent kinase 9'
2 polymer Cyclin-T1
3 polymer 'AF4/FMR2 family member 4'
4 non-polymer 'ADENOSINE MONOPHOSPHATE'
5 water water
#
loop_
_entity_poly.entity_id
_entity_poly.type
_entity_poly.pdbx_seq_one_letter_code
_entity_poly.pdbx_strand_id
1 'polypeptide(L)'
;GHMAKQYDSVECPFCDEVSKYEKLAKIGQGTFGEVFKARHRKTGQKVALKKVLMENEKEGFPITALREIKILQLLKHENV
VNLIEICRTKASPYNRCKGSIYLVFDFCEHDLAGLLSNVLVKFTLSEIKRVMQMLLNGLYYIHRNKILHRDMKAANVLIT
RDGVLKLADFGLARAFSLAKNSQPNRY(TPO)NRVVTLWYRPPELLLGERDYGPPIDLWGAGCIMAEMWTRSPIMQGNTE
QHQLALISQLCGSITPEVWPNVDNYELYEKLELVKGQKRKVKDRLKAYVRDPYALDLIDKLLVLDPAQRIDSDDALNHDF
FWSDPMPSDLKGMLST
;
A,C,E
2 'polypeptide(L)'
;MEGERKNNNKRWYFTREQLENSPSRRFGVDPDKELSYRQQAANLLQDMGQRLNVSQLTINTAIVYMHRFYMIQSFTQFPG
NSVAPAALFLAAKVEEQPKKLEHVIKVAHTCLHPQESLPDTRSEAYLQQVQDLVILESIILQTLGFELTIDHPHTHVVKC
TQLVRASKDLAQTSYFMATNSLHLTTFSLQYTPPVVACVCIHLACKWSNWEIPVSTDGKHWWEYVDATVTLELLDELTHE
FLQILEKTPNRLKRIWNWRACEAA
;
B,D,F
3 'polypeptide(L)' SNANREDRNVLRMKERERRNQEIQQGEDAFPPSSPLFAEPYKVTSKEDKLSSRIQSMLGNYDEMKDFIGDRSIPK G,H,I
#
loop_
_chem_comp.id
_chem_comp.type
_chem_comp.name
_chem_comp.formula
AMP non-polymer 'ADENOSINE MONOPHOSPHATE' 'C10 H14 N5 O7 P'
#
# COMPACT_ATOMS: atom_id res chain seq x y z
N VAL A 10 -37.44 8.49 -9.06
CA VAL A 10 -36.41 7.65 -8.45
C VAL A 10 -37.04 6.59 -7.56
N GLU A 11 -37.22 5.39 -8.11
CA GLU A 11 -37.90 4.32 -7.39
C GLU A 11 -37.14 3.90 -6.14
N CYS A 12 -37.87 3.76 -5.03
CA CYS A 12 -37.27 3.36 -3.77
C CYS A 12 -38.31 2.63 -2.90
N PRO A 13 -38.66 1.41 -3.30
CA PRO A 13 -39.74 0.63 -2.66
C PRO A 13 -39.41 0.10 -1.27
N PHE A 14 -38.13 -0.14 -0.99
CA PHE A 14 -37.75 -0.84 0.24
C PHE A 14 -37.18 0.07 1.33
N CYS A 15 -37.26 1.38 1.12
CA CYS A 15 -36.86 2.33 2.15
C CYS A 15 -37.92 3.42 2.26
N ASP A 16 -38.75 3.33 3.29
CA ASP A 16 -39.88 4.25 3.45
C ASP A 16 -39.42 5.57 4.02
N GLU A 17 -40.18 6.64 3.71
CA GLU A 17 -39.90 7.95 4.27
C GLU A 17 -40.36 7.96 5.73
N VAL A 18 -39.54 8.55 6.59
CA VAL A 18 -39.82 8.52 8.02
C VAL A 18 -41.09 9.32 8.36
N SER A 19 -41.64 10.02 7.37
CA SER A 19 -42.87 10.78 7.55
C SER A 19 -43.98 9.89 8.11
N LYS A 20 -43.94 8.60 7.77
CA LYS A 20 -44.96 7.65 8.21
C LYS A 20 -45.09 7.62 9.73
N TYR A 21 -44.06 8.07 10.43
CA TYR A 21 -44.10 8.19 11.88
C TYR A 21 -44.29 9.65 12.29
N GLU A 22 -45.00 9.86 13.39
CA GLU A 22 -45.13 11.20 13.97
C GLU A 22 -44.20 11.30 15.17
N LYS A 23 -43.28 12.26 15.12
CA LYS A 23 -42.36 12.45 16.24
C LYS A 23 -43.11 13.07 17.42
N LEU A 24 -42.82 12.55 18.61
CA LEU A 24 -43.52 12.97 19.81
C LEU A 24 -42.60 13.64 20.83
N ALA A 25 -41.32 13.26 20.85
CA ALA A 25 -40.39 13.79 21.83
C ALA A 25 -38.95 13.37 21.53
N LYS A 26 -38.01 14.11 22.10
CA LYS A 26 -36.62 13.65 22.17
C LYS A 26 -36.52 12.74 23.39
N ILE A 27 -35.80 11.63 23.26
CA ILE A 27 -35.66 10.69 24.36
C ILE A 27 -34.22 10.69 24.87
N GLY A 28 -34.08 10.52 26.18
CA GLY A 28 -32.79 10.67 26.83
C GLY A 28 -32.22 12.02 26.49
N GLN A 29 -31.90 12.83 27.49
CA GLN A 29 -31.34 14.14 27.21
C GLN A 29 -30.17 13.95 26.24
N GLY A 30 -30.54 13.69 24.98
CA GLY A 30 -29.59 13.28 23.97
C GLY A 30 -28.59 14.34 23.60
N THR A 31 -28.07 14.24 22.37
CA THR A 31 -27.00 15.13 21.92
C THR A 31 -27.58 16.24 21.05
N PHE A 32 -28.54 15.88 20.19
CA PHE A 32 -29.16 16.83 19.28
C PHE A 32 -30.50 16.25 18.85
N GLY A 33 -30.90 16.49 17.60
CA GLY A 33 -32.02 15.78 17.03
C GLY A 33 -31.59 14.35 16.72
N GLU A 34 -31.20 13.63 17.76
CA GLU A 34 -30.59 12.32 17.60
C GLU A 34 -31.62 11.20 17.70
N VAL A 35 -32.14 10.96 18.90
CA VAL A 35 -33.18 9.94 19.07
C VAL A 35 -34.53 10.56 19.42
N PHE A 36 -35.58 10.11 18.73
CA PHE A 36 -36.93 10.60 18.97
C PHE A 36 -37.87 9.45 19.32
N LYS A 37 -38.83 9.73 20.19
CA LYS A 37 -39.95 8.82 20.41
C LYS A 37 -41.01 9.19 19.38
N ALA A 38 -41.57 8.19 18.70
CA ALA A 38 -42.56 8.45 17.65
C ALA A 38 -43.62 7.37 17.61
N ARG A 39 -44.63 7.56 16.77
CA ARG A 39 -45.70 6.58 16.61
C ARG A 39 -46.11 6.48 15.14
N HIS A 40 -46.43 5.27 14.70
CA HIS A 40 -46.93 5.08 13.34
C HIS A 40 -48.27 5.80 13.23
N ARG A 41 -48.40 6.63 12.19
CA ARG A 41 -49.58 7.47 12.04
C ARG A 41 -50.87 6.66 11.86
N LYS A 42 -50.72 5.41 11.40
CA LYS A 42 -51.88 4.58 11.08
C LYS A 42 -52.12 3.45 12.09
N THR A 43 -51.07 2.98 12.75
CA THR A 43 -51.20 1.85 13.67
C THR A 43 -50.97 2.27 15.13
N GLY A 44 -50.33 3.42 15.32
CA GLY A 44 -50.08 3.92 16.67
C GLY A 44 -48.90 3.24 17.33
N GLN A 45 -48.20 2.41 16.56
CA GLN A 45 -47.05 1.68 17.08
C GLN A 45 -45.98 2.62 17.59
N LYS A 46 -45.66 2.51 18.87
CA LYS A 46 -44.61 3.33 19.46
C LYS A 46 -43.25 2.83 18.99
N VAL A 47 -42.43 3.74 18.48
CA VAL A 47 -41.09 3.40 18.04
C VAL A 47 -40.09 4.44 18.52
N ALA A 48 -38.82 4.16 18.33
CA ALA A 48 -37.76 5.09 18.63
C ALA A 48 -36.92 5.32 17.38
N LEU A 49 -36.85 6.56 16.92
CA LEU A 49 -36.07 6.89 15.73
C LEU A 49 -34.68 7.35 16.14
N LYS A 50 -33.66 6.64 15.67
CA LYS A 50 -32.28 7.04 15.91
C LYS A 50 -31.66 7.54 14.61
N LYS A 51 -31.46 8.85 14.53
CA LYS A 51 -30.89 9.47 13.33
C LYS A 51 -29.42 9.07 13.20
N VAL A 52 -29.02 8.59 12.03
CA VAL A 52 -27.64 8.21 11.81
C VAL A 52 -26.79 9.47 11.74
N LEU A 53 -25.84 9.57 12.66
CA LEU A 53 -24.99 10.75 12.78
C LEU A 53 -23.96 10.80 11.67
N MET A 54 -23.88 11.93 10.98
CA MET A 54 -22.91 12.12 9.93
C MET A 54 -22.17 13.45 10.10
N GLU A 55 -21.45 13.58 11.21
CA GLU A 55 -20.50 14.66 11.39
C GLU A 55 -19.19 14.22 10.75
N ASN A 56 -18.93 12.92 10.86
CA ASN A 56 -17.78 12.31 10.20
C ASN A 56 -18.20 11.82 8.82
N GLU A 57 -18.44 12.76 7.91
CA GLU A 57 -18.85 12.44 6.55
C GLU A 57 -17.64 12.16 5.67
N LYS A 58 -16.47 12.13 6.29
CA LYS A 58 -15.22 11.97 5.55
C LYS A 58 -15.29 10.81 4.57
N GLU A 59 -15.52 9.60 5.09
CA GLU A 59 -15.47 8.39 4.28
C GLU A 59 -16.85 7.81 3.98
N GLY A 60 -17.69 8.59 3.32
CA GLY A 60 -19.01 8.13 2.91
C GLY A 60 -19.89 7.69 4.07
N PHE A 61 -20.98 7.00 3.76
CA PHE A 61 -21.91 6.53 4.77
C PHE A 61 -21.13 5.82 5.87
N PRO A 62 -21.42 6.18 7.13
CA PRO A 62 -20.62 5.66 8.25
C PRO A 62 -20.51 4.14 8.24
N ILE A 63 -19.31 3.63 8.00
CA ILE A 63 -19.05 2.20 8.09
C ILE A 63 -19.46 1.68 9.46
N THR A 64 -19.21 2.49 10.47
CA THR A 64 -19.59 2.14 11.85
C THR A 64 -21.11 1.99 11.99
N ALA A 65 -21.86 2.67 11.13
CA ALA A 65 -23.33 2.53 11.13
C ALA A 65 -23.74 1.27 10.38
N LEU A 66 -23.07 1.00 9.26
CA LEU A 66 -23.30 -0.21 8.50
C LEU A 66 -23.12 -1.42 9.40
N ARG A 67 -22.07 -1.38 10.23
CA ARG A 67 -21.81 -2.42 11.22
C ARG A 67 -23.03 -2.62 12.12
N GLU A 68 -23.46 -1.53 12.75
CA GLU A 68 -24.57 -1.59 13.69
C GLU A 68 -25.81 -2.20 13.04
N ILE A 69 -26.10 -1.78 11.81
CA ILE A 69 -27.30 -2.26 11.10
C ILE A 69 -27.19 -3.74 10.74
N LYS A 70 -26.05 -4.13 10.18
CA LYS A 70 -25.83 -5.53 9.84
C LYS A 70 -26.10 -6.43 11.05
N ILE A 71 -25.60 -6.01 12.20
CA ILE A 71 -25.72 -6.80 13.43
C ILE A 71 -27.14 -6.77 13.97
N LEU A 72 -27.74 -5.59 14.00
CA LEU A 72 -29.13 -5.47 14.47
C LEU A 72 -30.06 -6.33 13.64
N GLN A 73 -29.76 -6.48 12.37
CA GLN A 73 -30.59 -7.26 11.46
C GLN A 73 -30.39 -8.75 11.69
N LEU A 74 -29.21 -9.11 12.20
CA LEU A 74 -28.90 -10.51 12.51
C LEU A 74 -29.53 -10.93 13.83
N LEU A 75 -29.38 -10.09 14.86
CA LEU A 75 -29.81 -10.44 16.21
C LEU A 75 -31.30 -10.24 16.41
N LYS A 76 -32.04 -11.35 16.42
CA LYS A 76 -33.49 -11.30 16.65
C LYS A 76 -33.89 -12.21 17.80
N HIS A 77 -33.98 -11.62 19.00
CA HIS A 77 -34.21 -12.39 20.22
C HIS A 77 -35.00 -11.52 21.22
N GLU A 78 -35.77 -12.17 22.09
CA GLU A 78 -36.69 -11.47 22.98
C GLU A 78 -36.00 -10.44 23.86
N ASN A 79 -34.76 -10.72 24.25
CA ASN A 79 -34.00 -9.81 25.10
C ASN A 79 -32.93 -9.01 24.36
N VAL A 80 -33.16 -8.78 23.07
CA VAL A 80 -32.31 -7.90 22.28
C VAL A 80 -33.17 -6.88 21.55
N VAL A 81 -32.76 -5.61 21.60
CA VAL A 81 -33.54 -4.53 21.00
C VAL A 81 -33.87 -4.88 19.54
N ASN A 82 -35.07 -4.55 19.12
CA ASN A 82 -35.54 -4.92 17.79
C ASN A 82 -35.49 -3.77 16.79
N LEU A 83 -34.69 -3.93 15.74
CA LEU A 83 -34.65 -2.97 14.65
C LEU A 83 -35.79 -3.28 13.69
N ILE A 84 -36.81 -2.43 13.68
CA ILE A 84 -37.96 -2.59 12.80
C ILE A 84 -37.58 -2.41 11.35
N GLU A 85 -36.95 -1.27 11.05
CA GLU A 85 -36.59 -0.94 9.67
C GLU A 85 -35.64 0.24 9.63
N ILE A 86 -35.34 0.70 8.41
CA ILE A 86 -34.49 1.85 8.22
C ILE A 86 -35.17 2.84 7.27
N CYS A 87 -35.42 4.04 7.77
CA CYS A 87 -36.16 5.04 7.01
C CYS A 87 -35.27 6.19 6.55
N ARG A 88 -35.73 6.88 5.51
CA ARG A 88 -34.99 7.99 4.92
C ARG A 88 -35.82 9.26 4.99
N THR A 89 -35.18 10.39 4.67
CA THR A 89 -35.89 11.63 4.38
C THR A 89 -35.62 11.97 2.93
N LYS A 90 -36.26 13.01 2.42
CA LYS A 90 -36.01 13.43 1.04
C LYS A 90 -35.36 14.82 1.00
N GLY A 99 -30.13 14.83 2.60
CA GLY A 99 -30.82 13.63 3.03
C GLY A 99 -30.39 13.16 4.41
N SER A 100 -31.25 12.40 5.06
CA SER A 100 -30.94 11.82 6.37
C SER A 100 -31.43 10.38 6.44
N ILE A 101 -30.97 9.64 7.45
CA ILE A 101 -31.32 8.24 7.63
C ILE A 101 -31.62 7.94 9.08
N TYR A 102 -32.70 7.21 9.34
CA TYR A 102 -33.07 6.85 10.71
C TYR A 102 -33.17 5.35 10.90
N LEU A 103 -32.67 4.88 12.03
CA LEU A 103 -32.88 3.50 12.46
C LEU A 103 -34.14 3.49 13.33
N VAL A 104 -35.11 2.65 12.97
CA VAL A 104 -36.36 2.57 13.70
C VAL A 104 -36.43 1.34 14.61
N PHE A 105 -36.61 1.57 15.92
CA PHE A 105 -36.65 0.49 16.90
C PHE A 105 -38.03 0.38 17.54
N ASP A 106 -38.34 -0.80 18.07
CA ASP A 106 -39.51 -0.97 18.93
C ASP A 106 -39.26 -0.20 20.21
N PHE A 107 -40.19 0.67 20.57
CA PHE A 107 -39.99 1.56 21.72
C PHE A 107 -39.86 0.80 23.05
N CYS A 108 -39.01 1.32 23.93
CA CYS A 108 -38.85 0.78 25.26
C CYS A 108 -38.95 1.91 26.28
N GLU A 109 -39.92 1.80 27.18
CA GLU A 109 -40.23 2.86 28.12
C GLU A 109 -39.04 3.22 29.02
N HIS A 110 -38.44 2.20 29.63
CA HIS A 110 -37.41 2.43 30.65
C HIS A 110 -36.02 1.97 30.23
N ASP A 111 -35.03 2.38 31.02
CA ASP A 111 -33.69 1.85 30.91
C ASP A 111 -33.11 1.69 32.31
N LEU A 112 -32.28 0.68 32.49
CA LEU A 112 -31.80 0.29 33.82
C LEU A 112 -31.13 1.45 34.54
N ALA A 113 -30.34 2.24 33.82
CA ALA A 113 -29.66 3.39 34.40
C ALA A 113 -30.69 4.34 35.00
N GLY A 114 -31.67 4.74 34.20
CA GLY A 114 -32.70 5.67 34.64
C GLY A 114 -33.48 5.14 35.82
N LEU A 115 -33.72 3.83 35.85
CA LEU A 115 -34.47 3.20 36.92
C LEU A 115 -33.69 3.26 38.23
N LEU A 116 -32.43 2.87 38.19
CA LEU A 116 -31.59 2.86 39.38
C LEU A 116 -31.28 4.28 39.86
N SER A 117 -31.48 5.27 38.99
CA SER A 117 -31.30 6.67 39.35
C SER A 117 -32.55 7.20 40.03
N ASN A 118 -33.68 6.57 39.74
CA ASN A 118 -34.95 6.96 40.34
C ASN A 118 -35.06 6.36 41.74
N VAL A 119 -35.16 7.24 42.74
CA VAL A 119 -35.12 6.81 44.13
C VAL A 119 -36.44 6.16 44.52
N LEU A 120 -37.48 6.42 43.74
CA LEU A 120 -38.82 5.89 44.02
C LEU A 120 -38.94 4.44 43.55
N VAL A 121 -38.05 4.01 42.68
CA VAL A 121 -38.08 2.66 42.15
C VAL A 121 -37.49 1.68 43.17
N LYS A 122 -38.20 0.58 43.40
CA LYS A 122 -37.76 -0.43 44.37
C LYS A 122 -37.68 -1.79 43.71
N PHE A 123 -36.50 -2.42 43.79
CA PHE A 123 -36.31 -3.77 43.26
C PHE A 123 -36.27 -4.79 44.38
N THR A 124 -37.12 -5.81 44.29
CA THR A 124 -37.08 -6.91 45.23
C THR A 124 -36.02 -7.91 44.77
N LEU A 125 -35.51 -8.70 45.70
CA LEU A 125 -34.48 -9.69 45.37
C LEU A 125 -34.95 -10.56 44.21
N SER A 126 -36.22 -10.93 44.25
CA SER A 126 -36.81 -11.77 43.21
C SER A 126 -36.81 -11.08 41.85
N GLU A 127 -37.02 -9.77 41.85
CA GLU A 127 -37.09 -9.01 40.61
C GLU A 127 -35.71 -8.73 40.02
N ILE A 128 -34.72 -8.58 40.90
CA ILE A 128 -33.34 -8.41 40.44
C ILE A 128 -32.85 -9.69 39.78
N LYS A 129 -33.29 -10.83 40.31
CA LYS A 129 -32.98 -12.12 39.69
C LYS A 129 -33.53 -12.14 38.27
N ARG A 130 -34.77 -11.70 38.11
CA ARG A 130 -35.42 -11.72 36.82
C ARG A 130 -34.68 -10.83 35.82
N VAL A 131 -34.26 -9.65 36.28
CA VAL A 131 -33.51 -8.73 35.43
C VAL A 131 -32.22 -9.38 34.95
N MET A 132 -31.38 -9.80 35.89
CA MET A 132 -30.12 -10.46 35.54
C MET A 132 -30.32 -11.67 34.65
N GLN A 133 -31.40 -12.40 34.88
CA GLN A 133 -31.70 -13.60 34.08
C GLN A 133 -31.95 -13.25 32.62
N MET A 134 -32.72 -12.21 32.38
CA MET A 134 -33.02 -11.77 31.02
C MET A 134 -31.74 -11.24 30.37
N LEU A 135 -31.00 -10.44 31.12
CA LEU A 135 -29.74 -9.86 30.63
C LEU A 135 -28.79 -10.95 30.17
N LEU A 136 -28.63 -11.98 30.99
CA LEU A 136 -27.70 -13.07 30.70
C LEU A 136 -28.22 -13.95 29.56
N ASN A 137 -29.53 -14.13 29.49
CA ASN A 137 -30.12 -14.89 28.40
C ASN A 137 -29.90 -14.14 27.08
N GLY A 138 -29.90 -12.81 27.15
CA GLY A 138 -29.64 -11.98 26.00
C GLY A 138 -28.19 -12.11 25.53
N LEU A 139 -27.27 -12.05 26.48
CA LEU A 139 -25.85 -12.17 26.16
C LEU A 139 -25.56 -13.55 25.58
N TYR A 140 -26.19 -14.58 26.14
CA TYR A 140 -26.01 -15.94 25.64
C TYR A 140 -26.35 -15.99 24.15
N TYR A 141 -27.40 -15.29 23.77
CA TYR A 141 -27.87 -15.30 22.39
C TYR A 141 -26.88 -14.62 21.45
N ILE A 142 -26.43 -13.42 21.80
CA ILE A 142 -25.56 -12.67 20.91
C ILE A 142 -24.21 -13.39 20.75
N HIS A 143 -23.66 -13.87 21.87
CA HIS A 143 -22.38 -14.57 21.81
C HIS A 143 -22.52 -15.86 21.00
N ARG A 144 -23.69 -16.49 21.12
CA ARG A 144 -23.99 -17.67 20.34
C ARG A 144 -23.93 -17.34 18.85
N ASN A 145 -24.34 -16.13 18.51
CA ASN A 145 -24.27 -15.67 17.12
C ASN A 145 -23.00 -14.88 16.84
N LYS A 146 -21.95 -15.18 17.62
CA LYS A 146 -20.61 -14.65 17.35
C LYS A 146 -20.60 -13.13 17.24
N ILE A 147 -21.16 -12.47 18.25
CA ILE A 147 -21.18 -11.01 18.31
C ILE A 147 -20.72 -10.56 19.69
N LEU A 148 -19.95 -9.48 19.73
CA LEU A 148 -19.56 -8.86 21.00
C LEU A 148 -20.24 -7.50 21.13
N HIS A 149 -20.89 -7.26 22.27
CA HIS A 149 -21.56 -5.99 22.49
C HIS A 149 -20.52 -4.87 22.61
N ARG A 150 -19.53 -5.07 23.47
CA ARG A 150 -18.41 -4.15 23.60
C ARG A 150 -18.79 -2.76 24.12
N ASP A 151 -20.00 -2.63 24.66
CA ASP A 151 -20.41 -1.40 25.34
C ASP A 151 -21.52 -1.65 26.36
N MET A 152 -21.27 -2.57 27.29
CA MET A 152 -22.23 -2.88 28.35
C MET A 152 -22.27 -1.78 29.41
N LYS A 153 -23.49 -1.45 29.84
CA LYS A 153 -23.70 -0.49 30.92
C LYS A 153 -25.20 -0.34 31.15
N ALA A 154 -25.58 0.06 32.36
CA ALA A 154 -26.98 0.19 32.72
C ALA A 154 -27.76 1.00 31.66
N ALA A 155 -27.14 2.06 31.16
CA ALA A 155 -27.78 2.93 30.19
C ALA A 155 -28.18 2.18 28.92
N ASN A 156 -27.45 1.12 28.60
CA ASN A 156 -27.72 0.36 27.37
C ASN A 156 -28.55 -0.89 27.62
N VAL A 157 -29.06 -1.01 28.84
CA VAL A 157 -30.03 -2.07 29.15
C VAL A 157 -31.41 -1.44 29.23
N LEU A 158 -32.26 -1.75 28.26
CA LEU A 158 -33.61 -1.20 28.22
C LEU A 158 -34.61 -2.19 28.81
N ILE A 159 -35.76 -1.67 29.25
CA ILE A 159 -36.86 -2.50 29.71
C ILE A 159 -38.18 -1.89 29.26
N THR A 160 -39.09 -2.73 28.79
CA THR A 160 -40.37 -2.27 28.29
C THR A 160 -41.39 -2.15 29.43
N ARG A 161 -42.53 -1.52 29.16
CA ARG A 161 -43.59 -1.39 30.15
C ARG A 161 -44.10 -2.75 30.61
N ASP A 162 -44.00 -3.75 29.74
CA ASP A 162 -44.45 -5.10 30.05
C ASP A 162 -43.40 -5.88 30.84
N GLY A 163 -42.22 -5.28 31.02
CA GLY A 163 -41.19 -5.86 31.86
C GLY A 163 -40.22 -6.76 31.13
N VAL A 164 -40.05 -6.54 29.83
CA VAL A 164 -39.11 -7.32 29.03
C VAL A 164 -37.80 -6.56 28.81
N LEU A 165 -36.71 -7.12 29.32
CA LEU A 165 -35.40 -6.50 29.20
C LEU A 165 -34.85 -6.67 27.79
N LYS A 166 -34.13 -5.65 27.31
CA LYS A 166 -33.57 -5.68 25.96
C LYS A 166 -32.18 -5.04 25.95
N LEU A 167 -31.20 -5.73 25.36
CA LEU A 167 -29.89 -5.14 25.19
C LEU A 167 -29.93 -4.18 24.01
N ALA A 168 -29.25 -3.04 24.16
CA ALA A 168 -29.29 -2.01 23.14
C ALA A 168 -27.93 -1.36 22.92
N ASP A 169 -27.89 -0.43 21.97
CA ASP A 169 -26.66 0.23 21.53
C ASP A 169 -25.59 -0.76 21.05
N PHE A 170 -25.75 -1.24 19.83
CA PHE A 170 -24.76 -2.10 19.20
C PHE A 170 -23.83 -1.30 18.30
N GLY A 171 -23.77 0.01 18.51
CA GLY A 171 -22.91 0.87 17.71
C GLY A 171 -21.43 0.64 17.98
N LEU A 172 -21.14 -0.17 19.01
CA LEU A 172 -19.77 -0.48 19.38
C LEU A 172 -19.47 -1.97 19.13
N ALA A 173 -20.48 -2.72 18.71
CA ALA A 173 -20.35 -4.17 18.58
C ALA A 173 -19.71 -4.61 17.27
N ARG A 174 -19.02 -5.74 17.31
CA ARG A 174 -18.43 -6.35 16.12
C ARG A 174 -18.65 -7.86 16.15
N ALA A 175 -18.29 -8.53 15.06
CA ALA A 175 -18.35 -9.97 15.01
C ALA A 175 -17.00 -10.53 15.43
N PHE A 176 -16.98 -11.77 15.92
CA PHE A 176 -15.72 -12.39 16.35
C PHE A 176 -15.65 -13.84 15.92
N SER A 177 -14.46 -14.28 15.55
CA SER A 177 -14.22 -15.65 15.10
C SER A 177 -13.28 -16.35 16.08
N LEU A 178 -13.23 -17.67 16.07
CA LEU A 178 -12.24 -18.34 16.92
C LEU A 178 -11.04 -18.79 16.10
N ALA A 179 -11.08 -18.53 14.79
CA ALA A 179 -10.00 -18.93 13.89
C ALA A 179 -8.78 -18.02 14.03
N LYS A 180 -7.61 -18.47 13.54
CA LYS A 180 -7.46 -19.76 12.89
C LYS A 180 -6.60 -20.71 13.73
N ASN A 181 -6.51 -20.42 15.03
CA ASN A 181 -5.72 -21.24 15.95
C ASN A 181 -4.22 -21.19 15.69
N SER A 182 -3.81 -20.40 14.71
CA SER A 182 -2.39 -20.18 14.43
C SER A 182 -2.05 -18.70 14.60
N GLN A 183 -3.01 -17.83 14.28
CA GLN A 183 -2.84 -16.39 14.43
C GLN A 183 -4.02 -15.83 15.23
N PRO A 184 -3.73 -15.18 16.38
CA PRO A 184 -4.85 -14.63 17.15
C PRO A 184 -5.48 -13.43 16.46
N ASN A 185 -6.71 -13.10 16.84
CA ASN A 185 -7.37 -11.93 16.31
C ASN A 185 -6.76 -10.67 16.92
N ARG A 186 -6.70 -9.61 16.13
CA ARG A 186 -6.26 -8.31 16.63
C ARG A 186 -7.42 -7.32 16.52
N TYR A 187 -8.15 -7.18 17.62
CA TYR A 187 -9.32 -6.29 17.64
C TYR A 187 -8.99 -4.93 18.25
N TPO A 188 -9.95 -4.02 18.17
CA TPO A 188 -9.83 -2.70 18.79
CB TPO A 188 -11.04 -1.84 18.43
CG2 TPO A 188 -10.60 -0.74 17.46
OG1 TPO A 188 -12.07 -2.70 17.89
P TPO A 188 -12.36 -2.54 16.30
O1P TPO A 188 -12.91 -1.20 16.00
O2P TPO A 188 -11.03 -2.82 15.44
O3P TPO A 188 -13.47 -3.63 15.89
C TPO A 188 -9.73 -2.86 20.30
O TPO A 188 -10.64 -3.42 20.93
H TPO A 188 -10.69 -4.13 17.74
HA TPO A 188 -9.02 -2.25 18.46
HB TPO A 188 -11.42 -1.38 19.33
HG21 TPO A 188 -11.46 -0.12 17.20
HG22 TPO A 188 -10.18 -1.19 16.56
HG23 TPO A 188 -9.84 -0.12 17.95
N ASN A 189 -8.64 -2.38 20.89
CA ASN A 189 -8.42 -2.55 22.32
C ASN A 189 -9.21 -1.57 23.17
N ARG A 190 -9.19 -0.30 22.80
CA ARG A 190 -9.87 0.73 23.56
C ARG A 190 -11.38 0.67 23.32
N VAL A 191 -12.03 -0.32 23.91
CA VAL A 191 -13.48 -0.49 23.76
C VAL A 191 -14.13 -0.65 25.13
N VAL A 192 -15.44 -0.42 25.18
CA VAL A 192 -16.21 -0.44 26.42
C VAL A 192 -15.94 0.81 27.26
N THR A 193 -17.01 1.40 27.80
CA THR A 193 -16.87 2.53 28.70
C THR A 193 -15.90 2.16 29.82
N LEU A 194 -15.06 3.12 30.19
CA LEU A 194 -14.00 2.86 31.17
C LEU A 194 -14.50 2.12 32.41
N TRP A 195 -15.58 2.62 32.99
CA TRP A 195 -16.11 2.06 34.24
C TRP A 195 -16.52 0.60 34.14
N TYR A 196 -16.86 0.15 32.94
CA TYR A 196 -17.32 -1.22 32.75
C TYR A 196 -16.31 -2.08 32.02
N ARG A 197 -15.10 -1.56 31.86
CA ARG A 197 -14.07 -2.25 31.10
C ARG A 197 -13.36 -3.30 31.95
N PRO A 198 -13.24 -4.53 31.43
CA PRO A 198 -12.55 -5.62 32.13
C PRO A 198 -11.04 -5.41 32.18
N PRO A 199 -10.36 -6.09 33.12
CA PRO A 199 -8.91 -5.97 33.30
C PRO A 199 -8.13 -6.29 32.03
N GLU A 200 -8.50 -7.37 31.34
CA GLU A 200 -7.74 -7.82 30.18
C GLU A 200 -7.63 -6.72 29.13
N LEU A 201 -8.66 -5.89 29.01
CA LEU A 201 -8.66 -4.81 28.04
C LEU A 201 -7.79 -3.66 28.52
N LEU A 202 -7.82 -3.40 29.82
CA LEU A 202 -7.00 -2.34 30.41
C LEU A 202 -5.52 -2.70 30.35
N LEU A 203 -5.23 -3.99 30.32
CA LEU A 203 -3.85 -4.47 30.21
C LEU A 203 -3.35 -4.49 28.77
N GLY A 204 -4.26 -4.27 27.82
CA GLY A 204 -3.89 -4.13 26.42
C GLY A 204 -4.18 -5.35 25.56
N GLU A 205 -5.11 -6.18 25.99
CA GLU A 205 -5.47 -7.39 25.25
C GLU A 205 -6.17 -7.03 23.94
N ARG A 206 -5.76 -7.68 22.85
CA ARG A 206 -6.44 -7.53 21.56
C ARG A 206 -7.08 -8.83 21.11
N ASP A 207 -6.67 -9.94 21.71
CA ASP A 207 -7.25 -11.24 21.42
C ASP A 207 -8.23 -11.63 22.53
N TYR A 208 -9.37 -10.95 22.57
CA TYR A 208 -10.36 -11.19 23.60
C TYR A 208 -11.66 -11.72 22.98
N GLY A 209 -12.67 -11.91 23.82
CA GLY A 209 -13.94 -12.42 23.34
C GLY A 209 -15.08 -12.14 24.31
N PRO A 210 -16.14 -12.95 24.25
CA PRO A 210 -17.36 -12.79 25.05
C PRO A 210 -17.12 -12.42 26.52
N PRO A 211 -16.06 -12.96 27.14
CA PRO A 211 -15.85 -12.67 28.57
C PRO A 211 -15.84 -11.18 28.90
N ILE A 212 -15.49 -10.32 27.96
CA ILE A 212 -15.45 -8.88 28.26
C ILE A 212 -16.86 -8.38 28.53
N ASP A 213 -17.85 -8.93 27.84
CA ASP A 213 -19.23 -8.54 28.03
C ASP A 213 -19.77 -9.00 29.39
N LEU A 214 -19.30 -10.15 29.86
CA LEU A 214 -19.80 -10.67 31.12
C LEU A 214 -19.19 -9.96 32.32
N TRP A 215 -17.98 -9.44 32.16
CA TRP A 215 -17.42 -8.58 33.20
C TRP A 215 -18.36 -7.40 33.38
N GLY A 216 -18.85 -6.87 32.27
CA GLY A 216 -19.81 -5.78 32.30
C GLY A 216 -21.06 -6.20 33.03
N ALA A 217 -21.55 -7.39 32.74
CA ALA A 217 -22.76 -7.91 33.37
C ALA A 217 -22.59 -7.96 34.88
N GLY A 218 -21.37 -8.30 35.32
CA GLY A 218 -21.07 -8.33 36.74
C GLY A 218 -21.13 -6.95 37.37
N CYS A 219 -20.58 -5.97 36.68
CA CYS A 219 -20.63 -4.59 37.17
C CYS A 219 -22.08 -4.12 37.29
N ILE A 220 -22.90 -4.51 36.33
CA ILE A 220 -24.31 -4.11 36.31
C ILE A 220 -25.07 -4.80 37.44
N MET A 221 -24.79 -6.08 37.63
CA MET A 221 -25.47 -6.84 38.67
C MET A 221 -25.26 -6.22 40.05
N ALA A 222 -24.05 -5.72 40.29
CA ALA A 222 -23.73 -5.06 41.55
C ALA A 222 -24.48 -3.74 41.66
N GLU A 223 -24.64 -3.04 40.53
CA GLU A 223 -25.37 -1.77 40.51
C GLU A 223 -26.82 -1.94 40.95
N MET A 224 -27.38 -3.12 40.73
CA MET A 224 -28.78 -3.37 41.07
C MET A 224 -29.01 -3.09 42.56
N TRP A 225 -27.96 -3.24 43.36
CA TRP A 225 -28.06 -2.98 44.79
C TRP A 225 -27.41 -1.65 45.18
N THR A 226 -26.21 -1.40 44.68
CA THR A 226 -25.45 -0.20 45.05
C THR A 226 -26.05 1.06 44.42
N ARG A 227 -26.80 0.87 43.34
CA ARG A 227 -27.48 1.96 42.64
C ARG A 227 -26.54 2.90 41.90
N SER A 228 -25.25 2.59 41.87
CA SER A 228 -24.28 3.41 41.15
C SER A 228 -23.09 2.57 40.71
N PRO A 229 -22.49 2.93 39.56
CA PRO A 229 -21.33 2.19 39.04
C PRO A 229 -20.29 1.99 40.14
N ILE A 230 -19.91 0.72 40.34
CA ILE A 230 -19.07 0.35 41.48
C ILE A 230 -17.62 0.81 41.36
N MET A 231 -17.13 0.96 40.14
CA MET A 231 -15.75 1.36 39.91
C MET A 231 -15.64 2.52 38.91
N GLN A 232 -15.68 3.74 39.42
CA GLN A 232 -15.69 4.93 38.57
C GLN A 232 -14.29 5.55 38.46
N GLY A 233 -13.50 5.04 37.52
CA GLY A 233 -12.15 5.54 37.33
C GLY A 233 -12.11 6.85 36.57
N ASN A 234 -10.94 7.48 36.54
CA ASN A 234 -10.74 8.73 35.79
C ASN A 234 -9.74 8.53 34.67
N THR A 235 -8.93 7.48 34.79
CA THR A 235 -7.91 7.16 33.80
C THR A 235 -7.85 5.65 33.69
N GLU A 236 -7.27 5.15 32.60
CA GLU A 236 -7.20 3.72 32.37
C GLU A 236 -6.54 3.00 33.55
N GLN A 237 -5.56 3.64 34.18
CA GLN A 237 -4.81 3.00 35.24
C GLN A 237 -5.48 3.15 36.61
N HIS A 238 -6.16 4.28 36.81
CA HIS A 238 -6.95 4.45 38.03
C HIS A 238 -8.02 3.37 38.06
N GLN A 239 -8.60 3.09 36.90
CA GLN A 239 -9.59 2.04 36.78
C GLN A 239 -8.97 0.72 37.23
N LEU A 240 -7.80 0.42 36.69
CA LEU A 240 -7.07 -0.79 37.07
C LEU A 240 -6.79 -0.84 38.57
N ALA A 241 -6.56 0.33 39.16
CA ALA A 241 -6.31 0.41 40.59
C ALA A 241 -7.56 0.06 41.39
N LEU A 242 -8.69 0.64 40.99
CA LEU A 242 -9.96 0.38 41.67
C LEU A 242 -10.35 -1.09 41.57
N ILE A 243 -10.01 -1.71 40.45
CA ILE A 243 -10.24 -3.14 40.25
C ILE A 243 -9.39 -3.95 41.22
N SER A 244 -8.12 -3.57 41.35
CA SER A 244 -7.22 -4.24 42.27
C SER A 244 -7.73 -4.13 43.70
N GLN A 245 -8.25 -2.96 44.06
CA GLN A 245 -8.76 -2.72 45.42
C GLN A 245 -9.95 -3.60 45.73
N LEU A 246 -10.71 -3.96 44.70
CA LEU A 246 -11.93 -4.74 44.88
C LEU A 246 -11.69 -6.23 44.64
N CYS A 247 -11.08 -6.55 43.51
CA CYS A 247 -10.95 -7.94 43.05
C CYS A 247 -9.67 -8.61 43.53
N GLY A 248 -8.75 -7.83 44.09
CA GLY A 248 -7.46 -8.35 44.53
C GLY A 248 -6.37 -8.00 43.54
N SER A 249 -5.12 -8.10 43.99
CA SER A 249 -3.99 -7.74 43.16
C SER A 249 -3.89 -8.62 41.92
N ILE A 250 -3.42 -8.02 40.83
CA ILE A 250 -3.24 -8.76 39.58
C ILE A 250 -1.88 -9.44 39.56
N THR A 251 -1.88 -10.75 39.72
CA THR A 251 -0.64 -11.52 39.76
C THR A 251 -0.79 -12.79 38.94
N PRO A 252 0.33 -13.31 38.40
CA PRO A 252 0.32 -14.56 37.64
C PRO A 252 -0.24 -15.72 38.45
N GLU A 253 -0.12 -15.63 39.77
CA GLU A 253 -0.60 -16.68 40.66
C GLU A 253 -2.11 -16.85 40.55
N VAL A 254 -2.82 -15.76 40.27
CA VAL A 254 -4.27 -15.79 40.15
C VAL A 254 -4.73 -15.56 38.71
N TRP A 255 -3.78 -15.20 37.85
CA TRP A 255 -4.08 -14.95 36.44
C TRP A 255 -2.90 -15.43 35.60
N PRO A 256 -2.81 -16.75 35.40
CA PRO A 256 -1.68 -17.38 34.69
C PRO A 256 -1.35 -16.70 33.37
N ASN A 257 -0.06 -16.45 33.15
CA ASN A 257 0.42 -15.91 31.88
C ASN A 257 -0.04 -14.47 31.65
N VAL A 258 -0.22 -13.72 32.73
CA VAL A 258 -0.55 -12.31 32.63
C VAL A 258 0.73 -11.48 32.46
N ASP A 259 1.88 -12.12 32.69
CA ASP A 259 3.17 -11.46 32.56
C ASP A 259 3.36 -10.99 31.12
N ASN A 260 2.81 -11.75 30.18
CA ASN A 260 3.04 -11.51 28.75
C ASN A 260 2.49 -10.17 28.26
N TYR A 261 1.54 -9.60 28.99
CA TYR A 261 1.03 -8.28 28.64
C TYR A 261 2.15 -7.26 28.77
N GLU A 262 2.40 -6.52 27.69
CA GLU A 262 3.48 -5.53 27.68
C GLU A 262 3.37 -4.56 28.85
N LEU A 263 2.14 -4.33 29.32
CA LEU A 263 1.89 -3.30 30.32
C LEU A 263 1.93 -3.82 31.75
N TYR A 264 2.01 -5.14 31.93
CA TYR A 264 1.99 -5.71 33.27
C TYR A 264 3.09 -5.12 34.16
N GLU A 265 4.28 -4.93 33.59
CA GLU A 265 5.39 -4.33 34.32
C GLU A 265 5.36 -2.81 34.20
N LYS A 266 5.02 -2.33 33.01
CA LYS A 266 5.03 -0.90 32.72
C LYS A 266 3.87 -0.15 33.39
N LEU A 267 3.02 -0.88 34.11
CA LEU A 267 1.93 -0.26 34.86
C LEU A 267 2.12 -0.45 36.36
N GLU A 268 2.32 0.66 37.06
CA GLU A 268 2.39 0.64 38.51
C GLU A 268 1.15 -0.06 39.07
N LEU A 269 1.32 -1.28 39.57
CA LEU A 269 0.20 -2.06 40.08
C LEU A 269 0.40 -2.43 41.54
N VAL A 270 -0.53 -2.01 42.38
CA VAL A 270 -0.50 -2.36 43.81
C VAL A 270 -0.34 -3.87 43.97
N LYS A 271 0.48 -4.27 44.93
CA LYS A 271 0.90 -5.67 45.03
C LYS A 271 0.27 -6.41 46.22
N GLY A 272 -0.15 -5.70 47.25
CA GLY A 272 -0.60 -6.32 48.48
C GLY A 272 -2.08 -6.64 48.57
N GLN A 273 -2.88 -6.10 47.64
CA GLN A 273 -4.34 -6.20 47.71
C GLN A 273 -4.85 -7.65 47.77
N LYS A 274 -5.79 -7.90 48.67
CA LYS A 274 -6.50 -9.17 48.72
C LYS A 274 -7.84 -9.01 48.00
N ARG A 275 -8.56 -10.11 47.81
CA ARG A 275 -9.86 -10.04 47.14
C ARG A 275 -10.95 -9.64 48.13
N LYS A 276 -11.69 -8.58 47.79
CA LYS A 276 -12.67 -8.01 48.70
C LYS A 276 -14.06 -7.88 48.06
N VAL A 277 -14.25 -8.53 46.92
CA VAL A 277 -15.51 -8.41 46.18
C VAL A 277 -16.72 -8.73 47.06
N LYS A 278 -16.75 -9.94 47.62
CA LYS A 278 -17.87 -10.37 48.44
C LYS A 278 -17.97 -9.52 49.72
N ASP A 279 -16.86 -9.34 50.42
CA ASP A 279 -16.84 -8.56 51.65
C ASP A 279 -17.38 -7.15 51.44
N ARG A 280 -17.10 -6.57 50.28
CA ARG A 280 -17.50 -5.19 50.02
C ARG A 280 -18.98 -5.04 49.67
N LEU A 281 -19.51 -5.98 48.90
CA LEU A 281 -20.90 -5.92 48.47
C LEU A 281 -21.85 -6.53 49.49
N LYS A 282 -21.31 -7.25 50.47
CA LYS A 282 -22.13 -7.91 51.48
C LYS A 282 -23.13 -6.93 52.10
N ALA A 283 -22.67 -5.70 52.36
CA ALA A 283 -23.51 -4.71 53.01
C ALA A 283 -24.71 -4.32 52.16
N TYR A 284 -24.56 -4.40 50.84
CA TYR A 284 -25.62 -3.97 49.92
C TYR A 284 -26.53 -5.12 49.53
N VAL A 285 -25.94 -6.29 49.27
CA VAL A 285 -26.67 -7.41 48.69
C VAL A 285 -27.26 -8.35 49.74
N ARG A 286 -26.39 -9.01 50.51
CA ARG A 286 -26.81 -9.91 51.60
C ARG A 286 -27.02 -11.35 51.16
N ASP A 287 -27.89 -11.57 50.18
CA ASP A 287 -28.15 -12.93 49.69
C ASP A 287 -26.85 -13.59 49.23
N PRO A 288 -26.51 -14.74 49.82
CA PRO A 288 -25.23 -15.40 49.52
C PRO A 288 -25.07 -15.79 48.06
N TYR A 289 -26.12 -16.38 47.47
CA TYR A 289 -26.06 -16.81 46.08
C TYR A 289 -25.76 -15.63 45.16
N ALA A 290 -26.37 -14.48 45.46
CA ALA A 290 -26.16 -13.28 44.66
C ALA A 290 -24.68 -12.87 44.71
N LEU A 291 -24.16 -12.76 45.93
CA LEU A 291 -22.76 -12.39 46.13
C LEU A 291 -21.83 -13.34 45.41
N ASP A 292 -22.20 -14.62 45.37
CA ASP A 292 -21.35 -15.63 44.77
C ASP A 292 -21.25 -15.45 43.26
N LEU A 293 -22.41 -15.30 42.61
CA LEU A 293 -22.44 -15.12 41.16
C LEU A 293 -21.66 -13.87 40.76
N ILE A 294 -21.84 -12.78 41.51
CA ILE A 294 -21.08 -11.56 41.25
C ILE A 294 -19.57 -11.83 41.39
N ASP A 295 -19.21 -12.59 42.41
CA ASP A 295 -17.81 -12.92 42.64
C ASP A 295 -17.23 -13.68 41.44
N LYS A 296 -18.09 -14.43 40.74
CA LYS A 296 -17.64 -15.23 39.60
C LYS A 296 -17.66 -14.43 38.31
N LEU A 297 -18.47 -13.38 38.26
CA LEU A 297 -18.53 -12.50 37.09
C LEU A 297 -17.36 -11.52 37.07
N LEU A 298 -16.94 -11.08 38.25
CA LEU A 298 -15.85 -10.12 38.37
C LEU A 298 -14.52 -10.84 38.62
N VAL A 299 -14.24 -11.83 37.79
CA VAL A 299 -12.98 -12.57 37.88
C VAL A 299 -11.93 -11.95 36.97
N LEU A 300 -10.74 -11.70 37.52
CA LEU A 300 -9.67 -11.06 36.77
C LEU A 300 -9.33 -11.83 35.51
N ASP A 301 -8.97 -13.10 35.68
CA ASP A 301 -8.62 -13.97 34.56
C ASP A 301 -9.86 -14.26 33.70
N PRO A 302 -9.92 -13.69 32.49
CA PRO A 302 -11.09 -13.90 31.62
C PRO A 302 -11.33 -15.38 31.34
N ALA A 303 -10.26 -16.17 31.34
CA ALA A 303 -10.37 -17.60 31.10
C ALA A 303 -11.05 -18.32 32.26
N GLN A 304 -10.94 -17.74 33.45
CA GLN A 304 -11.55 -18.31 34.66
C GLN A 304 -12.84 -17.60 35.03
N ARG A 305 -13.26 -16.65 34.20
CA ARG A 305 -14.49 -15.92 34.45
C ARG A 305 -15.69 -16.70 33.92
N ILE A 306 -16.76 -16.73 34.71
CA ILE A 306 -17.95 -17.48 34.36
C ILE A 306 -18.57 -16.96 33.06
N ASP A 307 -19.12 -17.87 32.27
CA ASP A 307 -19.75 -17.51 31.00
C ASP A 307 -21.26 -17.36 31.17
N SER A 308 -21.96 -17.15 30.06
CA SER A 308 -23.39 -16.88 30.10
C SER A 308 -24.14 -18.12 30.54
N ASP A 309 -23.77 -19.26 29.97
CA ASP A 309 -24.49 -20.50 30.21
C ASP A 309 -24.39 -20.93 31.67
N ASP A 310 -23.17 -20.98 32.19
CA ASP A 310 -22.95 -21.38 33.57
C ASP A 310 -23.63 -20.42 34.54
N ALA A 311 -23.58 -19.13 34.22
CA ALA A 311 -24.19 -18.12 35.06
C ALA A 311 -25.69 -18.35 35.18
N LEU A 312 -26.34 -18.65 34.06
CA LEU A 312 -27.79 -18.85 34.05
C LEU A 312 -28.23 -20.07 34.83
N ASN A 313 -27.32 -21.04 35.00
CA ASN A 313 -27.63 -22.24 35.75
C ASN A 313 -27.09 -22.18 37.19
N HIS A 314 -26.55 -21.03 37.55
CA HIS A 314 -26.02 -20.80 38.89
C HIS A 314 -27.17 -20.75 39.89
N ASP A 315 -26.93 -21.22 41.12
CA ASP A 315 -27.98 -21.37 42.12
C ASP A 315 -28.85 -20.12 42.32
N PHE A 316 -28.21 -18.95 42.32
CA PHE A 316 -28.91 -17.67 42.36
C PHE A 316 -30.27 -17.67 41.66
N PHE A 317 -30.35 -18.31 40.50
CA PHE A 317 -31.57 -18.29 39.70
C PHE A 317 -32.51 -19.45 40.02
N TRP A 318 -32.06 -20.38 40.85
CA TRP A 318 -32.82 -21.59 41.15
C TRP A 318 -32.88 -21.87 42.65
N SER A 319 -33.02 -20.79 43.42
CA SER A 319 -33.21 -20.89 44.86
C SER A 319 -34.14 -19.76 45.29
N ASP A 320 -34.87 -19.98 46.37
CA ASP A 320 -35.87 -19.01 46.81
C ASP A 320 -35.24 -17.70 47.29
N PRO A 321 -35.84 -16.56 46.91
CA PRO A 321 -37.06 -16.49 46.09
C PRO A 321 -36.76 -16.63 44.60
N MET A 322 -37.60 -17.37 43.89
CA MET A 322 -37.43 -17.53 42.45
C MET A 322 -37.70 -16.19 41.75
N PRO A 323 -37.11 -16.00 40.56
CA PRO A 323 -37.30 -14.76 39.80
C PRO A 323 -38.78 -14.48 39.52
N SER A 324 -39.16 -13.20 39.48
CA SER A 324 -40.55 -12.83 39.20
C SER A 324 -40.66 -11.70 38.18
N ASP A 325 -41.83 -11.59 37.54
CA ASP A 325 -42.07 -10.59 36.51
C ASP A 325 -41.91 -9.18 37.07
N LEU A 326 -41.76 -8.20 36.17
CA LEU A 326 -41.46 -6.82 36.56
C LEU A 326 -42.63 -5.84 36.41
N LYS A 327 -43.65 -6.22 35.63
CA LYS A 327 -44.75 -5.31 35.31
C LYS A 327 -45.19 -4.44 36.49
N GLY A 328 -45.47 -5.07 37.62
CA GLY A 328 -45.97 -4.37 38.78
C GLY A 328 -45.00 -3.35 39.34
N MET A 329 -43.72 -3.72 39.37
CA MET A 329 -42.69 -2.86 39.95
C MET A 329 -42.37 -1.63 39.10
N LEU A 330 -42.83 -1.65 37.84
CA LEU A 330 -42.51 -0.58 36.90
C LEU A 330 -43.57 0.52 36.81
N SER A 331 -44.71 0.29 37.44
CA SER A 331 -45.78 1.30 37.45
C SER A 331 -45.45 2.43 38.42
N THR A 332 -44.39 2.25 39.21
CA THR A 332 -43.95 3.26 40.17
C THR A 332 -42.64 3.89 39.72
N ASN B 8 -40.72 -11.51 2.80
CA ASN B 8 -39.52 -10.79 2.41
C ASN B 8 -38.50 -11.72 1.76
N ASN B 9 -38.36 -12.92 2.31
CA ASN B 9 -37.39 -13.90 1.82
C ASN B 9 -37.25 -13.92 0.30
N LYS B 10 -38.39 -13.84 -0.40
CA LYS B 10 -38.39 -13.92 -1.86
C LYS B 10 -38.36 -12.53 -2.50
N ARG B 11 -37.75 -11.57 -1.83
CA ARG B 11 -37.72 -10.19 -2.33
C ARG B 11 -36.71 -9.97 -3.45
N TRP B 12 -35.47 -10.40 -3.23
CA TRP B 12 -34.40 -10.19 -4.20
C TRP B 12 -34.21 -11.41 -5.09
N TYR B 13 -35.30 -12.11 -5.35
CA TYR B 13 -35.30 -13.23 -6.28
C TYR B 13 -36.45 -13.03 -7.26
N PHE B 14 -36.18 -13.30 -8.53
CA PHE B 14 -37.11 -12.91 -9.59
C PHE B 14 -37.36 -14.04 -10.58
N THR B 15 -38.52 -13.97 -11.23
CA THR B 15 -38.85 -14.89 -12.31
C THR B 15 -38.35 -14.30 -13.63
N ARG B 16 -38.27 -15.13 -14.66
CA ARG B 16 -37.80 -14.66 -15.95
C ARG B 16 -38.64 -13.49 -16.46
N GLU B 17 -39.91 -13.49 -16.09
CA GLU B 17 -40.82 -12.40 -16.48
C GLU B 17 -40.38 -11.09 -15.84
N GLN B 18 -40.04 -11.15 -14.55
CA GLN B 18 -39.59 -9.99 -13.81
C GLN B 18 -38.23 -9.52 -14.29
N LEU B 19 -37.39 -10.46 -14.73
CA LEU B 19 -36.07 -10.14 -15.25
C LEU B 19 -36.18 -9.51 -16.63
N GLU B 20 -37.07 -10.06 -17.45
CA GLU B 20 -37.34 -9.50 -18.77
C GLU B 20 -37.89 -8.09 -18.63
N ASN B 21 -38.85 -7.93 -17.74
CA ASN B 21 -39.49 -6.64 -17.50
C ASN B 21 -38.72 -5.80 -16.48
N SER B 22 -37.44 -5.58 -16.76
CA SER B 22 -36.56 -4.84 -15.85
C SER B 22 -36.76 -3.34 -15.98
N PRO B 23 -36.22 -2.57 -15.03
CA PRO B 23 -36.28 -1.10 -15.11
C PRO B 23 -35.60 -0.57 -16.37
N SER B 24 -34.50 -1.20 -16.77
CA SER B 24 -33.78 -0.80 -17.95
C SER B 24 -34.56 -1.14 -19.22
N ARG B 25 -35.32 -2.24 -19.16
CA ARG B 25 -36.18 -2.62 -20.27
C ARG B 25 -37.26 -1.54 -20.42
N ARG B 26 -37.65 -0.97 -19.29
CA ARG B 26 -38.65 0.09 -19.27
C ARG B 26 -38.18 1.28 -20.11
N PHE B 27 -36.86 1.45 -20.20
CA PHE B 27 -36.30 2.55 -20.96
C PHE B 27 -35.69 2.09 -22.29
N GLY B 28 -36.09 0.90 -22.74
CA GLY B 28 -35.74 0.43 -24.06
C GLY B 28 -34.31 -0.09 -24.22
N VAL B 29 -33.87 -0.90 -23.26
CA VAL B 29 -32.55 -1.51 -23.34
C VAL B 29 -32.68 -3.01 -23.66
N ASP B 30 -32.06 -3.44 -24.74
CA ASP B 30 -32.08 -4.85 -25.13
C ASP B 30 -31.81 -5.73 -23.92
N PRO B 31 -32.54 -6.87 -23.83
CA PRO B 31 -32.25 -7.84 -22.77
C PRO B 31 -30.79 -8.28 -22.78
N ASP B 32 -30.25 -8.48 -23.98
CA ASP B 32 -28.87 -8.92 -24.13
C ASP B 32 -27.89 -7.79 -23.82
N LYS B 33 -28.31 -6.55 -24.07
CA LYS B 33 -27.46 -5.40 -23.81
C LYS B 33 -27.40 -5.12 -22.32
N GLU B 34 -28.49 -5.40 -21.62
CA GLU B 34 -28.52 -5.25 -20.16
C GLU B 34 -27.64 -6.32 -19.53
N LEU B 35 -27.78 -7.55 -20.02
CA LEU B 35 -26.94 -8.66 -19.56
C LEU B 35 -25.48 -8.25 -19.73
N SER B 36 -25.18 -7.65 -20.89
CA SER B 36 -23.83 -7.20 -21.20
C SER B 36 -23.36 -6.12 -20.23
N TYR B 37 -24.24 -5.18 -19.91
CA TYR B 37 -23.90 -4.12 -18.97
C TYR B 37 -23.52 -4.71 -17.63
N ARG B 38 -24.30 -5.69 -17.17
CA ARG B 38 -24.02 -6.36 -15.89
C ARG B 38 -22.66 -7.02 -15.94
N GLN B 39 -22.38 -7.74 -17.02
CA GLN B 39 -21.13 -8.46 -17.18
C GLN B 39 -19.94 -7.51 -17.12
N GLN B 40 -20.12 -6.30 -17.64
CA GLN B 40 -19.05 -5.30 -17.64
C GLN B 40 -18.85 -4.72 -16.24
N ALA B 41 -19.96 -4.46 -15.55
CA ALA B 41 -19.89 -3.93 -14.19
C ALA B 41 -19.16 -4.93 -13.29
N ALA B 42 -19.47 -6.21 -13.47
CA ALA B 42 -18.83 -7.26 -12.70
C ALA B 42 -17.33 -7.30 -13.02
N ASN B 43 -17.02 -7.26 -14.31
CA ASN B 43 -15.64 -7.28 -14.76
C ASN B 43 -14.87 -6.11 -14.17
N LEU B 44 -15.52 -4.96 -14.11
CA LEU B 44 -14.91 -3.76 -13.54
C LEU B 44 -14.75 -3.90 -12.04
N LEU B 45 -15.77 -4.46 -11.38
CA LEU B 45 -15.72 -4.71 -9.96
C LEU B 45 -14.57 -5.66 -9.62
N GLN B 46 -14.39 -6.68 -10.46
CA GLN B 46 -13.36 -7.68 -10.25
C GLN B 46 -11.98 -7.05 -10.39
N ASP B 47 -11.82 -6.21 -11.41
CA ASP B 47 -10.56 -5.53 -11.66
C ASP B 47 -10.20 -4.62 -10.50
N MET B 48 -11.10 -3.68 -10.19
CA MET B 48 -10.89 -2.75 -9.08
C MET B 48 -10.58 -3.51 -7.79
N GLY B 49 -11.37 -4.54 -7.52
CA GLY B 49 -11.21 -5.33 -6.31
C GLY B 49 -9.80 -5.88 -6.15
N GLN B 50 -9.28 -6.46 -7.22
CA GLN B 50 -7.95 -7.06 -7.19
C GLN B 50 -6.86 -6.00 -7.03
N ARG B 51 -7.16 -4.77 -7.46
CA ARG B 51 -6.21 -3.66 -7.33
C ARG B 51 -6.22 -3.13 -5.91
N LEU B 52 -7.43 -2.93 -5.37
CA LEU B 52 -7.60 -2.49 -4.00
C LEU B 52 -7.14 -3.58 -3.04
N ASN B 53 -6.98 -4.79 -3.57
CA ASN B 53 -6.46 -5.91 -2.80
C ASN B 53 -7.45 -6.38 -1.74
N VAL B 54 -8.71 -6.46 -2.13
CA VAL B 54 -9.75 -7.02 -1.26
C VAL B 54 -9.98 -8.49 -1.63
N SER B 55 -10.59 -9.24 -0.72
CA SER B 55 -10.85 -10.65 -0.94
C SER B 55 -11.93 -10.83 -2.01
N GLN B 56 -11.99 -12.03 -2.57
CA GLN B 56 -13.00 -12.35 -3.58
C GLN B 56 -14.39 -12.14 -2.99
N LEU B 57 -14.53 -12.43 -1.70
CA LEU B 57 -15.81 -12.28 -1.01
C LEU B 57 -16.31 -10.84 -1.09
N THR B 58 -15.39 -9.89 -0.93
CA THR B 58 -15.74 -8.48 -1.01
C THR B 58 -16.25 -8.14 -2.40
N ILE B 59 -15.52 -8.61 -3.42
CA ILE B 59 -15.93 -8.41 -4.80
C ILE B 59 -17.30 -9.03 -5.03
N ASN B 60 -17.43 -10.31 -4.70
CA ASN B 60 -18.70 -11.03 -4.83
C ASN B 60 -19.87 -10.21 -4.30
N THR B 61 -19.74 -9.74 -3.06
CA THR B 61 -20.80 -8.95 -2.44
C THR B 61 -21.13 -7.74 -3.31
N ALA B 62 -20.10 -6.99 -3.70
CA ALA B 62 -20.30 -5.80 -4.53
C ALA B 62 -21.05 -6.17 -5.81
N ILE B 63 -20.70 -7.31 -6.38
CA ILE B 63 -21.35 -7.79 -7.59
C ILE B 63 -22.84 -8.06 -7.35
N VAL B 64 -23.17 -8.66 -6.21
CA VAL B 64 -24.56 -8.90 -5.87
C VAL B 64 -25.30 -7.58 -5.63
N TYR B 65 -24.66 -6.66 -4.92
CA TYR B 65 -25.22 -5.32 -4.73
C TYR B 65 -25.58 -4.73 -6.08
N MET B 66 -24.67 -4.88 -7.05
CA MET B 66 -24.88 -4.35 -8.38
C MET B 66 -26.08 -5.03 -9.06
N HIS B 67 -26.08 -6.35 -9.13
CA HIS B 67 -27.18 -7.10 -9.75
C HIS B 67 -28.52 -6.68 -9.17
N ARG B 68 -28.58 -6.52 -7.85
CA ARG B 68 -29.82 -6.17 -7.18
C ARG B 68 -30.16 -4.71 -7.44
N PHE B 69 -29.15 -3.87 -7.48
CA PHE B 69 -29.34 -2.45 -7.71
C PHE B 69 -30.08 -2.20 -9.02
N TYR B 70 -29.79 -3.01 -10.03
CA TYR B 70 -30.33 -2.80 -11.37
C TYR B 70 -31.64 -3.55 -11.61
N MET B 71 -32.22 -4.12 -10.55
CA MET B 71 -33.60 -4.61 -10.61
C MET B 71 -34.55 -3.51 -10.16
N ILE B 72 -33.99 -2.40 -9.71
CA ILE B 72 -34.76 -1.24 -9.26
C ILE B 72 -34.47 -0.05 -10.15
N GLN B 73 -33.19 0.24 -10.33
CA GLN B 73 -32.75 1.38 -11.13
C GLN B 73 -32.40 0.93 -12.55
N SER B 74 -32.32 1.89 -13.47
CA SER B 74 -32.04 1.59 -14.87
C SER B 74 -30.59 1.94 -15.22
N PHE B 75 -30.00 1.16 -16.12
CA PHE B 75 -28.66 1.46 -16.63
C PHE B 75 -28.68 2.80 -17.36
N THR B 76 -29.86 3.19 -17.83
CA THR B 76 -30.06 4.49 -18.46
C THR B 76 -29.75 5.62 -17.50
N GLN B 77 -30.32 5.52 -16.30
CA GLN B 77 -30.22 6.59 -15.30
C GLN B 77 -28.91 6.48 -14.52
N PHE B 78 -28.38 5.26 -14.41
CA PHE B 78 -27.16 5.03 -13.65
C PHE B 78 -26.15 4.20 -14.44
N PRO B 79 -25.08 4.84 -14.93
CA PRO B 79 -24.02 4.12 -15.65
C PRO B 79 -23.36 3.06 -14.78
N GLY B 80 -22.96 1.95 -15.39
CA GLY B 80 -22.33 0.87 -14.66
C GLY B 80 -20.98 1.26 -14.11
N ASN B 81 -20.35 2.25 -14.73
CA ASN B 81 -19.01 2.68 -14.33
C ASN B 81 -19.04 3.64 -13.16
N SER B 82 -20.22 4.20 -12.89
CA SER B 82 -20.40 5.08 -11.73
C SER B 82 -20.81 4.24 -10.53
N VAL B 83 -21.68 3.26 -10.78
CA VAL B 83 -22.23 2.44 -9.70
C VAL B 83 -21.22 1.44 -9.16
N ALA B 84 -20.44 0.83 -10.04
CA ALA B 84 -19.52 -0.23 -9.63
C ALA B 84 -18.55 0.24 -8.54
N PRO B 85 -17.88 1.39 -8.75
CA PRO B 85 -16.96 1.88 -7.72
C PRO B 85 -17.68 2.11 -6.39
N ALA B 86 -18.86 2.72 -6.43
CA ALA B 86 -19.63 2.98 -5.22
C ALA B 86 -20.01 1.66 -4.53
N ALA B 87 -20.43 0.69 -5.32
CA ALA B 87 -20.83 -0.61 -4.79
C ALA B 87 -19.65 -1.29 -4.10
N LEU B 88 -18.50 -1.25 -4.75
CA LEU B 88 -17.29 -1.87 -4.20
C LEU B 88 -16.85 -1.14 -2.95
N PHE B 89 -16.96 0.18 -2.98
CA PHE B 89 -16.60 1.00 -1.83
C PHE B 89 -17.44 0.59 -0.63
N LEU B 90 -18.73 0.37 -0.86
CA LEU B 90 -19.67 0.00 0.19
C LEU B 90 -19.38 -1.43 0.68
N ALA B 91 -19.26 -2.35 -0.27
CA ALA B 91 -19.01 -3.75 0.07
C ALA B 91 -17.75 -3.87 0.93
N ALA B 92 -16.75 -3.06 0.63
CA ALA B 92 -15.48 -3.12 1.36
C ALA B 92 -15.70 -2.84 2.85
N LYS B 93 -16.56 -1.89 3.16
CA LYS B 93 -16.89 -1.55 4.54
C LYS B 93 -17.66 -2.69 5.19
N VAL B 94 -18.72 -3.14 4.50
CA VAL B 94 -19.58 -4.20 4.99
C VAL B 94 -18.77 -5.45 5.36
N GLU B 95 -17.81 -5.80 4.51
CA GLU B 95 -17.03 -7.01 4.71
C GLU B 95 -15.77 -6.76 5.53
N GLU B 96 -15.73 -5.65 6.25
CA GLU B 96 -14.64 -5.33 7.16
C GLU B 96 -13.28 -5.28 6.46
N GLN B 97 -13.27 -4.78 5.23
CA GLN B 97 -12.03 -4.54 4.50
C GLN B 97 -12.10 -3.16 3.86
N PRO B 98 -12.40 -2.15 4.67
CA PRO B 98 -12.67 -0.79 4.16
C PRO B 98 -11.48 -0.18 3.44
N LYS B 99 -11.74 0.41 2.28
CA LYS B 99 -10.71 1.10 1.51
C LYS B 99 -11.03 2.59 1.47
N LYS B 100 -10.01 3.41 1.66
CA LYS B 100 -10.19 4.86 1.68
C LYS B 100 -10.86 5.36 0.40
N LEU B 101 -11.74 6.34 0.55
CA LEU B 101 -12.50 6.89 -0.56
C LEU B 101 -11.55 7.34 -1.68
N GLU B 102 -10.47 8.02 -1.30
CA GLU B 102 -9.45 8.43 -2.27
C GLU B 102 -8.95 7.22 -3.06
N HIS B 103 -8.60 6.16 -2.34
CA HIS B 103 -8.02 4.97 -2.94
C HIS B 103 -8.90 4.42 -4.07
N VAL B 104 -10.20 4.30 -3.80
CA VAL B 104 -11.11 3.71 -4.77
C VAL B 104 -11.28 4.57 -6.03
N ILE B 105 -11.47 5.87 -5.85
CA ILE B 105 -11.66 6.78 -6.98
C ILE B 105 -10.44 6.76 -7.88
N LYS B 106 -9.26 6.65 -7.28
CA LYS B 106 -8.02 6.53 -8.03
C LYS B 106 -8.00 5.24 -8.83
N VAL B 107 -8.18 4.11 -8.13
CA VAL B 107 -8.17 2.81 -8.77
C VAL B 107 -9.23 2.71 -9.86
N ALA B 108 -10.36 3.38 -9.65
CA ALA B 108 -11.42 3.42 -10.65
C ALA B 108 -10.93 4.15 -11.89
N HIS B 109 -10.11 5.18 -11.68
CA HIS B 109 -9.54 5.93 -12.79
C HIS B 109 -8.51 5.08 -13.51
N THR B 110 -7.73 4.32 -12.74
CA THR B 110 -6.70 3.45 -13.32
C THR B 110 -7.31 2.42 -14.27
N CYS B 111 -8.55 2.02 -13.98
CA CYS B 111 -9.22 0.99 -14.78
C CYS B 111 -10.01 1.60 -15.94
N LEU B 112 -10.67 2.72 -15.69
CA LEU B 112 -11.50 3.37 -16.70
C LEU B 112 -10.68 4.27 -17.62
N HIS B 113 -9.65 4.89 -17.06
CA HIS B 113 -8.79 5.79 -17.84
C HIS B 113 -7.31 5.54 -17.55
N PRO B 114 -6.75 4.47 -18.13
CA PRO B 114 -5.31 4.19 -17.97
C PRO B 114 -4.46 5.29 -18.58
N GLN B 115 -5.10 6.24 -19.25
CA GLN B 115 -4.41 7.27 -20.00
C GLN B 115 -4.12 8.52 -19.19
N GLU B 116 -5.17 9.30 -18.93
CA GLU B 116 -5.01 10.63 -18.35
C GLU B 116 -4.26 10.60 -17.04
N SER B 117 -3.64 11.73 -16.71
CA SER B 117 -2.95 11.88 -15.43
C SER B 117 -3.97 11.82 -14.31
N LEU B 118 -3.66 11.06 -13.26
CA LEU B 118 -4.52 10.99 -12.09
C LEU B 118 -4.82 12.42 -11.62
N PRO B 119 -6.07 12.86 -11.83
CA PRO B 119 -6.46 14.26 -11.57
C PRO B 119 -5.99 14.80 -10.23
N ASP B 120 -5.90 16.12 -10.13
CA ASP B 120 -5.43 16.77 -8.90
C ASP B 120 -6.38 16.46 -7.75
N THR B 121 -5.79 16.12 -6.60
CA THR B 121 -6.59 15.75 -5.43
C THR B 121 -7.12 16.99 -4.71
N ARG B 122 -6.84 18.16 -5.26
CA ARG B 122 -7.32 19.42 -4.70
C ARG B 122 -8.21 20.16 -5.69
N SER B 123 -8.32 19.62 -6.91
CA SER B 123 -9.06 20.27 -7.99
C SER B 123 -10.57 20.14 -7.80
N GLU B 124 -11.32 20.70 -8.74
CA GLU B 124 -12.77 20.72 -8.67
C GLU B 124 -13.39 19.42 -9.20
N ALA B 125 -13.02 19.06 -10.42
CA ALA B 125 -13.58 17.86 -11.06
C ALA B 125 -13.36 16.63 -10.20
N TYR B 126 -12.34 16.65 -9.36
CA TYR B 126 -12.06 15.54 -8.45
C TYR B 126 -12.97 15.59 -7.24
N LEU B 127 -12.89 16.68 -6.48
CA LEU B 127 -13.75 16.85 -5.32
C LEU B 127 -15.20 16.55 -5.68
N GLN B 128 -15.54 16.79 -6.94
CA GLN B 128 -16.87 16.47 -7.45
C GLN B 128 -17.08 14.96 -7.50
N GLN B 129 -16.07 14.24 -7.98
CA GLN B 129 -16.13 12.78 -8.03
C GLN B 129 -16.31 12.18 -6.64
N VAL B 130 -15.65 12.78 -5.66
CA VAL B 130 -15.72 12.31 -4.29
C VAL B 130 -17.16 12.41 -3.76
N GLN B 131 -17.85 13.47 -4.17
CA GLN B 131 -19.24 13.66 -3.76
C GLN B 131 -20.18 12.75 -4.55
N ASP B 132 -19.92 12.61 -5.85
CA ASP B 132 -20.76 11.80 -6.71
C ASP B 132 -20.74 10.34 -6.23
N LEU B 133 -19.60 9.91 -5.71
CA LEU B 133 -19.45 8.54 -5.23
C LEU B 133 -20.15 8.38 -3.88
N VAL B 134 -19.91 9.31 -2.97
CA VAL B 134 -20.55 9.28 -1.67
C VAL B 134 -22.06 9.32 -1.81
N ILE B 135 -22.55 10.16 -2.71
CA ILE B 135 -23.97 10.26 -2.99
C ILE B 135 -24.50 8.93 -3.50
N LEU B 136 -23.78 8.36 -4.47
CA LEU B 136 -24.22 7.13 -5.11
C LEU B 136 -24.23 5.96 -4.12
N GLU B 137 -23.29 5.97 -3.18
CA GLU B 137 -23.26 4.96 -2.13
C GLU B 137 -24.54 5.03 -1.32
N SER B 138 -24.97 6.25 -1.02
CA SER B 138 -26.19 6.46 -0.24
C SER B 138 -27.41 5.94 -0.98
N ILE B 139 -27.46 6.18 -2.29
CA ILE B 139 -28.58 5.70 -3.11
C ILE B 139 -28.60 4.18 -3.19
N ILE B 140 -27.42 3.56 -3.28
CA ILE B 140 -27.33 2.11 -3.28
C ILE B 140 -27.92 1.55 -2.00
N LEU B 141 -27.51 2.12 -0.87
CA LEU B 141 -27.99 1.69 0.43
C LEU B 141 -29.52 1.70 0.48
N GLN B 142 -30.10 2.85 0.09
CA GLN B 142 -31.55 3.01 0.12
C GLN B 142 -32.22 2.04 -0.85
N THR B 143 -31.62 1.87 -2.02
CA THR B 143 -32.19 0.99 -3.05
C THR B 143 -32.21 -0.46 -2.55
N LEU B 144 -31.20 -0.82 -1.78
CA LEU B 144 -31.09 -2.18 -1.25
C LEU B 144 -31.82 -2.34 0.08
N GLY B 145 -32.52 -1.29 0.51
CA GLY B 145 -33.23 -1.34 1.77
C GLY B 145 -32.29 -1.70 2.91
N PHE B 146 -31.05 -1.25 2.81
CA PHE B 146 -30.04 -1.50 3.83
C PHE B 146 -29.91 -2.99 4.18
N GLU B 147 -30.22 -3.85 3.21
CA GLU B 147 -30.05 -5.28 3.38
C GLU B 147 -28.67 -5.67 2.83
N LEU B 148 -27.66 -5.60 3.69
CA LEU B 148 -26.26 -5.67 3.28
C LEU B 148 -25.65 -7.06 3.40
N THR B 149 -26.23 -7.90 4.25
CA THR B 149 -25.69 -9.23 4.50
C THR B 149 -26.01 -10.16 3.32
N ILE B 150 -24.99 -10.49 2.54
CA ILE B 150 -25.17 -11.34 1.35
C ILE B 150 -24.64 -12.76 1.57
N ASP B 151 -25.37 -13.73 1.06
CA ASP B 151 -24.97 -15.13 1.14
C ASP B 151 -24.52 -15.60 -0.23
N HIS B 152 -23.31 -16.17 -0.31
CA HIS B 152 -22.74 -16.55 -1.59
C HIS B 152 -22.64 -18.06 -1.78
N PRO B 153 -22.70 -18.51 -3.04
CA PRO B 153 -22.59 -19.94 -3.36
C PRO B 153 -21.26 -20.51 -2.89
N HIS B 154 -20.24 -19.67 -2.83
CA HIS B 154 -18.89 -20.12 -2.52
C HIS B 154 -18.83 -20.81 -1.17
N THR B 155 -19.50 -20.24 -0.18
CA THR B 155 -19.55 -20.82 1.16
C THR B 155 -20.04 -22.26 1.09
N HIS B 156 -21.13 -22.45 0.35
CA HIS B 156 -21.76 -23.76 0.25
C HIS B 156 -20.93 -24.71 -0.61
N VAL B 157 -20.33 -24.17 -1.66
CA VAL B 157 -19.46 -24.96 -2.53
C VAL B 157 -18.32 -25.58 -1.73
N VAL B 158 -17.65 -24.75 -0.94
CA VAL B 158 -16.52 -25.23 -0.14
C VAL B 158 -16.96 -26.30 0.85
N LYS B 159 -17.99 -26.00 1.65
CA LYS B 159 -18.49 -26.95 2.64
C LYS B 159 -18.82 -28.28 2.00
N CYS B 160 -19.26 -28.24 0.75
CA CYS B 160 -19.69 -29.45 0.05
C CYS B 160 -18.51 -30.25 -0.49
N THR B 161 -17.60 -29.57 -1.20
CA THR B 161 -16.40 -30.23 -1.73
C THR B 161 -15.56 -30.82 -0.59
N GLN B 162 -15.63 -30.20 0.58
CA GLN B 162 -15.00 -30.74 1.77
C GLN B 162 -15.63 -32.08 2.12
N LEU B 163 -16.97 -32.10 2.10
CA LEU B 163 -17.73 -33.27 2.51
C LEU B 163 -17.49 -34.46 1.58
N VAL B 164 -17.46 -34.21 0.28
CA VAL B 164 -17.32 -35.28 -0.70
C VAL B 164 -15.86 -35.57 -1.05
N ARG B 165 -14.95 -35.04 -0.26
CA ARG B 165 -13.52 -35.35 -0.42
C ARG B 165 -13.06 -35.12 -1.86
N ALA B 166 -13.32 -33.91 -2.37
CA ALA B 166 -12.88 -33.55 -3.71
C ALA B 166 -11.40 -33.19 -3.69
N SER B 167 -10.74 -33.37 -4.83
CA SER B 167 -9.34 -32.96 -4.97
C SER B 167 -9.26 -31.46 -5.18
N LYS B 168 -8.10 -30.87 -4.89
CA LYS B 168 -7.90 -29.45 -5.15
C LYS B 168 -8.38 -29.18 -6.56
N ASP B 169 -7.95 -30.05 -7.47
CA ASP B 169 -8.37 -30.03 -8.86
C ASP B 169 -9.85 -29.67 -8.99
N LEU B 170 -10.70 -30.49 -8.41
CA LEU B 170 -12.14 -30.33 -8.54
C LEU B 170 -12.68 -29.21 -7.66
N ALA B 171 -12.14 -29.08 -6.45
CA ALA B 171 -12.61 -28.08 -5.50
C ALA B 171 -12.39 -26.68 -6.04
N GLN B 172 -11.19 -26.44 -6.56
CA GLN B 172 -10.81 -25.14 -7.07
C GLN B 172 -11.63 -24.78 -8.32
N THR B 173 -11.98 -25.79 -9.10
CA THR B 173 -12.77 -25.58 -10.31
C THR B 173 -14.19 -25.20 -9.98
N SER B 174 -14.77 -25.87 -8.97
CA SER B 174 -16.12 -25.54 -8.52
C SER B 174 -16.16 -24.10 -8.00
N TYR B 175 -15.19 -23.76 -7.16
CA TYR B 175 -15.06 -22.41 -6.63
C TYR B 175 -14.97 -21.43 -7.79
N PHE B 176 -14.15 -21.77 -8.78
CA PHE B 176 -13.96 -20.95 -9.96
C PHE B 176 -15.28 -20.71 -10.68
N MET B 177 -16.05 -21.79 -10.88
CA MET B 177 -17.34 -21.67 -11.55
C MET B 177 -18.26 -20.75 -10.78
N ALA B 178 -18.20 -20.82 -9.45
CA ALA B 178 -19.02 -19.98 -8.61
C ALA B 178 -18.79 -18.51 -8.92
N THR B 179 -17.52 -18.11 -8.94
CA THR B 179 -17.18 -16.72 -9.24
C THR B 179 -17.71 -16.35 -10.63
N ASN B 180 -17.53 -17.26 -11.58
CA ASN B 180 -18.01 -17.04 -12.95
C ASN B 180 -19.52 -16.82 -13.02
N SER B 181 -20.27 -17.50 -12.15
CA SER B 181 -21.73 -17.40 -12.18
C SER B 181 -22.16 -15.99 -11.78
N LEU B 182 -21.38 -15.37 -10.89
CA LEU B 182 -21.68 -14.01 -10.45
C LEU B 182 -21.31 -13.00 -11.54
N HIS B 183 -20.35 -13.37 -12.37
CA HIS B 183 -19.87 -12.50 -13.43
C HIS B 183 -20.77 -12.49 -14.66
N LEU B 184 -21.09 -13.68 -15.17
CA LEU B 184 -21.69 -13.82 -16.49
C LEU B 184 -23.20 -14.11 -16.48
N THR B 185 -23.74 -14.47 -15.32
CA THR B 185 -25.16 -14.79 -15.23
C THR B 185 -25.84 -13.96 -14.15
N THR B 186 -27.16 -14.08 -14.08
CA THR B 186 -27.94 -13.43 -13.03
C THR B 186 -28.54 -14.46 -12.09
N PHE B 187 -27.82 -15.55 -11.88
CA PHE B 187 -28.28 -16.61 -11.00
C PHE B 187 -28.49 -16.08 -9.59
N SER B 188 -27.69 -15.10 -9.20
CA SER B 188 -27.81 -14.51 -7.87
C SER B 188 -29.17 -13.85 -7.69
N LEU B 189 -29.87 -13.63 -8.80
CA LEU B 189 -31.20 -13.01 -8.77
C LEU B 189 -32.30 -14.03 -9.00
N GLN B 190 -31.93 -15.28 -9.28
CA GLN B 190 -32.89 -16.31 -9.65
C GLN B 190 -32.92 -17.49 -8.69
N TYR B 191 -31.74 -17.94 -8.26
CA TYR B 191 -31.64 -19.16 -7.47
C TYR B 191 -30.86 -18.92 -6.19
N THR B 192 -31.26 -19.60 -5.11
CA THR B 192 -30.61 -19.41 -3.82
C THR B 192 -29.17 -19.92 -3.88
N PRO B 193 -28.29 -19.30 -3.08
CA PRO B 193 -26.85 -19.62 -3.13
C PRO B 193 -26.55 -21.12 -3.04
N PRO B 194 -27.24 -21.85 -2.15
CA PRO B 194 -27.00 -23.30 -2.07
C PRO B 194 -27.29 -23.99 -3.42
N VAL B 195 -28.38 -23.61 -4.07
CA VAL B 195 -28.70 -24.20 -5.37
C VAL B 195 -27.65 -23.86 -6.41
N VAL B 196 -27.23 -22.59 -6.45
CA VAL B 196 -26.21 -22.15 -7.40
C VAL B 196 -24.90 -22.89 -7.14
N ALA B 197 -24.61 -23.16 -5.86
CA ALA B 197 -23.42 -23.91 -5.50
C ALA B 197 -23.45 -25.30 -6.12
N CYS B 198 -24.61 -25.95 -6.05
CA CYS B 198 -24.77 -27.28 -6.63
C CYS B 198 -24.56 -27.25 -8.14
N VAL B 199 -25.11 -26.22 -8.79
CA VAL B 199 -24.95 -26.07 -10.22
C VAL B 199 -23.47 -25.95 -10.58
N CYS B 200 -22.74 -25.17 -9.79
CA CYS B 200 -21.31 -24.94 -10.04
C CYS B 200 -20.50 -26.23 -9.86
N ILE B 201 -20.85 -27.01 -8.84
CA ILE B 201 -20.17 -28.26 -8.60
C ILE B 201 -20.49 -29.26 -9.70
N HIS B 202 -21.77 -29.42 -9.99
CA HIS B 202 -22.21 -30.35 -11.03
C HIS B 202 -21.56 -30.02 -12.36
N LEU B 203 -21.40 -28.73 -12.62
CA LEU B 203 -20.78 -28.26 -13.85
C LEU B 203 -19.29 -28.59 -13.86
N ALA B 204 -18.59 -28.20 -12.79
CA ALA B 204 -17.17 -28.48 -12.68
C ALA B 204 -16.90 -29.98 -12.83
N CYS B 205 -17.83 -30.79 -12.35
CA CYS B 205 -17.68 -32.25 -12.43
C CYS B 205 -17.74 -32.72 -13.88
N LYS B 206 -18.76 -32.26 -14.60
CA LYS B 206 -18.93 -32.64 -16.00
C LYS B 206 -17.72 -32.21 -16.83
N TRP B 207 -17.31 -30.96 -16.65
CA TRP B 207 -16.16 -30.42 -17.36
C TRP B 207 -14.90 -31.20 -17.02
N SER B 208 -14.73 -31.50 -15.74
CA SER B 208 -13.50 -32.10 -15.24
C SER B 208 -13.53 -33.62 -15.34
N ASN B 209 -14.69 -34.17 -15.69
CA ASN B 209 -14.85 -35.62 -15.83
C ASN B 209 -14.79 -36.38 -14.50
N TRP B 210 -14.94 -35.67 -13.38
CA TRP B 210 -15.06 -36.34 -12.09
C TRP B 210 -16.52 -36.70 -11.86
N GLU B 211 -16.76 -37.79 -11.15
CA GLU B 211 -18.11 -38.15 -10.75
C GLU B 211 -18.18 -38.44 -9.25
N ILE B 212 -19.08 -37.75 -8.57
CA ILE B 212 -19.27 -37.94 -7.13
C ILE B 212 -20.23 -39.09 -6.89
N PRO B 213 -19.78 -40.12 -6.14
CA PRO B 213 -20.63 -41.27 -5.83
C PRO B 213 -21.84 -40.88 -5.00
N VAL B 214 -22.73 -41.83 -4.77
CA VAL B 214 -23.79 -41.64 -3.80
C VAL B 214 -23.20 -41.95 -2.42
N SER B 215 -23.56 -41.15 -1.42
CA SER B 215 -23.01 -41.33 -0.08
C SER B 215 -23.27 -42.73 0.43
N THR B 216 -22.66 -43.08 1.56
CA THR B 216 -22.88 -44.40 2.15
C THR B 216 -24.25 -44.47 2.83
N ASP B 217 -25.02 -43.40 2.75
CA ASP B 217 -26.40 -43.41 3.23
C ASP B 217 -27.41 -43.26 2.08
N GLY B 218 -26.98 -43.58 0.87
CA GLY B 218 -27.90 -43.59 -0.26
C GLY B 218 -28.55 -42.26 -0.52
N LYS B 219 -27.76 -41.20 -0.41
CA LYS B 219 -28.24 -39.86 -0.72
C LYS B 219 -27.21 -39.15 -1.61
N HIS B 220 -27.69 -38.57 -2.71
CA HIS B 220 -26.81 -37.88 -3.64
C HIS B 220 -26.19 -36.66 -2.97
N TRP B 221 -25.01 -36.26 -3.44
CA TRP B 221 -24.24 -35.23 -2.78
C TRP B 221 -25.00 -33.91 -2.63
N TRP B 222 -25.81 -33.56 -3.62
CA TRP B 222 -26.53 -32.30 -3.57
C TRP B 222 -27.55 -32.27 -2.44
N GLU B 223 -28.00 -33.44 -2.01
CA GLU B 223 -28.99 -33.52 -0.94
C GLU B 223 -28.40 -33.03 0.39
N TYR B 224 -27.08 -32.94 0.45
CA TYR B 224 -26.40 -32.43 1.65
C TYR B 224 -26.15 -30.93 1.53
N VAL B 225 -26.65 -30.33 0.46
CA VAL B 225 -26.48 -28.90 0.23
C VAL B 225 -27.83 -28.19 0.20
N ASP B 226 -28.83 -28.82 -0.42
CA ASP B 226 -30.15 -28.22 -0.54
C ASP B 226 -31.19 -29.31 -0.82
N ALA B 227 -32.28 -29.30 -0.07
CA ALA B 227 -33.27 -30.37 -0.14
C ALA B 227 -34.24 -30.23 -1.32
N THR B 228 -34.11 -29.15 -2.08
CA THR B 228 -34.99 -28.91 -3.22
C THR B 228 -34.34 -29.38 -4.52
N VAL B 229 -33.02 -29.48 -4.52
CA VAL B 229 -32.27 -29.83 -5.73
C VAL B 229 -32.53 -31.26 -6.19
N THR B 230 -32.77 -31.41 -7.48
CA THR B 230 -32.88 -32.72 -8.12
C THR B 230 -31.91 -32.73 -9.30
N LEU B 231 -31.79 -33.87 -9.96
CA LEU B 231 -30.84 -33.97 -11.07
C LEU B 231 -31.37 -33.26 -12.32
N GLU B 232 -32.68 -33.17 -12.46
CA GLU B 232 -33.29 -32.41 -13.56
C GLU B 232 -32.83 -30.97 -13.43
N LEU B 233 -33.03 -30.42 -12.24
CA LEU B 233 -32.69 -29.03 -11.97
C LEU B 233 -31.21 -28.78 -12.27
N LEU B 234 -30.35 -29.71 -11.87
CA LEU B 234 -28.93 -29.56 -12.12
C LEU B 234 -28.64 -29.56 -13.63
N ASP B 235 -29.32 -30.43 -14.37
CA ASP B 235 -29.16 -30.46 -15.82
C ASP B 235 -29.80 -29.23 -16.45
N GLU B 236 -30.94 -28.84 -15.91
CA GLU B 236 -31.71 -27.73 -16.46
C GLU B 236 -30.99 -26.40 -16.26
N LEU B 237 -30.38 -26.24 -15.09
CA LEU B 237 -29.69 -25.01 -14.75
C LEU B 237 -28.30 -24.97 -15.36
N THR B 238 -27.66 -26.13 -15.48
CA THR B 238 -26.37 -26.22 -16.16
C THR B 238 -26.57 -25.84 -17.62
N HIS B 239 -27.68 -26.32 -18.20
CA HIS B 239 -28.02 -25.97 -19.56
C HIS B 239 -28.16 -24.45 -19.69
N GLU B 240 -29.01 -23.87 -18.84
CA GLU B 240 -29.23 -22.43 -18.84
C GLU B 240 -27.90 -21.68 -18.71
N PHE B 241 -27.03 -22.18 -17.84
CA PHE B 241 -25.72 -21.59 -17.64
C PHE B 241 -24.96 -21.55 -18.97
N LEU B 242 -24.74 -22.73 -19.54
CA LEU B 242 -24.03 -22.83 -20.82
C LEU B 242 -24.67 -21.96 -21.89
N GLN B 243 -25.99 -21.86 -21.85
CA GLN B 243 -26.72 -21.04 -22.81
C GLN B 243 -26.34 -19.57 -22.65
N ILE B 244 -26.30 -19.11 -21.40
CA ILE B 244 -25.93 -17.73 -21.11
C ILE B 244 -24.50 -17.45 -21.57
N LEU B 245 -23.63 -18.44 -21.42
CA LEU B 245 -22.24 -18.31 -21.87
C LEU B 245 -22.16 -18.16 -23.38
N GLU B 246 -22.94 -18.98 -24.10
CA GLU B 246 -22.93 -18.96 -25.55
C GLU B 246 -23.23 -17.57 -26.10
N LYS B 247 -24.08 -16.82 -25.39
CA LYS B 247 -24.51 -15.51 -25.85
C LYS B 247 -23.48 -14.41 -25.56
N THR B 248 -22.55 -14.68 -24.66
CA THR B 248 -21.56 -13.66 -24.29
C THR B 248 -20.57 -13.47 -25.42
N PRO B 249 -20.23 -12.20 -25.74
CA PRO B 249 -19.40 -11.86 -26.90
C PRO B 249 -18.05 -12.58 -26.92
N ASN B 250 -17.08 -12.07 -26.17
CA ASN B 250 -15.77 -12.69 -26.11
C ASN B 250 -15.62 -13.47 -24.81
N ARG B 251 -15.56 -14.80 -24.92
CA ARG B 251 -15.40 -15.65 -23.76
C ARG B 251 -13.93 -15.72 -23.32
N LEU B 252 -13.18 -14.68 -23.68
CA LEU B 252 -11.91 -14.39 -23.04
C LEU B 252 -12.20 -13.77 -21.68
N LYS B 253 -13.46 -13.46 -21.44
CA LYS B 253 -13.88 -12.91 -20.15
C LYS B 253 -13.96 -14.01 -19.11
N ARG B 254 -14.30 -15.22 -19.55
CA ARG B 254 -14.38 -16.37 -18.65
C ARG B 254 -13.00 -16.71 -18.12
N ILE B 255 -12.17 -17.27 -18.99
CA ILE B 255 -10.85 -17.74 -18.60
C ILE B 255 -9.89 -16.60 -18.25
N TRP B 256 -10.24 -15.37 -18.62
CA TRP B 256 -9.40 -14.22 -18.32
C TRP B 256 -10.11 -13.20 -17.44
N ASN B 257 -9.80 -13.23 -16.14
CA ASN B 257 -10.39 -12.30 -15.17
C ASN B 257 -11.87 -12.60 -14.94
N VAL C 10 17.17 14.56 32.44
CA VAL C 10 16.68 15.04 31.14
C VAL C 10 16.55 16.55 31.16
N GLU C 11 17.56 17.25 30.63
CA GLU C 11 17.60 18.70 30.69
C GLU C 11 16.46 19.32 29.88
N CYS C 12 15.79 20.30 30.47
CA CYS C 12 14.68 20.98 29.81
C CYS C 12 14.55 22.40 30.36
N PRO C 13 15.50 23.28 30.00
CA PRO C 13 15.59 24.64 30.52
C PRO C 13 14.50 25.59 30.02
N PHE C 14 13.97 25.35 28.83
CA PHE C 14 13.09 26.33 28.19
C PHE C 14 11.62 25.95 28.23
N CYS C 15 11.29 24.91 28.98
CA CYS C 15 9.89 24.55 29.20
C CYS C 15 9.66 24.26 30.68
N ASP C 16 9.06 25.22 31.38
CA ASP C 16 8.88 25.10 32.82
C ASP C 16 7.70 24.21 33.17
N GLU C 17 7.77 23.60 34.35
CA GLU C 17 6.67 22.79 34.84
C GLU C 17 5.54 23.72 35.29
N VAL C 18 4.31 23.36 34.94
CA VAL C 18 3.16 24.21 35.23
C VAL C 18 2.94 24.37 36.75
N SER C 19 3.66 23.57 37.55
CA SER C 19 3.57 23.66 39.00
C SER C 19 3.79 25.07 39.50
N LYS C 20 4.58 25.85 38.75
CA LYS C 20 4.91 27.22 39.15
C LYS C 20 3.66 28.06 39.30
N TYR C 21 2.56 27.62 38.69
CA TYR C 21 1.28 28.30 38.86
C TYR C 21 0.38 27.50 39.79
N GLU C 22 -0.44 28.21 40.58
CA GLU C 22 -1.45 27.56 41.41
C GLU C 22 -2.81 27.68 40.73
N LYS C 23 -3.43 26.55 40.44
CA LYS C 23 -4.75 26.55 39.84
C LYS C 23 -5.81 27.02 40.83
N LEU C 24 -6.71 27.88 40.37
CA LEU C 24 -7.71 28.49 41.24
C LEU C 24 -9.13 28.10 40.86
N ALA C 25 -9.37 27.83 39.59
CA ALA C 25 -10.71 27.52 39.12
C ALA C 25 -10.72 27.05 37.68
N LYS C 26 -11.79 26.34 37.31
CA LYS C 26 -12.02 25.98 35.92
C LYS C 26 -12.70 27.17 35.25
N ILE C 27 -12.49 27.32 33.94
CA ILE C 27 -13.16 28.40 33.20
C ILE C 27 -13.75 27.89 31.89
N GLY C 28 -14.91 28.44 31.52
CA GLY C 28 -15.56 28.09 30.28
C GLY C 28 -16.40 26.83 30.39
N GLY C 33 -10.96 19.12 32.28
CA GLY C 33 -9.56 19.42 32.07
C GLY C 33 -9.31 20.21 30.79
N GLU C 34 -9.75 21.46 30.79
CA GLU C 34 -9.58 22.32 29.63
C GLU C 34 -8.83 23.59 30.00
N VAL C 35 -9.55 24.57 30.52
CA VAL C 35 -8.93 25.86 30.85
C VAL C 35 -9.07 26.16 32.34
N PHE C 36 -7.98 26.60 32.96
CA PHE C 36 -7.98 26.95 34.38
C PHE C 36 -7.53 28.40 34.57
N LYS C 37 -8.10 29.05 35.58
CA LYS C 37 -7.58 30.32 36.06
C LYS C 37 -6.52 30.00 37.11
N ALA C 38 -5.36 30.64 37.02
CA ALA C 38 -4.28 30.34 37.95
C ALA C 38 -3.46 31.59 38.27
N ARG C 39 -2.52 31.46 39.20
CA ARG C 39 -1.65 32.58 39.58
C ARG C 39 -0.23 32.09 39.82
N HIS C 40 0.75 32.91 39.42
CA HIS C 40 2.14 32.58 39.68
C HIS C 40 2.33 32.56 41.19
N ARG C 41 2.92 31.48 41.70
CA ARG C 41 3.07 31.29 43.13
C ARG C 41 3.95 32.38 43.79
N LYS C 42 4.81 33.00 42.99
CA LYS C 42 5.77 33.96 43.52
C LYS C 42 5.44 35.42 43.19
N THR C 43 4.73 35.64 42.08
CA THR C 43 4.45 37.00 41.63
C THR C 43 2.96 37.34 41.71
N GLY C 44 2.12 36.31 41.79
CA GLY C 44 0.69 36.51 41.89
C GLY C 44 0.05 36.83 40.56
N GLN C 45 0.84 36.75 39.49
CA GLN C 45 0.35 37.06 38.15
C GLN C 45 -0.80 36.14 37.77
N LYS C 46 -1.97 36.72 37.51
CA LYS C 46 -3.12 35.96 37.06
C LYS C 46 -2.92 35.50 35.62
N VAL C 47 -3.11 34.20 35.39
CA VAL C 47 -2.98 33.65 34.05
C VAL C 47 -4.12 32.68 33.78
N ALA C 48 -4.22 32.24 32.54
CA ALA C 48 -5.19 31.22 32.15
C ALA C 48 -4.45 30.07 31.50
N LEU C 49 -4.58 28.88 32.08
CA LEU C 49 -3.93 27.69 31.55
C LEU C 49 -4.88 26.96 30.62
N LYS C 50 -4.49 26.81 29.35
CA LYS C 50 -5.28 26.02 28.42
C LYS C 50 -4.55 24.71 28.10
N LYS C 51 -5.07 23.61 28.61
CA LYS C 51 -4.46 22.30 28.40
C LYS C 51 -4.64 21.88 26.94
N VAL C 52 -3.55 21.48 26.30
CA VAL C 52 -3.63 21.04 24.91
C VAL C 52 -4.33 19.70 24.85
N LEU C 53 -5.46 19.68 24.15
CA LEU C 53 -6.30 18.50 24.06
C LEU C 53 -5.68 17.45 23.16
N MET C 54 -5.57 16.22 23.66
CA MET C 54 -5.04 15.12 22.89
C MET C 54 -5.94 13.89 22.97
N GLU C 55 -7.18 14.04 22.48
CA GLU C 55 -8.06 12.92 22.26
C GLU C 55 -7.72 12.35 20.88
N ASN C 56 -7.36 13.26 19.98
CA ASN C 56 -6.88 12.87 18.65
C ASN C 56 -5.36 12.73 18.68
N GLU C 57 -4.90 11.68 19.34
CA GLU C 57 -3.47 11.40 19.47
C GLU C 57 -2.97 10.64 18.25
N LYS C 58 -3.84 10.46 17.27
CA LYS C 58 -3.52 9.66 16.10
C LYS C 58 -2.17 10.05 15.49
N GLU C 59 -2.05 11.31 15.08
CA GLU C 59 -0.87 11.77 14.35
C GLU C 59 0.04 12.66 15.21
N GLY C 60 0.54 12.10 16.31
CA GLY C 60 1.47 12.82 17.17
C GLY C 60 0.92 14.11 17.73
N PHE C 61 1.81 14.95 18.26
CA PHE C 61 1.41 16.23 18.85
C PHE C 61 0.51 16.98 17.88
N PRO C 62 -0.62 17.49 18.36
CA PRO C 62 -1.62 18.08 17.46
C PRO C 62 -1.02 19.15 16.56
N ILE C 63 -0.97 18.88 15.26
CA ILE C 63 -0.53 19.88 14.30
C ILE C 63 -1.38 21.14 14.44
N THR C 64 -2.67 20.94 14.71
CA THR C 64 -3.59 22.06 14.89
C THR C 64 -3.20 22.90 16.11
N ALA C 65 -2.51 22.30 17.07
CA ALA C 65 -2.01 23.04 18.23
C ALA C 65 -0.72 23.76 17.90
N LEU C 66 0.15 23.12 17.11
CA LEU C 66 1.37 23.74 16.64
C LEU C 66 1.04 25.02 15.89
N ARG C 67 -0.01 24.94 15.05
CA ARG C 67 -0.52 26.10 14.33
C ARG C 67 -0.84 27.23 15.29
N GLU C 68 -1.71 26.94 16.25
CA GLU C 68 -2.16 27.93 17.21
C GLU C 68 -0.98 28.60 17.92
N ILE C 69 0.00 27.80 18.33
CA ILE C 69 1.17 28.31 19.06
C ILE C 69 2.05 29.19 18.17
N LYS C 70 2.35 28.70 16.96
CA LYS C 70 3.16 29.47 16.01
C LYS C 70 2.56 30.87 15.84
N ILE C 71 1.25 30.92 15.67
CA ILE C 71 0.56 32.18 15.42
C ILE C 71 0.51 33.06 16.67
N LEU C 72 0.19 32.46 17.81
CA LEU C 72 0.12 33.20 19.06
C LEU C 72 1.48 33.84 19.37
N GLN C 73 2.55 33.17 18.97
CA GLN C 73 3.90 33.67 19.22
C GLN C 73 4.25 34.81 18.27
N LEU C 74 3.60 34.82 17.12
CA LEU C 74 3.81 35.87 16.13
C LEU C 74 3.04 37.13 16.48
N LEU C 75 1.77 36.96 16.85
CA LEU C 75 0.87 38.09 17.09
C LEU C 75 1.06 38.70 18.48
N LYS C 76 1.73 39.85 18.52
CA LYS C 76 1.96 40.54 19.78
C LYS C 76 1.45 41.99 19.69
N HIS C 77 0.21 42.20 20.13
CA HIS C 77 -0.46 43.48 19.98
C HIS C 77 -1.43 43.69 21.14
N GLU C 78 -1.68 44.94 21.49
CA GLU C 78 -2.47 45.28 22.67
C GLU C 78 -3.85 44.65 22.68
N ASN C 79 -4.45 44.51 21.50
CA ASN C 79 -5.80 43.94 21.38
C ASN C 79 -5.80 42.50 20.86
N VAL C 80 -4.72 41.78 21.13
CA VAL C 80 -4.67 40.35 20.83
C VAL C 80 -4.18 39.61 22.06
N VAL C 81 -4.87 38.51 22.39
CA VAL C 81 -4.54 37.74 23.60
C VAL C 81 -3.07 37.40 23.62
N ASN C 82 -2.47 37.47 24.81
CA ASN C 82 -1.03 37.28 24.94
C ASN C 82 -0.65 35.90 25.46
N LEU C 83 0.09 35.15 24.65
CA LEU C 83 0.62 33.86 25.08
C LEU C 83 1.92 34.10 25.84
N ILE C 84 1.87 33.92 27.15
CA ILE C 84 3.04 34.10 28.00
C ILE C 84 4.11 33.05 27.71
N GLU C 85 3.72 31.77 27.77
CA GLU C 85 4.66 30.68 27.57
C GLU C 85 3.92 29.36 27.39
N ILE C 86 4.70 28.28 27.33
CA ILE C 86 4.13 26.94 27.20
C ILE C 86 4.75 26.04 28.25
N CYS C 87 3.91 25.51 29.13
CA CYS C 87 4.39 24.70 30.25
C CYS C 87 4.05 23.22 30.06
N ARG C 88 4.79 22.38 30.78
CA ARG C 88 4.62 20.94 30.71
C ARG C 88 4.28 20.39 32.09
N THR C 89 3.91 19.11 32.13
CA THR C 89 3.86 18.36 33.38
C THR C 89 4.94 17.29 33.31
N LYS C 90 5.30 16.74 34.47
CA LYS C 90 6.36 15.73 34.53
C LYS C 90 5.77 14.34 34.60
N GLY C 99 2.28 12.54 30.08
CA GLY C 99 2.64 13.94 30.08
C GLY C 99 1.55 14.82 29.49
N SER C 100 1.54 16.10 29.89
CA SER C 100 0.57 17.05 29.37
C SER C 100 1.25 18.37 29.03
N ILE C 101 0.55 19.22 28.30
CA ILE C 101 1.08 20.51 27.88
C ILE C 101 0.04 21.60 28.03
N TYR C 102 0.44 22.75 28.58
CA TYR C 102 -0.49 23.87 28.76
C TYR C 102 -0.01 25.13 28.05
N LEU C 103 -0.93 25.83 27.41
CA LEU C 103 -0.68 27.17 26.90
C LEU C 103 -1.04 28.17 27.99
N VAL C 104 -0.10 29.03 28.35
CA VAL C 104 -0.32 30.01 29.41
C VAL C 104 -0.59 31.41 28.86
N PHE C 105 -1.75 31.97 29.18
CA PHE C 105 -2.15 33.29 28.70
C PHE C 105 -2.24 34.30 29.84
N ASP C 106 -2.12 35.59 29.50
CA ASP C 106 -2.43 36.65 30.44
C ASP C 106 -3.93 36.63 30.69
N PHE C 107 -4.32 36.56 31.96
CA PHE C 107 -5.73 36.40 32.31
C PHE C 107 -6.60 37.58 31.86
N CYS C 108 -7.82 37.27 31.45
CA CYS C 108 -8.81 38.28 31.08
C CYS C 108 -10.12 38.00 31.82
N GLU C 109 -10.54 38.97 32.62
CA GLU C 109 -11.70 38.78 33.49
C GLU C 109 -12.98 38.46 32.71
N HIS C 110 -13.27 39.24 31.68
CA HIS C 110 -14.56 39.14 30.99
C HIS C 110 -14.42 38.68 29.55
N ASP C 111 -15.56 38.33 28.96
CA ASP C 111 -15.66 38.07 27.53
C ASP C 111 -16.97 38.66 27.02
N LEU C 112 -16.96 39.12 25.78
CA LEU C 112 -18.08 39.88 25.23
C LEU C 112 -19.39 39.10 25.31
N ALA C 113 -19.33 37.80 25.02
CA ALA C 113 -20.51 36.96 25.09
C ALA C 113 -21.12 36.99 26.49
N GLY C 114 -20.29 36.71 27.49
CA GLY C 114 -20.75 36.70 28.88
C GLY C 114 -21.31 38.04 29.31
N LEU C 115 -20.71 39.13 28.81
CA LEU C 115 -21.15 40.47 29.17
C LEU C 115 -22.54 40.76 28.61
N LEU C 116 -22.73 40.46 27.33
CA LEU C 116 -24.00 40.70 26.66
C LEU C 116 -25.09 39.76 27.18
N SER C 117 -24.67 38.67 27.83
CA SER C 117 -25.62 37.73 28.43
C SER C 117 -26.05 38.24 29.80
N ASN C 118 -25.19 39.04 30.42
CA ASN C 118 -25.49 39.62 31.72
C ASN C 118 -26.42 40.82 31.57
N VAL C 119 -27.62 40.71 32.14
CA VAL C 119 -28.64 41.72 31.95
C VAL C 119 -28.31 42.99 32.74
N LEU C 120 -27.43 42.84 33.74
CA LEU C 120 -27.05 43.96 34.60
C LEU C 120 -26.02 44.85 33.93
N VAL C 121 -25.35 44.33 32.90
CA VAL C 121 -24.35 45.10 32.19
C VAL C 121 -25.00 46.08 31.22
N LYS C 122 -24.53 47.34 31.25
CA LYS C 122 -25.08 48.38 30.39
C LYS C 122 -23.99 49.03 29.56
N PHE C 123 -24.15 49.03 28.24
CA PHE C 123 -23.20 49.66 27.34
C PHE C 123 -23.75 50.98 26.81
N THR C 124 -23.00 52.06 26.99
CA THR C 124 -23.37 53.34 26.42
C THR C 124 -22.89 53.38 24.97
N LEU C 125 -23.52 54.22 24.16
CA LEU C 125 -23.13 54.34 22.75
C LEU C 125 -21.65 54.61 22.63
N SER C 126 -21.14 55.44 23.53
CA SER C 126 -19.72 55.80 23.53
C SER C 126 -18.84 54.60 23.83
N GLU C 127 -19.31 53.71 24.71
CA GLU C 127 -18.52 52.56 25.11
C GLU C 127 -18.56 51.45 24.06
N ILE C 128 -19.67 51.35 23.33
CA ILE C 128 -19.77 50.39 22.24
C ILE C 128 -18.81 50.79 21.13
N LYS C 129 -18.68 52.10 20.91
CA LYS C 129 -17.71 52.61 19.95
C LYS C 129 -16.32 52.14 20.33
N ARG C 130 -15.98 52.27 21.61
CA ARG C 130 -14.66 51.92 22.09
C ARG C 130 -14.39 50.44 21.89
N VAL C 131 -15.40 49.61 22.17
CA VAL C 131 -15.28 48.17 21.99
C VAL C 131 -14.97 47.84 20.53
N MET C 132 -15.86 48.26 19.63
CA MET C 132 -15.68 48.02 18.21
C MET C 132 -14.34 48.55 17.71
N GLN C 133 -13.92 49.69 18.24
CA GLN C 133 -12.66 50.30 17.82
C GLN C 133 -11.47 49.41 18.15
N MET C 134 -11.45 48.86 19.36
CA MET C 134 -10.37 47.97 19.76
C MET C 134 -10.41 46.68 18.94
N LEU C 135 -11.61 46.13 18.76
CA LEU C 135 -11.80 44.92 17.99
C LEU C 135 -11.25 45.08 16.58
N LEU C 136 -11.58 46.19 15.94
CA LEU C 136 -11.16 46.45 14.57
C LEU C 136 -9.67 46.75 14.49
N ASN C 137 -9.14 47.43 15.50
CA ASN C 137 -7.71 47.70 15.55
C ASN C 137 -6.95 46.38 15.70
N GLY C 138 -7.56 45.43 16.41
CA GLY C 138 -6.98 44.11 16.57
C GLY C 138 -6.97 43.33 15.27
N LEU C 139 -8.09 43.34 14.55
CA LEU C 139 -8.18 42.68 13.26
C LEU C 139 -7.20 43.28 12.26
N TYR C 140 -7.09 44.60 12.27
CA TYR C 140 -6.14 45.29 11.38
C TYR C 140 -4.75 44.71 11.57
N TYR C 141 -4.38 44.45 12.82
CA TYR C 141 -3.04 43.97 13.15
C TYR C 141 -2.81 42.56 12.62
N ILE C 142 -3.74 41.65 12.90
CA ILE C 142 -3.54 40.25 12.51
C ILE C 142 -3.53 40.12 10.99
N HIS C 143 -4.45 40.80 10.31
CA HIS C 143 -4.50 40.74 8.85
C HIS C 143 -3.23 41.35 8.26
N ARG C 144 -2.71 42.38 8.92
CA ARG C 144 -1.47 43.01 8.52
C ARG C 144 -0.34 41.98 8.58
N ASN C 145 -0.42 41.08 9.54
CA ASN C 145 0.56 40.01 9.68
C ASN C 145 0.11 38.73 9.00
N LYS C 146 -0.75 38.89 7.99
CA LYS C 146 -1.14 37.78 7.12
C LYS C 146 -1.67 36.58 7.91
N ILE C 147 -2.66 36.83 8.77
CA ILE C 147 -3.30 35.79 9.56
C ILE C 147 -4.82 35.95 9.49
N LEU C 148 -5.54 34.84 9.40
CA LEU C 148 -6.99 34.86 9.45
C LEU C 148 -7.45 34.21 10.74
N HIS C 149 -8.33 34.89 11.48
CA HIS C 149 -8.84 34.35 12.73
C HIS C 149 -9.71 33.13 12.46
N ARG C 150 -10.66 33.29 11.55
CA ARG C 150 -11.50 32.19 11.08
C ARG C 150 -12.41 31.58 12.16
N ASP C 151 -12.54 32.28 13.30
CA ASP C 151 -13.51 31.89 14.31
C ASP C 151 -13.97 33.07 15.16
N MET C 152 -14.48 34.12 14.50
CA MET C 152 -14.97 35.31 15.19
C MET C 152 -16.31 35.04 15.87
N LYS C 153 -16.44 35.53 17.09
CA LYS C 153 -17.71 35.47 17.83
C LYS C 153 -17.52 36.12 19.20
N ALA C 154 -18.63 36.58 19.79
CA ALA C 154 -18.56 37.29 21.06
C ALA C 154 -17.74 36.50 22.09
N ALA C 155 -17.93 35.19 22.11
CA ALA C 155 -17.26 34.33 23.08
C ALA C 155 -15.73 34.42 22.95
N ASN C 156 -15.24 34.71 21.75
CA ASN C 156 -13.80 34.78 21.53
C ASN C 156 -13.25 36.21 21.59
N VAL C 157 -14.09 37.14 22.01
CA VAL C 157 -13.63 38.50 22.28
C VAL C 157 -13.54 38.69 23.79
N LEU C 158 -12.33 38.82 24.30
CA LEU C 158 -12.12 38.96 25.74
C LEU C 158 -11.93 40.43 26.09
N ILE C 159 -12.19 40.76 27.35
CA ILE C 159 -11.90 42.10 27.86
C ILE C 159 -11.36 42.00 29.29
N THR C 160 -10.32 42.78 29.58
CA THR C 160 -9.69 42.75 30.91
C THR C 160 -10.42 43.68 31.88
N ARG C 161 -10.09 43.57 33.16
CA ARG C 161 -10.70 44.43 34.18
C ARG C 161 -10.37 45.90 33.91
N ASP C 162 -9.24 46.16 33.27
CA ASP C 162 -8.83 47.52 32.95
C ASP C 162 -9.51 48.04 31.67
N GLY C 163 -10.26 47.17 31.00
CA GLY C 163 -11.06 47.57 29.86
C GLY C 163 -10.35 47.44 28.53
N VAL C 164 -9.38 46.54 28.44
CA VAL C 164 -8.64 46.32 27.20
C VAL C 164 -9.17 45.07 26.48
N LEU C 165 -9.71 45.27 25.29
CA LEU C 165 -10.25 44.17 24.50
C LEU C 165 -9.13 43.33 23.88
N LYS C 166 -9.34 42.02 23.79
CA LYS C 166 -8.34 41.11 23.24
C LYS C 166 -9.02 40.04 22.40
N LEU C 167 -8.54 39.82 21.18
CA LEU C 167 -9.01 38.72 20.36
C LEU C 167 -8.38 37.43 20.86
N ALA C 168 -9.17 36.35 20.88
CA ALA C 168 -8.70 35.10 21.42
C ALA C 168 -9.19 33.90 20.60
N ASP C 169 -8.73 32.72 20.99
CA ASP C 169 -9.03 31.48 20.30
C ASP C 169 -8.53 31.49 18.86
N PHE C 170 -7.23 31.30 18.69
CA PHE C 170 -6.64 31.20 17.37
C PHE C 170 -6.46 29.74 16.95
N GLY C 171 -7.19 28.84 17.60
CA GLY C 171 -7.12 27.42 17.28
C GLY C 171 -7.70 27.09 15.91
N LEU C 172 -8.35 28.07 15.30
CA LEU C 172 -8.94 27.90 13.98
C LEU C 172 -8.23 28.74 12.93
N ALA C 173 -7.24 29.52 13.37
CA ALA C 173 -6.58 30.49 12.50
C ALA C 173 -5.46 29.85 11.65
N ARG C 174 -5.24 30.43 10.48
CA ARG C 174 -4.14 30.03 9.61
C ARG C 174 -3.48 31.26 9.00
N ALA C 175 -2.38 31.04 8.29
CA ALA C 175 -1.73 32.13 7.57
C ALA C 175 -2.27 32.16 6.14
N PHE C 176 -2.20 33.32 5.51
CA PHE C 176 -2.70 33.45 4.14
C PHE C 176 -1.76 34.29 3.28
N SER C 177 -1.62 33.88 2.02
CA SER C 177 -0.73 34.54 1.08
C SER C 177 -1.53 35.27 0.00
N LEU C 178 -1.01 36.42 -0.44
CA LEU C 178 -1.60 37.24 -1.50
C LEU C 178 -1.08 36.80 -2.87
N ALA C 179 -0.92 35.49 -3.02
CA ALA C 179 -0.11 34.90 -4.08
C ALA C 179 -0.96 34.48 -5.28
N LYS C 180 -0.60 34.85 -6.52
CA LYS C 180 0.46 35.80 -6.89
C LYS C 180 0.21 36.27 -8.32
N ASN C 181 -0.90 36.95 -8.57
CA ASN C 181 -1.33 37.20 -9.94
C ASN C 181 -1.48 35.84 -10.65
N SER C 182 -1.98 34.86 -9.92
CA SER C 182 -2.02 33.48 -10.41
C SER C 182 -3.24 32.74 -9.87
N GLN C 183 -3.27 31.42 -10.07
CA GLN C 183 -4.37 30.60 -9.56
C GLN C 183 -4.54 30.83 -8.06
N PRO C 184 -5.80 31.06 -7.62
CA PRO C 184 -5.98 31.46 -6.23
C PRO C 184 -5.80 30.30 -5.24
N ASN C 185 -5.88 30.61 -3.95
CA ASN C 185 -5.63 29.62 -2.91
C ASN C 185 -6.80 28.64 -2.76
N ARG C 186 -6.53 27.53 -2.08
CA ARG C 186 -7.55 26.53 -1.81
C ARG C 186 -7.55 26.24 -0.31
N TYR C 187 -8.23 27.08 0.46
CA TYR C 187 -8.26 26.95 1.90
C TYR C 187 -9.46 26.14 2.37
N TPO C 188 -9.39 25.69 3.61
CA TPO C 188 -10.46 24.96 4.24
CB TPO C 188 -10.07 24.61 5.67
CG2 TPO C 188 -11.21 23.88 6.39
OG1 TPO C 188 -8.92 23.76 5.62
P TPO C 188 -7.64 24.50 6.29
O1P TPO C 188 -7.90 24.77 7.71
O2P TPO C 188 -6.35 23.53 6.16
O3P TPO C 188 -7.33 25.88 5.50
C TPO C 188 -11.75 25.78 4.20
O TPO C 188 -11.78 26.93 4.67
H TPO C 188 -8.71 25.80 4.13
HA TPO C 188 -10.62 24.12 3.75
HB TPO C 188 -9.83 25.53 6.22
HG21 TPO C 188 -10.91 23.65 7.41
HG22 TPO C 188 -11.45 22.96 5.86
HG23 TPO C 188 -12.10 24.52 6.41
N ASN C 189 -12.81 25.23 3.60
CA ASN C 189 -14.06 25.97 3.40
C ASN C 189 -14.95 26.02 4.63
N ARG C 190 -15.16 24.87 5.27
CA ARG C 190 -16.03 24.79 6.43
C ARG C 190 -15.34 25.37 7.66
N VAL C 191 -15.25 26.69 7.71
CA VAL C 191 -14.62 27.38 8.84
C VAL C 191 -15.55 28.47 9.37
N VAL C 192 -15.28 28.91 10.60
CA VAL C 192 -16.11 29.89 11.30
C VAL C 192 -17.43 29.27 11.76
N THR C 193 -17.82 29.58 13.00
CA THR C 193 -19.08 29.11 13.54
C THR C 193 -20.19 29.52 12.57
N LEU C 194 -21.16 28.63 12.38
CA LEU C 194 -22.22 28.85 11.40
C LEU C 194 -22.82 30.26 11.49
N TRP C 195 -23.21 30.66 12.69
CA TRP C 195 -23.91 31.93 12.89
C TRP C 195 -23.09 33.16 12.46
N TYR C 196 -21.77 33.03 12.46
CA TYR C 196 -20.90 34.15 12.13
C TYR C 196 -20.22 33.97 10.78
N ARG C 197 -20.66 32.98 10.01
CA ARG C 197 -20.02 32.67 8.74
C ARG C 197 -20.56 33.57 7.63
N PRO C 198 -19.63 34.16 6.85
CA PRO C 198 -20.00 35.02 5.71
C PRO C 198 -20.59 34.24 4.55
N PRO C 199 -21.32 34.92 3.66
CA PRO C 199 -21.97 34.28 2.51
C PRO C 199 -20.98 33.55 1.60
N GLU C 200 -19.83 34.16 1.33
CA GLU C 200 -18.87 33.56 0.39
C GLU C 200 -18.45 32.17 0.84
N LEU C 201 -18.38 31.95 2.15
CA LEU C 201 -17.98 30.65 2.67
C LEU C 201 -19.14 29.65 2.56
N LEU C 202 -20.35 30.14 2.78
CA LEU C 202 -21.53 29.29 2.67
C LEU C 202 -21.79 28.89 1.23
N LEU C 203 -21.31 29.70 0.28
CA LEU C 203 -21.45 29.39 -1.14
C LEU C 203 -20.34 28.46 -1.63
N GLY C 204 -19.35 28.22 -0.78
CA GLY C 204 -18.32 27.24 -1.09
C GLY C 204 -16.99 27.85 -1.53
N GLU C 205 -16.73 29.08 -1.15
CA GLU C 205 -15.49 29.76 -1.52
C GLU C 205 -14.29 29.14 -0.80
N ARG C 206 -13.22 28.90 -1.54
CA ARG C 206 -11.97 28.42 -0.95
C ARG C 206 -10.85 29.44 -1.11
N ASP C 207 -11.05 30.40 -2.01
CA ASP C 207 -10.09 31.47 -2.23
C ASP C 207 -10.59 32.75 -1.56
N TYR C 208 -10.57 32.75 -0.23
CA TYR C 208 -11.03 33.89 0.54
C TYR C 208 -9.90 34.53 1.33
N GLY C 209 -10.23 35.54 2.13
CA GLY C 209 -9.23 36.23 2.91
C GLY C 209 -9.85 37.01 4.06
N PRO C 210 -9.14 38.05 4.53
CA PRO C 210 -9.52 38.86 5.70
C PRO C 210 -11.01 39.24 5.75
N PRO C 211 -11.65 39.48 4.60
CA PRO C 211 -13.06 39.90 4.64
C PRO C 211 -13.96 38.96 5.43
N ILE C 212 -13.61 37.69 5.55
CA ILE C 212 -14.46 36.76 6.29
C ILE C 212 -14.49 37.14 7.76
N ASP C 213 -13.37 37.62 8.28
CA ASP C 213 -13.28 38.04 9.67
C ASP C 213 -14.09 39.30 9.94
N LEU C 214 -14.16 40.19 8.95
CA LEU C 214 -14.88 41.44 9.15
C LEU C 214 -16.39 41.25 9.05
N TRP C 215 -16.83 40.25 8.31
CA TRP C 215 -18.23 39.89 8.33
C TRP C 215 -18.61 39.51 9.76
N GLY C 216 -17.71 38.78 10.40
CA GLY C 216 -17.91 38.40 11.79
C GLY C 216 -17.99 39.62 12.68
N ALA C 217 -17.08 40.57 12.44
CA ALA C 217 -17.05 41.80 13.22
C ALA C 217 -18.39 42.53 13.12
N GLY C 218 -19.01 42.47 11.94
CA GLY C 218 -20.29 43.10 11.72
C GLY C 218 -21.37 42.43 12.54
N CYS C 219 -21.35 41.10 12.57
CA CYS C 219 -22.34 40.35 13.34
C CYS C 219 -22.20 40.68 14.83
N ILE C 220 -20.96 40.83 15.28
CA ILE C 220 -20.69 41.16 16.67
C ILE C 220 -21.14 42.57 17.01
N MET C 221 -20.87 43.51 16.11
CA MET C 221 -21.25 44.90 16.32
C MET C 221 -22.76 45.03 16.53
N ALA C 222 -23.53 44.25 15.79
CA ALA C 222 -24.98 44.27 15.92
C ALA C 222 -25.40 43.67 17.26
N GLU C 223 -24.66 42.65 17.71
CA GLU C 223 -24.94 42.01 19.00
C GLU C 223 -24.82 42.99 20.15
N MET C 224 -23.97 43.99 20.00
CA MET C 224 -23.75 44.97 21.06
C MET C 224 -25.07 45.61 21.48
N TRP C 225 -26.01 45.68 20.55
CA TRP C 225 -27.33 46.25 20.83
C TRP C 225 -28.41 45.18 21.01
N THR C 226 -28.44 44.21 20.09
CA THR C 226 -29.47 43.18 20.11
C THR C 226 -29.27 42.18 21.25
N ARG C 227 -28.03 42.10 21.74
CA ARG C 227 -27.67 41.23 22.86
C ARG C 227 -27.69 39.73 22.53
N SER C 228 -27.93 39.39 21.26
CA SER C 228 -27.94 38.00 20.85
C SER C 228 -27.58 37.87 19.37
N PRO C 229 -26.91 36.77 19.00
CA PRO C 229 -26.53 36.53 17.61
C PRO C 229 -27.69 36.80 16.66
N ILE C 230 -27.48 37.68 15.68
CA ILE C 230 -28.56 38.17 14.83
C ILE C 230 -29.08 37.13 13.84
N MET C 231 -28.23 36.18 13.44
CA MET C 231 -28.62 35.17 12.47
C MET C 231 -28.24 33.76 12.95
N GLN C 232 -29.17 33.13 13.65
CA GLN C 232 -28.93 31.82 14.24
C GLN C 232 -29.51 30.69 13.39
N GLY C 233 -28.73 30.25 12.40
CA GLY C 233 -29.17 29.18 11.52
C GLY C 233 -29.06 27.80 12.15
N ASN C 234 -29.65 26.81 11.49
CA ASN C 234 -29.59 25.43 11.94
C ASN C 234 -28.84 24.57 10.93
N THR C 235 -28.76 25.05 9.69
CA THR C 235 -28.08 24.35 8.62
C THR C 235 -27.37 25.39 7.76
N GLU C 236 -26.41 24.95 6.96
CA GLU C 236 -25.65 25.87 6.13
C GLU C 236 -26.57 26.72 5.25
N GLN C 237 -27.66 26.12 4.77
CA GLN C 237 -28.54 26.82 3.85
C GLN C 237 -29.58 27.68 4.56
N HIS C 238 -30.02 27.24 5.74
CA HIS C 238 -30.89 28.08 6.55
C HIS C 238 -30.17 29.36 6.90
N GLN C 239 -28.88 29.23 7.19
CA GLN C 239 -28.04 30.39 7.47
C GLN C 239 -28.07 31.33 6.27
N LEU C 240 -27.82 30.77 5.09
CA LEU C 240 -27.88 31.54 3.85
C LEU C 240 -29.23 32.22 3.66
N ALA C 241 -30.30 31.55 4.11
CA ALA C 241 -31.65 32.10 4.00
C ALA C 241 -31.81 33.31 4.91
N LEU C 242 -31.36 33.18 6.15
CA LEU C 242 -31.46 34.27 7.12
C LEU C 242 -30.66 35.48 6.67
N ILE C 243 -29.53 35.23 6.01
CA ILE C 243 -28.71 36.29 5.44
C ILE C 243 -29.48 37.00 4.33
N SER C 244 -30.12 36.23 3.46
CA SER C 244 -30.91 36.80 2.38
C SER C 244 -32.03 37.67 2.94
N GLN C 245 -32.67 37.21 4.01
CA GLN C 245 -33.77 37.94 4.62
C GLN C 245 -33.33 39.28 5.17
N LEU C 246 -32.06 39.36 5.59
CA LEU C 246 -31.53 40.56 6.22
C LEU C 246 -30.78 41.44 5.24
N CYS C 247 -29.86 40.83 4.49
CA CYS C 247 -28.95 41.58 3.63
C CYS C 247 -29.47 41.76 2.20
N GLY C 248 -30.54 41.06 1.86
CA GLY C 248 -31.10 41.11 0.53
C GLY C 248 -30.72 39.88 -0.28
N SER C 249 -31.44 39.64 -1.37
CA SER C 249 -31.21 38.44 -2.17
C SER C 249 -29.81 38.43 -2.78
N ILE C 250 -29.26 37.24 -2.90
CA ILE C 250 -27.93 37.07 -3.49
C ILE C 250 -28.05 36.96 -5.01
N THR C 251 -27.66 38.03 -5.70
CA THR C 251 -27.74 38.08 -7.15
C THR C 251 -26.46 38.67 -7.73
N PRO C 252 -26.13 38.29 -8.98
CA PRO C 252 -24.96 38.84 -9.66
C PRO C 252 -25.01 40.36 -9.77
N GLU C 253 -26.23 40.91 -9.76
CA GLU C 253 -26.41 42.34 -9.87
C GLU C 253 -25.80 43.08 -8.68
N VAL C 254 -25.79 42.43 -7.52
CA VAL C 254 -25.24 43.03 -6.31
C VAL C 254 -23.95 42.33 -5.88
N TRP C 255 -23.65 41.21 -6.52
CA TRP C 255 -22.45 40.44 -6.20
C TRP C 255 -21.88 39.86 -7.49
N PRO C 256 -21.19 40.69 -8.28
CA PRO C 256 -20.66 40.32 -9.60
C PRO C 256 -19.90 38.99 -9.58
N ASN C 257 -20.21 38.13 -10.55
CA ASN C 257 -19.49 36.88 -10.72
C ASN C 257 -19.73 35.89 -9.59
N VAL C 258 -20.92 35.96 -9.00
CA VAL C 258 -21.31 35.00 -7.97
C VAL C 258 -21.89 33.75 -8.63
N ASP C 259 -22.17 33.84 -9.92
CA ASP C 259 -22.71 32.71 -10.67
C ASP C 259 -21.72 31.55 -10.65
N ASN C 260 -20.44 31.88 -10.63
CA ASN C 260 -19.38 30.89 -10.76
C ASN C 260 -19.33 29.88 -9.61
N TYR C 261 -19.91 30.25 -8.47
CA TYR C 261 -19.99 29.31 -7.36
C TYR C 261 -20.87 28.11 -7.76
N GLU C 262 -20.31 26.91 -7.63
CA GLU C 262 -21.04 25.69 -8.02
C GLU C 262 -22.41 25.62 -7.35
N LEU C 263 -22.53 26.22 -6.18
CA LEU C 263 -23.75 26.06 -5.38
C LEU C 263 -24.78 27.16 -5.63
N TYR C 264 -24.42 28.20 -6.39
CA TYR C 264 -25.32 29.31 -6.62
C TYR C 264 -26.66 28.84 -7.18
N GLU C 265 -26.60 27.89 -8.11
CA GLU C 265 -27.82 27.34 -8.71
C GLU C 265 -28.33 26.17 -7.88
N LYS C 266 -27.40 25.34 -7.39
CA LYS C 266 -27.74 24.13 -6.66
C LYS C 266 -28.27 24.43 -5.25
N LEU C 267 -28.34 25.70 -4.89
CA LEU C 267 -28.90 26.09 -3.60
C LEU C 267 -30.17 26.91 -3.80
N GLU C 268 -31.30 26.36 -3.35
CA GLU C 268 -32.56 27.08 -3.35
C GLU C 268 -32.39 28.42 -2.64
N LEU C 269 -32.37 29.50 -3.41
CA LEU C 269 -32.14 30.83 -2.85
C LEU C 269 -33.31 31.76 -3.16
N VAL C 270 -33.93 32.28 -2.10
CA VAL C 270 -35.02 33.25 -2.24
C VAL C 270 -34.59 34.38 -3.17
N LYS C 271 -35.50 34.81 -4.03
CA LYS C 271 -35.14 35.71 -5.12
C LYS C 271 -35.67 37.14 -4.94
N GLY C 272 -36.72 37.31 -4.15
CA GLY C 272 -37.38 38.60 -4.05
C GLY C 272 -36.88 39.53 -2.95
N GLN C 273 -36.07 39.01 -2.03
CA GLN C 273 -35.66 39.76 -0.85
C GLN C 273 -34.96 41.08 -1.18
N LYS C 274 -35.34 42.13 -0.47
CA LYS C 274 -34.65 43.42 -0.54
C LYS C 274 -33.71 43.52 0.65
N ARG C 275 -32.87 44.55 0.67
CA ARG C 275 -31.93 44.74 1.77
C ARG C 275 -32.62 45.42 2.95
N LYS C 276 -32.54 44.78 4.12
CA LYS C 276 -33.26 45.26 5.30
C LYS C 276 -32.34 45.43 6.51
N VAL C 277 -31.03 45.42 6.28
CA VAL C 277 -30.06 45.52 7.38
C VAL C 277 -30.33 46.72 8.27
N LYS C 278 -30.30 47.93 7.69
CA LYS C 278 -30.52 49.14 8.45
C LYS C 278 -31.93 49.21 9.04
N ASP C 279 -32.93 48.93 8.22
CA ASP C 279 -34.31 48.97 8.67
C ASP C 279 -34.56 48.05 9.87
N ARG C 280 -33.88 46.90 9.89
CA ARG C 280 -34.09 45.92 10.95
C ARG C 280 -33.41 46.28 12.26
N LEU C 281 -32.20 46.83 12.17
CA LEU C 281 -31.43 47.17 13.37
C LEU C 281 -31.77 48.56 13.90
N LYS C 282 -32.50 49.35 13.10
CA LYS C 282 -32.84 50.71 13.50
C LYS C 282 -33.48 50.74 14.88
N ALA C 283 -34.34 49.76 15.15
CA ALA C 283 -35.06 49.70 16.42
C ALA C 283 -34.12 49.51 17.61
N TYR C 284 -33.00 48.83 17.39
CA TYR C 284 -32.07 48.50 18.47
C TYR C 284 -30.98 49.57 18.62
N VAL C 285 -30.46 50.06 17.49
CA VAL C 285 -29.27 50.91 17.49
C VAL C 285 -29.63 52.40 17.54
N ARG C 286 -30.26 52.90 16.49
CA ARG C 286 -30.72 54.30 16.42
C ARG C 286 -29.68 55.25 15.81
N ASP C 287 -28.49 55.30 16.39
CA ASP C 287 -27.44 56.17 15.87
C ASP C 287 -27.15 55.85 14.40
N PRO C 288 -27.29 56.86 13.52
CA PRO C 288 -27.15 56.65 12.07
C PRO C 288 -25.77 56.13 11.67
N TYR C 289 -24.72 56.73 12.21
CA TYR C 289 -23.36 56.30 11.88
C TYR C 289 -23.15 54.83 12.21
N ALA C 290 -23.67 54.39 13.35
CA ALA C 290 -23.55 53.01 13.76
C ALA C 290 -24.22 52.09 12.75
N LEU C 291 -25.46 52.40 12.40
CA LEU C 291 -26.21 51.61 11.43
C LEU C 291 -25.48 51.54 10.10
N ASP C 292 -24.81 52.63 9.74
CA ASP C 292 -24.15 52.70 8.45
C ASP C 292 -22.94 51.78 8.40
N LEU C 293 -22.09 51.85 9.42
CA LEU C 293 -20.91 50.98 9.48
C LEU C 293 -21.31 49.51 9.46
N ILE C 294 -22.34 49.16 10.22
CA ILE C 294 -22.85 47.79 10.22
C ILE C 294 -23.32 47.40 8.82
N ASP C 295 -23.99 48.31 8.14
CA ASP C 295 -24.48 48.07 6.79
C ASP C 295 -23.31 47.78 5.84
N LYS C 296 -22.15 48.36 6.14
CA LYS C 296 -20.97 48.17 5.29
C LYS C 296 -20.19 46.93 5.67
N LEU C 297 -20.33 46.49 6.91
CA LEU C 297 -19.67 45.27 7.36
C LEU C 297 -20.41 44.02 6.90
N LEU C 298 -21.73 44.10 6.83
CA LEU C 298 -22.55 42.97 6.41
C LEU C 298 -22.87 43.06 4.92
N VAL C 299 -21.84 43.24 4.12
CA VAL C 299 -22.00 43.29 2.66
C VAL C 299 -21.77 41.90 2.07
N LEU C 300 -22.70 41.48 1.21
CA LEU C 300 -22.64 40.15 0.61
C LEU C 300 -21.34 39.94 -0.15
N ASP C 301 -21.08 40.82 -1.12
CA ASP C 301 -19.86 40.75 -1.92
C ASP C 301 -18.63 41.07 -1.05
N PRO C 302 -17.81 40.05 -0.75
CA PRO C 302 -16.63 40.27 0.08
C PRO C 302 -15.70 41.35 -0.50
N ALA C 303 -15.69 41.47 -1.83
CA ALA C 303 -14.85 42.46 -2.50
C ALA C 303 -15.37 43.88 -2.26
N GLN C 304 -16.66 44.00 -1.99
CA GLN C 304 -17.28 45.31 -1.73
C GLN C 304 -17.50 45.53 -0.25
N ARG C 305 -17.05 44.60 0.58
CA ARG C 305 -17.20 44.70 2.02
C ARG C 305 -16.07 45.54 2.61
N ILE C 306 -16.43 46.43 3.53
CA ILE C 306 -15.45 47.33 4.13
C ILE C 306 -14.35 46.54 4.86
N ASP C 307 -13.13 47.07 4.83
CA ASP C 307 -11.99 46.44 5.48
C ASP C 307 -11.74 47.08 6.84
N SER C 308 -10.65 46.66 7.50
CA SER C 308 -10.37 47.10 8.86
C SER C 308 -10.01 48.58 8.87
N ASP C 309 -9.17 48.98 7.92
CA ASP C 309 -8.65 50.34 7.88
C ASP C 309 -9.77 51.34 7.64
N ASP C 310 -10.57 51.10 6.60
CA ASP C 310 -11.66 52.01 6.27
C ASP C 310 -12.67 52.08 7.40
N ALA C 311 -12.95 50.94 8.02
CA ALA C 311 -13.90 50.87 9.11
C ALA C 311 -13.45 51.77 10.27
N LEU C 312 -12.17 51.71 10.61
CA LEU C 312 -11.63 52.48 11.72
C LEU C 312 -11.67 53.98 11.49
N ASN C 313 -11.69 54.39 10.22
CA ASN C 313 -11.77 55.80 9.87
C ASN C 313 -13.19 56.24 9.52
N HIS C 314 -14.14 55.33 9.68
CA HIS C 314 -15.54 55.62 9.43
C HIS C 314 -16.08 56.60 10.47
N ASP C 315 -17.02 57.45 10.07
CA ASP C 315 -17.51 58.53 10.93
C ASP C 315 -17.92 58.08 12.32
N PHE C 316 -18.59 56.94 12.41
CA PHE C 316 -18.95 56.31 13.68
C PHE C 316 -17.94 56.55 14.81
N PHE C 317 -16.66 56.47 14.48
CA PHE C 317 -15.60 56.59 15.49
C PHE C 317 -15.11 58.02 15.68
N TRP C 318 -15.59 58.94 14.84
CA TRP C 318 -15.12 60.32 14.86
C TRP C 318 -16.29 61.30 14.84
N SER C 319 -17.35 60.96 15.54
CA SER C 319 -18.49 61.85 15.73
C SER C 319 -19.04 61.63 17.13
N ASP C 320 -19.66 62.65 17.69
CA ASP C 320 -20.14 62.60 19.08
C ASP C 320 -21.27 61.59 19.24
N PRO C 321 -21.23 60.82 20.34
CA PRO C 321 -20.19 60.88 21.37
C PRO C 321 -18.95 60.10 20.98
N MET C 322 -17.77 60.65 21.27
CA MET C 322 -16.52 59.97 20.98
C MET C 322 -16.38 58.74 21.88
N PRO C 323 -15.60 57.74 21.43
CA PRO C 323 -15.40 56.51 22.22
C PRO C 323 -14.84 56.80 23.61
N SER C 324 -15.21 56.00 24.59
CA SER C 324 -14.71 56.19 25.96
C SER C 324 -14.26 54.88 26.61
N ASP C 325 -13.41 55.00 27.62
CA ASP C 325 -12.86 53.84 28.31
C ASP C 325 -13.96 53.00 28.96
N LEU C 326 -13.64 51.75 29.30
CA LEU C 326 -14.62 50.80 29.79
C LEU C 326 -14.54 50.49 31.29
N LYS C 327 -13.42 50.82 31.93
CA LYS C 327 -13.18 50.46 33.33
C LYS C 327 -14.43 50.61 34.21
N GLY C 328 -15.05 51.77 34.17
CA GLY C 328 -16.19 52.06 35.02
C GLY C 328 -17.38 51.16 34.76
N MET C 329 -17.64 50.89 33.48
CA MET C 329 -18.80 50.10 33.07
C MET C 329 -18.66 48.61 33.42
N LEU C 330 -17.44 48.19 33.75
CA LEU C 330 -17.16 46.77 33.99
C LEU C 330 -17.22 46.38 35.47
N SER C 331 -17.32 47.36 36.35
CA SER C 331 -17.43 47.09 37.79
C SER C 331 -18.82 46.59 38.14
N THR C 332 -19.74 46.67 37.19
CA THR C 332 -21.12 46.22 37.38
C THR C 332 -21.38 44.94 36.59
N ASN D 7 16.66 39.45 26.24
CA ASN D 7 17.85 38.63 26.15
C ASN D 7 17.64 37.40 25.28
N ASN D 8 16.39 36.97 25.15
CA ASN D 8 16.07 35.72 24.48
C ASN D 8 16.70 35.63 23.09
N ASN D 9 16.66 36.73 22.36
CA ASN D 9 17.18 36.77 20.99
C ASN D 9 18.47 35.98 20.80
N LYS D 10 19.38 36.08 21.76
CA LYS D 10 20.67 35.42 21.66
C LYS D 10 20.67 34.05 22.34
N ARG D 11 19.52 33.38 22.36
CA ARG D 11 19.39 32.10 23.06
C ARG D 11 19.97 30.93 22.29
N TRP D 12 19.57 30.81 21.02
CA TRP D 12 20.01 29.70 20.18
C TRP D 12 21.21 30.07 19.32
N TYR D 13 22.05 30.95 19.85
CA TYR D 13 23.30 31.31 19.21
C TYR D 13 24.41 31.18 20.24
N PHE D 14 25.54 30.61 19.82
CA PHE D 14 26.58 30.23 20.75
C PHE D 14 27.96 30.69 20.32
N THR D 15 28.86 30.83 21.30
CA THR D 15 30.26 31.12 21.04
C THR D 15 31.01 29.81 20.88
N ARG D 16 32.21 29.88 20.31
CA ARG D 16 33.00 28.67 20.10
C ARG D 16 33.23 27.93 21.43
N GLU D 17 33.29 28.68 22.52
CA GLU D 17 33.46 28.07 23.84
C GLU D 17 32.25 27.22 24.19
N GLN D 18 31.06 27.76 23.94
CA GLN D 18 29.81 27.06 24.23
C GLN D 18 29.64 25.86 23.30
N LEU D 19 30.13 25.98 22.07
CA LEU D 19 30.05 24.89 21.11
C LEU D 19 31.05 23.79 21.47
N GLU D 20 32.24 24.18 21.89
CA GLU D 20 33.24 23.22 22.35
C GLU D 20 32.72 22.49 23.58
N ASN D 21 32.16 23.24 24.52
CA ASN D 21 31.65 22.69 25.76
C ASN D 21 30.20 22.22 25.61
N SER D 22 29.95 21.36 24.63
CA SER D 22 28.61 20.88 24.34
C SER D 22 28.19 19.78 25.30
N PRO D 23 26.88 19.43 25.30
CA PRO D 23 26.39 18.33 26.13
C PRO D 23 27.06 17.01 25.79
N SER D 24 27.33 16.80 24.50
CA SER D 24 27.98 15.57 24.05
C SER D 24 29.45 15.55 24.47
N ARG D 25 30.07 16.73 24.52
CA ARG D 25 31.44 16.85 25.00
C ARG D 25 31.46 16.45 26.47
N ARG D 26 30.38 16.77 27.16
CA ARG D 26 30.23 16.44 28.57
C ARG D 26 30.34 14.92 28.78
N PHE D 27 29.96 14.16 27.76
CA PHE D 27 30.00 12.70 27.83
C PHE D 27 31.16 12.12 27.02
N GLY D 28 32.14 12.95 26.71
CA GLY D 28 33.37 12.49 26.07
C GLY D 28 33.27 12.16 24.60
N VAL D 29 32.64 13.06 23.83
CA VAL D 29 32.56 12.88 22.38
C VAL D 29 33.47 13.89 21.69
N ASP D 30 34.40 13.39 20.88
CA ASP D 30 35.29 14.25 20.12
C ASP D 30 34.53 15.40 19.47
N PRO D 31 35.12 16.60 19.48
CA PRO D 31 34.50 17.74 18.77
C PRO D 31 34.25 17.40 17.31
N ASP D 32 35.20 16.73 16.68
CA ASP D 32 35.09 16.36 15.27
C ASP D 32 34.07 15.24 15.08
N LYS D 33 33.93 14.37 16.08
CA LYS D 33 32.99 13.26 16.00
C LYS D 33 31.55 13.77 16.17
N GLU D 34 31.39 14.83 16.97
CA GLU D 34 30.08 15.45 17.13
C GLU D 34 29.70 16.17 15.84
N LEU D 35 30.66 16.89 15.28
CA LEU D 35 30.45 17.57 14.01
C LEU D 35 30.00 16.53 12.98
N SER D 36 30.66 15.39 13.00
CA SER D 36 30.35 14.30 12.08
C SER D 36 28.94 13.77 12.31
N TYR D 37 28.55 13.62 13.57
CA TYR D 37 27.22 13.14 13.90
C TYR D 37 26.16 14.08 13.33
N ARG D 38 26.39 15.38 13.48
CA ARG D 38 25.47 16.39 12.95
C ARG D 38 25.36 16.25 11.43
N GLN D 39 26.51 16.14 10.77
CA GLN D 39 26.55 16.04 9.32
C GLN D 39 25.78 14.82 8.82
N GLN D 40 25.79 13.75 9.60
CA GLN D 40 25.07 12.53 9.23
C GLN D 40 23.57 12.70 9.45
N ALA D 41 23.20 13.34 10.55
CA ALA D 41 21.79 13.61 10.84
C ALA D 41 21.19 14.48 9.74
N ALA D 42 21.94 15.48 9.30
CA ALA D 42 21.50 16.36 8.22
C ALA D 42 21.35 15.56 6.94
N ASN D 43 22.36 14.75 6.63
CA ASN D 43 22.33 13.93 5.43
C ASN D 43 21.11 13.01 5.44
N LEU D 44 20.80 12.48 6.61
CA LEU D 44 19.65 11.59 6.76
C LEU D 44 18.36 12.38 6.62
N LEU D 45 18.34 13.57 7.20
CA LEU D 45 17.17 14.45 7.09
C LEU D 45 16.93 14.80 5.63
N GLN D 46 18.00 15.07 4.91
CA GLN D 46 17.90 15.46 3.50
C GLN D 46 17.36 14.29 2.67
N ASP D 47 17.86 13.09 2.95
CA ASP D 47 17.43 11.91 2.23
C ASP D 47 15.95 11.65 2.48
N MET D 48 15.58 11.50 3.75
CA MET D 48 14.19 11.27 4.13
C MET D 48 13.29 12.33 3.50
N GLY D 49 13.69 13.58 3.65
CA GLY D 49 12.92 14.71 3.13
C GLY D 49 12.57 14.57 1.67
N GLN D 50 13.57 14.24 0.86
CA GLN D 50 13.38 14.11 -0.58
C GLN D 50 12.49 12.91 -0.92
N ARG D 51 12.45 11.92 -0.03
CA ARG D 51 11.63 10.73 -0.23
C ARG D 51 10.19 11.05 0.13
N LEU D 52 10.01 11.70 1.28
CA LEU D 52 8.69 12.15 1.72
C LEU D 52 8.16 13.24 0.81
N ASN D 53 9.05 13.79 0.00
CA ASN D 53 8.66 14.77 -1.02
C ASN D 53 8.24 16.09 -0.38
N VAL D 54 8.99 16.52 0.62
CA VAL D 54 8.77 17.83 1.24
C VAL D 54 9.74 18.83 0.62
N SER D 55 9.44 20.12 0.79
CA SER D 55 10.29 21.17 0.24
C SER D 55 11.60 21.26 1.00
N GLN D 56 12.59 21.90 0.39
CA GLN D 56 13.87 22.08 1.02
C GLN D 56 13.70 22.84 2.33
N LEU D 57 12.76 23.76 2.36
CA LEU D 57 12.49 24.57 3.54
C LEU D 57 12.14 23.68 4.74
N THR D 58 11.34 22.65 4.48
CA THR D 58 10.94 21.72 5.53
C THR D 58 12.17 20.99 6.06
N ILE D 59 13.01 20.51 5.15
CA ILE D 59 14.25 19.85 5.53
C ILE D 59 15.11 20.81 6.35
N ASN D 60 15.36 21.99 5.79
CA ASN D 60 16.16 23.01 6.46
C ASN D 60 15.72 23.20 7.91
N THR D 61 14.43 23.41 8.12
CA THR D 61 13.89 23.60 9.47
C THR D 61 14.27 22.41 10.35
N ALA D 62 13.98 21.20 9.87
CA ALA D 62 14.29 19.99 10.63
C ALA D 62 15.78 19.97 11.00
N ILE D 63 16.62 20.38 10.07
CA ILE D 63 18.06 20.41 10.31
C ILE D 63 18.40 21.39 11.43
N VAL D 64 17.76 22.56 11.43
CA VAL D 64 17.98 23.53 12.50
C VAL D 64 17.47 22.99 13.84
N TYR D 65 16.29 22.37 13.83
CA TYR D 65 15.76 21.73 15.03
C TYR D 65 16.80 20.78 15.60
N MET D 66 17.42 20.01 14.70
CA MET D 66 18.42 19.03 15.09
C MET D 66 19.65 19.73 15.71
N HIS D 67 20.23 20.69 14.99
CA HIS D 67 21.40 21.42 15.50
C HIS D 67 21.13 21.99 16.88
N ARG D 68 19.96 22.57 17.06
CA ARG D 68 19.61 23.18 18.34
C ARG D 68 19.36 22.12 19.40
N PHE D 69 18.75 21.01 18.99
CA PHE D 69 18.44 19.94 19.91
C PHE D 69 19.69 19.43 20.60
N TYR D 70 20.80 19.40 19.86
CA TYR D 70 22.03 18.82 20.39
C TYR D 70 22.94 19.84 21.08
N MET D 71 22.42 21.04 21.31
CA MET D 71 23.09 21.99 22.20
C MET D 71 22.54 21.84 23.61
N ILE D 72 21.53 20.98 23.75
CA ILE D 72 20.93 20.69 25.05
C ILE D 72 21.13 19.22 25.41
N GLN D 73 20.78 18.34 24.47
CA GLN D 73 20.90 16.90 24.68
C GLN D 73 22.20 16.37 24.08
N SER D 74 22.58 15.17 24.49
CA SER D 74 23.82 14.55 24.02
C SER D 74 23.55 13.48 22.97
N PHE D 75 24.47 13.35 22.02
CA PHE D 75 24.38 12.28 21.01
C PHE D 75 24.49 10.93 21.72
N THR D 76 25.11 10.93 22.89
CA THR D 76 25.19 9.74 23.73
C THR D 76 23.80 9.24 24.12
N GLN D 77 22.98 10.16 24.60
CA GLN D 77 21.66 9.82 25.13
C GLN D 77 20.62 9.71 24.01
N PHE D 78 20.86 10.42 22.91
CA PHE D 78 19.92 10.45 21.80
C PHE D 78 20.65 10.22 20.47
N PRO D 79 20.50 9.02 19.89
CA PRO D 79 21.09 8.73 18.58
C PRO D 79 20.55 9.66 17.50
N GLY D 80 21.40 10.01 16.54
CA GLY D 80 21.01 10.89 15.45
C GLY D 80 19.96 10.27 14.54
N ASN D 81 19.92 8.94 14.50
CA ASN D 81 19.00 8.23 13.63
C ASN D 81 17.61 8.11 14.22
N SER D 82 17.51 8.35 15.53
CA SER D 82 16.22 8.35 16.20
C SER D 82 15.63 9.75 16.17
N VAL D 83 16.49 10.74 16.36
CA VAL D 83 16.07 12.14 16.44
C VAL D 83 15.68 12.71 15.07
N ALA D 84 16.45 12.37 14.04
CA ALA D 84 16.25 12.95 12.73
C ALA D 84 14.83 12.72 12.20
N PRO D 85 14.36 11.46 12.24
CA PRO D 85 12.98 11.20 11.79
C PRO D 85 11.95 12.02 12.56
N ALA D 86 12.10 12.07 13.89
CA ALA D 86 11.18 12.82 14.73
C ALA D 86 11.22 14.31 14.39
N ALA D 87 12.42 14.84 14.20
CA ALA D 87 12.60 16.24 13.86
C ALA D 87 11.93 16.57 12.53
N LEU D 88 12.13 15.70 11.54
CA LEU D 88 11.54 15.89 10.22
C LEU D 88 10.03 15.77 10.29
N PHE D 89 9.55 14.84 11.10
CA PHE D 89 8.13 14.63 11.30
C PHE D 89 7.50 15.91 11.84
N LEU D 90 8.18 16.52 12.80
CA LEU D 90 7.69 17.74 13.43
C LEU D 90 7.75 18.91 12.45
N ALA D 91 8.91 19.08 11.81
CA ALA D 91 9.09 20.18 10.86
C ALA D 91 8.02 20.15 9.76
N ALA D 92 7.67 18.95 9.33
CA ALA D 92 6.67 18.78 8.28
C ALA D 92 5.34 19.43 8.68
N LYS D 93 4.95 19.24 9.95
CA LYS D 93 3.71 19.83 10.45
C LYS D 93 3.85 21.35 10.53
N VAL D 94 4.94 21.80 11.15
CA VAL D 94 5.20 23.22 11.32
C VAL D 94 5.12 23.97 9.99
N GLU D 95 5.72 23.39 8.96
CA GLU D 95 5.80 24.04 7.66
C GLU D 95 4.60 23.71 6.76
N GLU D 96 3.53 23.21 7.37
CA GLU D 96 2.28 22.94 6.65
C GLU D 96 2.45 21.95 5.50
N GLN D 97 3.32 20.96 5.70
CA GLN D 97 3.48 19.88 4.75
C GLN D 97 3.50 18.56 5.52
N PRO D 98 2.49 18.35 6.36
CA PRO D 98 2.46 17.20 7.29
C PRO D 98 2.49 15.85 6.57
N LYS D 99 3.34 14.95 7.05
CA LYS D 99 3.41 13.60 6.53
C LYS D 99 2.96 12.61 7.59
N LYS D 100 2.16 11.64 7.18
CA LYS D 100 1.62 10.65 8.11
C LYS D 100 2.73 9.94 8.88
N LEU D 101 2.46 9.70 10.15
CA LEU D 101 3.44 9.06 11.04
C LEU D 101 3.95 7.75 10.43
N GLU D 102 3.03 6.94 9.91
CA GLU D 102 3.39 5.71 9.21
C GLU D 102 4.41 5.98 8.11
N HIS D 103 4.10 6.97 7.27
CA HIS D 103 4.91 7.32 6.12
C HIS D 103 6.37 7.54 6.51
N VAL D 104 6.59 8.34 7.56
CA VAL D 104 7.95 8.71 7.97
C VAL D 104 8.73 7.52 8.51
N ILE D 105 8.11 6.73 9.38
CA ILE D 105 8.78 5.57 9.97
C ILE D 105 9.22 4.59 8.89
N LYS D 106 8.38 4.43 7.87
CA LYS D 106 8.70 3.60 6.72
C LYS D 106 9.91 4.17 5.98
N VAL D 107 9.80 5.42 5.56
CA VAL D 107 10.88 6.08 4.82
C VAL D 107 12.17 6.08 5.62
N ALA D 108 12.06 6.20 6.93
CA ALA D 108 13.23 6.14 7.80
C ALA D 108 13.87 4.75 7.71
N HIS D 109 13.03 3.73 7.59
CA HIS D 109 13.52 2.36 7.47
C HIS D 109 14.17 2.18 6.10
N THR D 110 13.59 2.79 5.08
CA THR D 110 14.11 2.69 3.72
C THR D 110 15.52 3.25 3.64
N CYS D 111 15.82 4.24 4.47
CA CYS D 111 17.12 4.90 4.46
C CYS D 111 18.12 4.22 5.39
N LEU D 112 17.65 3.81 6.56
CA LEU D 112 18.52 3.19 7.56
C LEU D 112 18.71 1.70 7.29
N HIS D 113 17.67 1.05 6.79
CA HIS D 113 17.71 -0.38 6.51
C HIS D 113 17.12 -0.71 5.15
N PRO D 114 17.89 -0.46 4.07
CA PRO D 114 17.43 -0.81 2.72
C PRO D 114 17.25 -2.32 2.56
N GLN D 115 17.66 -3.08 3.59
CA GLN D 115 17.69 -4.54 3.52
C GLN D 115 16.38 -5.18 3.99
N GLU D 116 16.16 -5.15 5.30
CA GLU D 116 15.09 -5.93 5.90
C GLU D 116 13.73 -5.58 5.32
N SER D 117 12.80 -6.53 5.41
CA SER D 117 11.44 -6.32 4.98
C SER D 117 10.80 -5.25 5.85
N LEU D 118 10.11 -4.31 5.23
CA LEU D 118 9.37 -3.30 5.97
C LEU D 118 8.49 -3.99 7.01
N PRO D 119 8.86 -3.86 8.30
CA PRO D 119 8.21 -4.61 9.39
C PRO D 119 6.68 -4.55 9.34
N ASP D 120 6.04 -5.52 9.99
CA ASP D 120 4.59 -5.60 9.98
C ASP D 120 4.00 -4.37 10.67
N THR D 121 2.96 -3.80 10.05
CA THR D 121 2.32 -2.60 10.57
C THR D 121 1.37 -2.92 11.71
N ARG D 122 1.30 -4.19 12.08
CA ARG D 122 0.45 -4.63 13.20
C ARG D 122 1.29 -5.29 14.29
N SER D 123 2.59 -5.44 14.03
CA SER D 123 3.49 -6.13 14.96
C SER D 123 3.83 -5.27 16.17
N GLU D 124 4.65 -5.82 17.06
CA GLU D 124 5.01 -5.15 18.30
C GLU D 124 6.17 -4.18 18.10
N ALA D 125 7.27 -4.67 17.54
CA ALA D 125 8.47 -3.86 17.33
C ALA D 125 8.16 -2.60 16.52
N TYR D 126 7.10 -2.66 15.71
CA TYR D 126 6.69 -1.51 14.93
C TYR D 126 5.88 -0.54 15.79
N LEU D 127 4.76 -1.00 16.34
CA LEU D 127 3.94 -0.17 17.21
C LEU D 127 4.82 0.52 18.25
N GLN D 128 5.92 -0.13 18.60
CA GLN D 128 6.89 0.44 19.54
C GLN D 128 7.60 1.64 18.90
N GLN D 129 8.00 1.49 17.64
CA GLN D 129 8.65 2.57 16.92
C GLN D 129 7.73 3.78 16.80
N VAL D 130 6.44 3.53 16.61
CA VAL D 130 5.47 4.61 16.48
C VAL D 130 5.41 5.43 17.77
N GLN D 131 5.55 4.75 18.91
CA GLN D 131 5.53 5.42 20.20
C GLN D 131 6.86 6.12 20.46
N ASP D 132 7.96 5.46 20.11
CA ASP D 132 9.29 6.01 20.34
C ASP D 132 9.45 7.32 19.57
N LEU D 133 8.84 7.40 18.39
CA LEU D 133 8.93 8.59 17.57
C LEU D 133 8.02 9.70 18.13
N VAL D 134 6.80 9.34 18.47
CA VAL D 134 5.87 10.31 19.06
C VAL D 134 6.43 10.89 20.34
N ILE D 135 7.02 10.02 21.16
CA ILE D 135 7.66 10.44 22.40
C ILE D 135 8.79 11.41 22.11
N LEU D 136 9.63 11.05 21.14
CA LEU D 136 10.82 11.83 20.84
C LEU D 136 10.43 13.19 20.28
N GLU D 137 9.32 13.24 19.53
CA GLU D 137 8.81 14.50 19.00
C GLU D 137 8.46 15.43 20.15
N SER D 138 7.85 14.86 21.18
CA SER D 138 7.45 15.63 22.36
C SER D 138 8.69 16.19 23.07
N ILE D 139 9.73 15.39 23.17
CA ILE D 139 10.96 15.82 23.83
C ILE D 139 11.65 16.93 23.04
N ILE D 140 11.63 16.82 21.71
CA ILE D 140 12.18 17.86 20.86
C ILE D 140 11.47 19.18 21.10
N LEU D 141 10.14 19.13 21.14
CA LEU D 141 9.33 20.33 21.36
C LEU D 141 9.73 21.01 22.65
N GLN D 142 9.80 20.23 23.73
CA GLN D 142 10.13 20.77 25.04
C GLN D 142 11.56 21.31 25.06
N THR D 143 12.48 20.59 24.41
CA THR D 143 13.88 20.97 24.37
C THR D 143 14.04 22.30 23.62
N LEU D 144 13.21 22.51 22.60
CA LEU D 144 13.27 23.74 21.82
C LEU D 144 12.40 24.84 22.42
N GLY D 145 11.83 24.59 23.59
CA GLY D 145 10.96 25.57 24.22
C GLY D 145 9.84 25.99 23.29
N PHE D 146 9.36 25.04 22.48
CA PHE D 146 8.28 25.30 21.53
C PHE D 146 8.53 26.51 20.65
N GLU D 147 9.81 26.81 20.41
CA GLU D 147 10.17 27.88 19.49
C GLU D 147 10.38 27.29 18.10
N LEU D 148 9.31 27.23 17.32
CA LEU D 148 9.28 26.45 16.09
C LEU D 148 9.54 27.27 14.83
N THR D 149 9.30 28.58 14.90
CA THR D 149 9.48 29.45 13.75
C THR D 149 10.97 29.68 13.48
N ILE D 150 11.46 29.10 12.39
CA ILE D 150 12.87 29.21 12.04
C ILE D 150 13.10 30.13 10.85
N ASP D 151 14.15 30.94 10.92
CA ASP D 151 14.52 31.83 9.83
C ASP D 151 15.76 31.29 9.14
N HIS D 152 15.69 31.15 7.82
CA HIS D 152 16.78 30.53 7.06
C HIS D 152 17.52 31.53 6.17
N PRO D 153 18.81 31.26 5.92
CA PRO D 153 19.62 32.11 5.04
C PRO D 153 19.04 32.19 3.64
N HIS D 154 18.34 31.13 3.24
CA HIS D 154 17.84 31.02 1.87
C HIS D 154 16.93 32.18 1.50
N THR D 155 16.05 32.55 2.44
CA THR D 155 15.14 33.67 2.23
C THR D 155 15.92 34.92 1.87
N HIS D 156 16.97 35.18 2.63
CA HIS D 156 17.78 36.38 2.46
C HIS D 156 18.66 36.29 1.22
N VAL D 157 19.16 35.09 0.94
CA VAL D 157 19.97 34.85 -0.25
C VAL D 157 19.18 35.22 -1.50
N VAL D 158 17.97 34.68 -1.60
CA VAL D 158 17.12 34.95 -2.76
C VAL D 158 16.82 36.44 -2.92
N LYS D 159 16.33 37.06 -1.84
CA LYS D 159 15.99 38.48 -1.89
C LYS D 159 17.18 39.31 -2.35
N CYS D 160 18.39 38.84 -2.02
CA CYS D 160 19.60 39.59 -2.34
C CYS D 160 20.03 39.39 -3.79
N THR D 161 20.08 38.13 -4.23
CA THR D 161 20.45 37.83 -5.60
C THR D 161 19.46 38.44 -6.59
N GLN D 162 18.22 38.61 -6.14
CA GLN D 162 17.21 39.32 -6.91
C GLN D 162 17.64 40.77 -7.07
N LEU D 163 18.06 41.38 -5.96
CA LEU D 163 18.41 42.78 -5.92
C LEU D 163 19.61 43.11 -6.81
N VAL D 164 20.63 42.25 -6.75
CA VAL D 164 21.87 42.51 -7.49
C VAL D 164 21.85 41.89 -8.89
N ARG D 165 20.67 41.48 -9.35
CA ARG D 165 20.50 41.00 -10.71
C ARG D 165 21.51 39.90 -11.04
N ALA D 166 21.54 38.86 -10.22
CA ALA D 166 22.42 37.73 -10.45
C ALA D 166 21.82 36.80 -11.50
N SER D 167 22.68 36.08 -12.21
CA SER D 167 22.23 35.09 -13.19
C SER D 167 21.78 33.83 -12.45
N LYS D 168 20.94 33.02 -13.10
CA LYS D 168 20.54 31.74 -12.52
C LYS D 168 21.80 31.05 -12.05
N ASP D 169 22.81 31.06 -12.91
CA ASP D 169 24.13 30.52 -12.61
C ASP D 169 24.54 30.86 -11.18
N LEU D 170 24.62 32.14 -10.87
CA LEU D 170 25.11 32.61 -9.58
C LEU D 170 24.06 32.45 -8.47
N ALA D 171 22.80 32.71 -8.81
CA ALA D 171 21.72 32.65 -7.83
C ALA D 171 21.56 31.24 -7.30
N GLN D 172 21.55 30.27 -8.19
CA GLN D 172 21.35 28.88 -7.83
C GLN D 172 22.54 28.37 -7.02
N THR D 173 23.73 28.88 -7.30
CA THR D 173 24.93 28.47 -6.59
C THR D 173 24.91 28.99 -5.16
N SER D 174 24.48 30.23 -4.98
CA SER D 174 24.37 30.81 -3.66
C SER D 174 23.36 30.01 -2.84
N TYR D 175 22.21 29.75 -3.43
CA TYR D 175 21.17 28.96 -2.79
C TYR D 175 21.73 27.60 -2.40
N PHE D 176 22.50 27.01 -3.31
CA PHE D 176 23.14 25.73 -3.09
C PHE D 176 24.07 25.78 -1.88
N MET D 177 24.90 26.81 -1.81
CA MET D 177 25.82 26.98 -0.70
C MET D 177 25.06 27.08 0.61
N ALA D 178 23.93 27.77 0.58
CA ALA D 178 23.10 27.94 1.76
C ALA D 178 22.71 26.58 2.34
N THR D 179 22.19 25.70 1.50
CA THR D 179 21.80 24.36 1.94
C THR D 179 23.01 23.64 2.51
N ASN D 180 24.15 23.75 1.82
CA ASN D 180 25.38 23.13 2.29
C ASN D 180 25.82 23.60 3.67
N SER D 181 25.57 24.88 3.97
CA SER D 181 25.99 25.43 5.25
C SER D 181 25.21 24.77 6.39
N LEU D 182 23.96 24.40 6.12
CA LEU D 182 23.12 23.75 7.12
C LEU D 182 23.54 22.30 7.30
N HIS D 183 24.13 21.72 6.26
CA HIS D 183 24.55 20.33 6.26
C HIS D 183 25.89 20.12 6.98
N LEU D 184 26.89 20.90 6.58
CA LEU D 184 28.27 20.61 6.95
C LEU D 184 28.83 21.50 8.07
N THR D 185 28.13 22.58 8.38
CA THR D 185 28.61 23.50 9.42
C THR D 185 27.54 23.73 10.48
N THR D 186 27.93 24.44 11.54
CA THR D 186 27.00 24.82 12.60
C THR D 186 26.79 26.33 12.59
N PHE D 187 26.83 26.93 11.41
CA PHE D 187 26.63 28.36 11.28
C PHE D 187 25.26 28.77 11.80
N SER D 188 24.28 27.86 11.67
CA SER D 188 22.93 28.15 12.15
C SER D 188 22.92 28.35 13.66
N LEU D 189 24.00 27.93 14.32
CA LEU D 189 24.13 28.09 15.76
C LEU D 189 25.08 29.23 16.13
N GLN D 190 25.70 29.85 15.13
CA GLN D 190 26.71 30.85 15.37
C GLN D 190 26.37 32.23 14.81
N TYR D 191 25.81 32.25 13.60
CA TYR D 191 25.59 33.51 12.90
C TYR D 191 24.15 33.62 12.43
N THR D 192 23.61 34.83 12.46
CA THR D 192 22.22 35.06 12.07
C THR D 192 22.04 34.77 10.58
N PRO D 193 20.84 34.31 10.20
CA PRO D 193 20.57 33.88 8.81
C PRO D 193 21.00 34.92 7.77
N PRO D 194 20.74 36.20 8.00
CA PRO D 194 21.19 37.22 7.03
C PRO D 194 22.71 37.19 6.83
N VAL D 195 23.46 37.07 7.92
CA VAL D 195 24.92 37.01 7.82
C VAL D 195 25.35 35.76 7.07
N VAL D 196 24.75 34.61 7.40
CA VAL D 196 25.08 33.36 6.73
C VAL D 196 24.77 33.45 5.24
N ALA D 197 23.68 34.15 4.91
CA ALA D 197 23.31 34.36 3.51
C ALA D 197 24.41 35.10 2.76
N CYS D 198 24.95 36.13 3.40
CA CYS D 198 26.04 36.91 2.79
C CYS D 198 27.26 36.03 2.57
N VAL D 199 27.57 35.19 3.55
CA VAL D 199 28.72 34.30 3.43
C VAL D 199 28.53 33.37 2.24
N CYS D 200 27.32 32.86 2.07
CA CYS D 200 27.01 31.94 0.98
C CYS D 200 27.11 32.61 -0.39
N ILE D 201 26.65 33.85 -0.47
CA ILE D 201 26.75 34.60 -1.72
C ILE D 201 28.21 34.93 -2.03
N HIS D 202 28.91 35.49 -1.05
CA HIS D 202 30.31 35.86 -1.21
C HIS D 202 31.13 34.66 -1.65
N LEU D 203 30.79 33.49 -1.11
CA LEU D 203 31.49 32.26 -1.44
C LEU D 203 31.18 31.82 -2.87
N ALA D 204 29.89 31.77 -3.20
CA ALA D 204 29.47 31.40 -4.54
C ALA D 204 30.11 32.32 -5.58
N CYS D 205 30.30 33.58 -5.22
CA CYS D 205 30.91 34.55 -6.12
C CYS D 205 32.38 34.20 -6.38
N LYS D 206 33.13 33.97 -5.31
CA LYS D 206 34.54 33.62 -5.44
C LYS D 206 34.71 32.35 -6.26
N TRP D 207 33.93 31.33 -5.93
CA TRP D 207 33.99 30.06 -6.64
C TRP D 207 33.63 30.25 -8.11
N SER D 208 32.57 31.01 -8.36
CA SER D 208 32.03 31.17 -9.69
C SER D 208 32.73 32.27 -10.49
N ASN D 209 33.60 33.02 -9.82
CA ASN D 209 34.34 34.11 -10.46
C ASN D 209 33.49 35.31 -10.86
N TRP D 210 32.28 35.41 -10.31
CA TRP D 210 31.46 36.59 -10.49
C TRP D 210 31.84 37.62 -9.43
N GLU D 211 31.73 38.90 -9.79
CA GLU D 211 31.95 39.97 -8.82
C GLU D 211 30.80 40.96 -8.86
N ILE D 212 30.20 41.19 -7.69
CA ILE D 212 29.10 42.13 -7.57
C ILE D 212 29.63 43.55 -7.37
N PRO D 213 29.24 44.48 -8.25
CA PRO D 213 29.70 45.86 -8.15
C PRO D 213 29.19 46.53 -6.88
N VAL D 214 29.64 47.75 -6.63
CA VAL D 214 29.04 48.58 -5.59
C VAL D 214 27.80 49.21 -6.19
N SER D 215 26.73 49.27 -5.41
CA SER D 215 25.46 49.83 -5.90
C SER D 215 25.68 51.25 -6.42
N THR D 216 24.67 51.76 -7.11
CA THR D 216 24.72 53.11 -7.66
C THR D 216 24.62 54.15 -6.55
N ASP D 217 24.57 53.68 -5.30
CA ASP D 217 24.51 54.57 -4.14
C ASP D 217 25.76 54.47 -3.27
N GLY D 218 26.77 53.74 -3.74
CA GLY D 218 28.02 53.62 -3.02
C GLY D 218 27.91 52.78 -1.76
N LYS D 219 27.15 51.69 -1.84
CA LYS D 219 27.03 50.76 -0.74
C LYS D 219 27.20 49.33 -1.27
N HIS D 220 28.05 48.56 -0.61
CA HIS D 220 28.32 47.19 -1.03
C HIS D 220 27.06 46.34 -0.86
N TRP D 221 26.96 45.28 -1.65
CA TRP D 221 25.73 44.50 -1.73
C TRP D 221 25.30 43.92 -0.38
N TRP D 222 26.26 43.53 0.45
CA TRP D 222 25.93 42.94 1.75
C TRP D 222 25.26 43.94 2.68
N GLU D 223 25.49 45.23 2.45
CA GLU D 223 24.89 46.27 3.28
C GLU D 223 23.37 46.30 3.11
N TYR D 224 22.87 45.68 2.05
CA TYR D 224 21.44 45.59 1.81
C TYR D 224 20.87 44.30 2.38
N VAL D 225 21.71 43.54 3.07
CA VAL D 225 21.28 42.28 3.69
C VAL D 225 21.43 42.33 5.21
N ASP D 226 22.51 42.95 5.68
CA ASP D 226 22.78 43.05 7.11
C ASP D 226 23.77 44.17 7.38
N ALA D 227 23.45 45.03 8.36
CA ALA D 227 24.23 46.23 8.60
C ALA D 227 25.48 45.96 9.45
N THR D 228 25.67 44.72 9.88
CA THR D 228 26.82 44.37 10.70
C THR D 228 27.95 43.78 9.85
N VAL D 229 27.58 43.27 8.67
CA VAL D 229 28.55 42.59 7.80
C VAL D 229 29.59 43.55 7.24
N THR D 230 30.85 43.11 7.31
CA THR D 230 31.96 43.81 6.66
C THR D 230 32.69 42.80 5.79
N LEU D 231 33.69 43.26 5.04
CA LEU D 231 34.40 42.37 4.13
C LEU D 231 35.36 41.45 4.89
N GLU D 232 35.84 41.91 6.05
CA GLU D 232 36.66 41.06 6.91
C GLU D 232 35.84 39.86 7.30
N LEU D 233 34.65 40.12 7.83
CA LEU D 233 33.76 39.06 8.29
C LEU D 233 33.47 38.08 7.16
N LEU D 234 33.24 38.58 5.97
CA LEU D 234 32.97 37.71 4.83
C LEU D 234 34.18 36.84 4.52
N ASP D 235 35.37 37.41 4.57
CA ASP D 235 36.59 36.65 4.36
C ASP D 235 36.85 35.70 5.54
N GLU D 236 36.57 36.19 6.74
CA GLU D 236 36.83 35.43 7.96
C GLU D 236 35.90 34.22 8.06
N LEU D 237 34.64 34.41 7.68
CA LEU D 237 33.65 33.36 7.79
C LEU D 237 33.74 32.40 6.60
N THR D 238 34.12 32.93 5.44
CA THR D 238 34.36 32.09 4.27
C THR D 238 35.52 31.16 4.58
N HIS D 239 36.54 31.72 5.22
CA HIS D 239 37.70 30.93 5.64
C HIS D 239 37.24 29.81 6.57
N GLU D 240 36.54 30.17 7.63
CA GLU D 240 36.03 29.19 8.59
C GLU D 240 35.21 28.11 7.89
N PHE D 241 34.39 28.52 6.92
CA PHE D 241 33.58 27.59 6.14
C PHE D 241 34.49 26.57 5.46
N LEU D 242 35.40 27.06 4.61
CA LEU D 242 36.33 26.19 3.90
C LEU D 242 37.11 25.30 4.86
N GLN D 243 37.42 25.83 6.04
CA GLN D 243 38.14 25.06 7.05
C GLN D 243 37.30 23.88 7.51
N ILE D 244 36.03 24.14 7.78
CA ILE D 244 35.11 23.09 8.23
C ILE D 244 34.97 22.02 7.15
N LEU D 245 34.97 22.44 5.89
CA LEU D 245 34.89 21.50 4.77
C LEU D 245 36.12 20.61 4.70
N GLU D 246 37.30 21.21 4.87
CA GLU D 246 38.55 20.47 4.82
C GLU D 246 38.56 19.28 5.80
N LYS D 247 37.91 19.47 6.95
CA LYS D 247 37.91 18.45 8.00
C LYS D 247 36.90 17.32 7.74
N THR D 248 35.93 17.56 6.86
CA THR D 248 34.92 16.55 6.58
C THR D 248 35.54 15.39 5.79
N PRO D 249 35.20 14.15 6.16
CA PRO D 249 35.81 12.95 5.59
C PRO D 249 35.70 12.87 4.06
N ASN D 250 34.56 12.44 3.56
CA ASN D 250 34.35 12.34 2.13
C ASN D 250 33.50 13.51 1.65
N ARG D 251 34.11 14.41 0.88
CA ARG D 251 33.38 15.55 0.34
C ARG D 251 32.61 15.16 -0.92
N LEU D 252 32.28 13.87 -1.01
CA LEU D 252 31.23 13.41 -1.89
C LEU D 252 29.90 13.77 -1.24
N LYS D 253 29.99 14.24 0.01
CA LYS D 253 28.86 14.79 0.75
C LYS D 253 28.41 16.14 0.22
N ARG D 254 29.38 16.97 -0.17
CA ARG D 254 29.09 18.30 -0.67
C ARG D 254 28.44 18.25 -2.04
N ILE D 255 28.46 17.09 -2.69
CA ILE D 255 27.93 16.96 -4.05
C ILE D 255 26.89 15.83 -4.22
N TRP D 256 26.85 14.87 -3.30
CA TRP D 256 25.87 13.78 -3.38
C TRP D 256 24.64 14.02 -2.50
N ASN D 257 23.81 14.99 -2.91
CA ASN D 257 22.61 15.36 -2.16
C ASN D 257 22.91 16.23 -0.94
N VAL E 10 25.20 -39.25 2.93
CA VAL E 10 24.61 -38.83 1.66
C VAL E 10 25.67 -38.17 0.78
N GLU E 11 26.22 -38.95 -0.16
CA GLU E 11 27.31 -38.48 -1.01
C GLU E 11 26.87 -37.33 -1.91
N CYS E 12 27.68 -36.29 -1.98
CA CYS E 12 27.39 -35.12 -2.80
C CYS E 12 28.68 -34.43 -3.20
N PRO E 13 29.45 -35.07 -4.11
CA PRO E 13 30.78 -34.61 -4.54
C PRO E 13 30.77 -33.35 -5.40
N PHE E 14 29.70 -33.11 -6.16
CA PHE E 14 29.71 -32.05 -7.16
C PHE E 14 28.92 -30.81 -6.76
N CYS E 15 28.51 -30.74 -5.50
CA CYS E 15 27.87 -29.54 -4.97
C CYS E 15 28.46 -29.22 -3.60
N ASP E 16 29.35 -28.24 -3.57
CA ASP E 16 30.05 -27.89 -2.35
C ASP E 16 29.19 -27.05 -1.41
N GLU E 17 29.47 -27.14 -0.12
CA GLU E 17 28.79 -26.33 0.87
C GLU E 17 29.32 -24.90 0.78
N VAL E 18 28.41 -23.93 0.83
CA VAL E 18 28.78 -22.53 0.66
C VAL E 18 29.72 -22.05 1.80
N SER E 19 29.88 -22.88 2.82
CA SER E 19 30.77 -22.56 3.94
C SER E 19 32.17 -22.20 3.46
N LYS E 20 32.57 -22.78 2.32
CA LYS E 20 33.90 -22.56 1.76
C LYS E 20 34.16 -21.08 1.49
N TYR E 21 33.09 -20.30 1.39
CA TYR E 21 33.20 -18.86 1.24
C TYR E 21 32.87 -18.15 2.56
N GLU E 22 33.53 -17.04 2.82
CA GLU E 22 33.22 -16.20 3.97
C GLU E 22 32.41 -15.01 3.48
N LYS E 23 31.20 -14.85 4.01
CA LYS E 23 30.36 -13.71 3.65
C LYS E 23 30.91 -12.43 4.27
N LEU E 24 30.93 -11.36 3.48
CA LEU E 24 31.53 -10.10 3.88
C LEU E 24 30.52 -8.95 3.96
N ALA E 25 29.48 -9.02 3.15
CA ALA E 25 28.49 -7.95 3.09
C ALA E 25 27.27 -8.36 2.27
N LYS E 26 26.10 -7.79 2.58
CA LYS E 26 24.90 -8.06 1.79
C LYS E 26 24.60 -6.93 0.80
N ILE E 27 24.40 -7.31 -0.44
CA ILE E 27 24.11 -6.35 -1.50
C ILE E 27 22.84 -6.79 -2.22
N GLY E 28 21.93 -5.86 -2.48
CA GLY E 28 20.72 -6.16 -3.24
C GLY E 28 19.77 -7.17 -2.60
N GLN E 29 18.49 -6.79 -2.53
CA GLN E 29 17.43 -7.69 -2.11
C GLN E 29 16.79 -8.29 -3.36
N GLY E 30 16.96 -9.59 -3.55
CA GLY E 30 16.69 -10.22 -4.83
C GLY E 30 15.27 -10.71 -5.05
N THR E 31 15.13 -11.60 -6.03
CA THR E 31 13.84 -12.16 -6.43
C THR E 31 13.66 -13.58 -5.88
N PHE E 32 14.78 -14.19 -5.47
CA PHE E 32 14.75 -15.53 -4.90
C PHE E 32 15.55 -15.59 -3.61
N GLY E 33 15.75 -14.42 -3.00
CA GLY E 33 16.59 -14.32 -1.83
C GLY E 33 17.44 -13.08 -1.91
N GLU E 34 18.63 -13.14 -1.33
CA GLU E 34 19.51 -11.98 -1.30
C GLU E 34 20.89 -12.31 -1.87
N VAL E 35 21.68 -11.27 -2.06
CA VAL E 35 23.02 -11.40 -2.62
C VAL E 35 24.07 -10.94 -1.62
N PHE E 36 25.15 -11.71 -1.50
CA PHE E 36 26.24 -11.38 -0.60
C PHE E 36 27.56 -11.27 -1.35
N LYS E 37 28.43 -10.37 -0.89
CA LYS E 37 29.81 -10.36 -1.33
C LYS E 37 30.58 -11.29 -0.40
N ALA E 38 31.39 -12.17 -0.98
CA ALA E 38 32.14 -13.14 -0.17
C ALA E 38 33.53 -13.41 -0.75
N ARG E 39 34.31 -14.20 -0.04
CA ARG E 39 35.65 -14.56 -0.49
C ARG E 39 35.94 -16.02 -0.15
N HIS E 40 36.64 -16.72 -1.05
CA HIS E 40 37.08 -18.07 -0.78
C HIS E 40 38.03 -18.05 0.40
N ARG E 41 37.77 -18.88 1.40
CA ARG E 41 38.55 -18.86 2.63
C ARG E 41 40.02 -19.21 2.41
N LYS E 42 40.30 -19.91 1.32
CA LYS E 42 41.66 -20.41 1.06
C LYS E 42 42.39 -19.65 -0.05
N THR E 43 41.64 -19.08 -1.00
CA THR E 43 42.25 -18.43 -2.15
C THR E 43 42.02 -16.91 -2.13
N GLY E 44 41.02 -16.47 -1.37
CA GLY E 44 40.70 -15.06 -1.26
C GLY E 44 39.91 -14.55 -2.45
N GLN E 45 39.50 -15.46 -3.33
CA GLN E 45 38.76 -15.10 -4.52
C GLN E 45 37.45 -14.41 -4.15
N LYS E 46 37.30 -13.16 -4.60
CA LYS E 46 36.06 -12.42 -4.38
C LYS E 46 34.95 -12.98 -5.26
N VAL E 47 33.82 -13.27 -4.64
CA VAL E 47 32.66 -13.78 -5.37
C VAL E 47 31.39 -13.09 -4.88
N ALA E 48 30.31 -13.33 -5.60
CA ALA E 48 29.00 -12.83 -5.20
C ALA E 48 28.04 -14.01 -5.09
N LEU E 49 27.48 -14.21 -3.90
CA LEU E 49 26.55 -15.30 -3.67
C LEU E 49 25.12 -14.80 -3.86
N LYS E 50 24.40 -15.41 -4.80
CA LYS E 50 23.00 -15.09 -5.00
C LYS E 50 22.13 -16.25 -4.52
N LYS E 51 21.46 -16.04 -3.40
CA LYS E 51 20.63 -17.08 -2.81
C LYS E 51 19.38 -17.36 -3.63
N VAL E 52 19.12 -18.65 -3.82
CA VAL E 52 17.87 -19.17 -4.34
C VAL E 52 17.02 -19.62 -3.16
N LEU E 53 15.85 -19.01 -2.98
CA LEU E 53 14.99 -19.32 -1.85
C LEU E 53 13.55 -19.55 -2.29
N MET E 54 12.83 -20.35 -1.52
CA MET E 54 11.42 -20.59 -1.75
C MET E 54 10.63 -20.00 -0.59
N GLU E 55 9.97 -18.87 -0.82
CA GLU E 55 9.26 -18.17 0.25
C GLU E 55 7.86 -17.72 -0.16
N ASN E 56 7.00 -18.65 -0.55
CA ASN E 56 7.33 -20.07 -0.61
C ASN E 56 7.07 -20.63 -2.01
N GLU E 57 7.62 -21.81 -2.28
CA GLU E 57 7.37 -22.51 -3.53
C GLU E 57 7.08 -23.97 -3.27
N LYS E 58 5.91 -24.41 -3.73
CA LYS E 58 5.38 -25.71 -3.38
C LYS E 58 5.45 -26.64 -4.58
N GLU E 59 6.41 -26.38 -5.46
CA GLU E 59 6.65 -27.22 -6.63
C GLU E 59 8.14 -27.55 -6.75
N GLY E 60 8.85 -27.53 -5.63
CA GLY E 60 10.25 -27.89 -5.61
C GLY E 60 11.15 -26.74 -6.01
N PHE E 61 12.14 -27.03 -6.85
CA PHE E 61 13.13 -26.05 -7.28
C PHE E 61 12.58 -25.17 -8.40
N PRO E 62 12.60 -23.83 -8.20
CA PRO E 62 12.10 -22.85 -9.18
C PRO E 62 12.54 -23.14 -10.61
N ILE E 63 11.59 -23.47 -11.48
CA ILE E 63 11.88 -23.67 -12.89
C ILE E 63 12.57 -22.43 -13.45
N THR E 64 12.13 -21.26 -12.99
CA THR E 64 12.71 -20.00 -13.43
C THR E 64 14.18 -19.88 -13.02
N ALA E 65 14.56 -20.60 -11.97
CA ALA E 65 15.96 -20.64 -11.53
C ALA E 65 16.75 -21.64 -12.37
N LEU E 66 16.15 -22.79 -12.66
CA LEU E 66 16.76 -23.77 -13.55
C LEU E 66 17.09 -23.13 -14.90
N ARG E 67 16.16 -22.32 -15.40
CA ARG E 67 16.37 -21.55 -16.62
C ARG E 67 17.65 -20.72 -16.51
N GLU E 68 17.70 -19.87 -15.48
CA GLU E 68 18.83 -18.97 -15.29
C GLU E 68 20.15 -19.74 -15.26
N ILE E 69 20.17 -20.86 -14.55
CA ILE E 69 21.39 -21.65 -14.40
C ILE E 69 21.81 -22.30 -15.73
N LYS E 70 20.85 -22.91 -16.40
CA LYS E 70 21.12 -23.54 -17.70
C LYS E 70 21.81 -22.55 -18.64
N ILE E 71 21.28 -21.33 -18.67
CA ILE E 71 21.78 -20.29 -19.57
C ILE E 71 23.14 -19.76 -19.10
N LEU E 72 23.27 -19.50 -17.81
CA LEU E 72 24.53 -19.02 -17.25
C LEU E 72 25.66 -20.00 -17.53
N GLN E 73 25.32 -21.30 -17.54
CA GLN E 73 26.30 -22.34 -17.78
C GLN E 73 26.68 -22.43 -19.25
N LEU E 74 25.77 -21.97 -20.11
CA LEU E 74 26.01 -21.95 -21.55
C LEU E 74 26.86 -20.75 -21.96
N LEU E 75 26.49 -19.58 -21.45
CA LEU E 75 27.12 -18.32 -21.84
C LEU E 75 28.47 -18.09 -21.14
N LYS E 76 29.56 -18.32 -21.86
CA LYS E 76 30.90 -18.09 -21.33
C LYS E 76 31.69 -17.15 -22.22
N HIS E 77 31.65 -15.87 -21.88
CA HIS E 77 32.25 -14.81 -22.69
C HIS E 77 32.75 -13.67 -21.81
N GLU E 78 33.77 -12.97 -22.26
CA GLU E 78 34.45 -11.95 -21.46
C GLU E 78 33.49 -10.88 -20.94
N ASN E 79 32.48 -10.55 -21.74
CA ASN E 79 31.52 -9.52 -21.36
C ASN E 79 30.17 -10.08 -20.89
N VAL E 80 30.19 -11.29 -20.34
CA VAL E 80 29.01 -11.86 -19.72
C VAL E 80 29.37 -12.39 -18.35
N VAL E 81 28.54 -12.08 -17.35
CA VAL E 81 28.82 -12.47 -15.97
C VAL E 81 29.13 -13.95 -15.88
N ASN E 82 30.10 -14.31 -15.05
CA ASN E 82 30.55 -15.68 -14.97
C ASN E 82 30.00 -16.43 -13.76
N LEU E 83 29.24 -17.49 -14.02
CA LEU E 83 28.77 -18.36 -12.95
C LEU E 83 29.85 -19.38 -12.61
N ILE E 84 30.49 -19.20 -11.46
CA ILE E 84 31.54 -20.10 -11.02
C ILE E 84 31.00 -21.50 -10.72
N GLU E 85 29.98 -21.56 -9.86
CA GLU E 85 29.42 -22.84 -9.45
C GLU E 85 28.10 -22.63 -8.72
N ILE E 86 27.56 -23.73 -8.20
CA ILE E 86 26.32 -23.69 -7.44
C ILE E 86 26.52 -24.40 -6.12
N CYS E 87 26.35 -23.67 -5.02
CA CYS E 87 26.60 -24.22 -3.69
C CYS E 87 25.32 -24.45 -2.90
N ARG E 88 25.41 -25.32 -1.90
CA ARG E 88 24.27 -25.66 -1.07
C ARG E 88 24.57 -25.34 0.39
N THR E 89 23.54 -25.42 1.23
CA THR E 89 23.72 -25.45 2.67
C THR E 89 23.32 -26.83 3.13
N LYS E 90 23.81 -27.26 4.29
CA LYS E 90 23.60 -28.63 4.75
C LYS E 90 22.30 -28.75 5.54
N SER E 100 19.18 -24.58 1.51
CA SER E 100 19.23 -23.42 0.63
C SER E 100 20.21 -23.66 -0.51
N ILE E 101 20.15 -22.82 -1.54
CA ILE E 101 21.01 -22.94 -2.70
C ILE E 101 21.51 -21.58 -3.14
N TYR E 102 22.80 -21.48 -3.45
CA TYR E 102 23.39 -20.22 -3.88
C TYR E 102 24.03 -20.33 -5.26
N LEU E 103 23.83 -19.33 -6.09
CA LEU E 103 24.58 -19.18 -7.33
C LEU E 103 25.81 -18.35 -7.04
N VAL E 104 26.98 -18.86 -7.38
CA VAL E 104 28.24 -18.16 -7.11
C VAL E 104 28.81 -17.52 -8.36
N PHE E 105 29.00 -16.20 -8.33
CA PHE E 105 29.52 -15.45 -9.47
C PHE E 105 30.90 -14.86 -9.18
N ASP E 106 31.65 -14.58 -10.24
CA ASP E 106 32.87 -13.80 -10.11
C ASP E 106 32.47 -12.37 -9.75
N PHE E 107 33.04 -11.85 -8.66
CA PHE E 107 32.63 -10.54 -8.15
C PHE E 107 32.89 -9.40 -9.14
N CYS E 108 31.98 -8.43 -9.14
CA CYS E 108 32.13 -7.23 -9.96
C CYS E 108 31.90 -6.00 -9.09
N GLU E 109 32.92 -5.15 -8.98
CA GLU E 109 32.88 -4.01 -8.08
C GLU E 109 31.73 -3.06 -8.37
N HIS E 110 31.58 -2.67 -9.62
CA HIS E 110 30.65 -1.61 -9.98
C HIS E 110 29.49 -2.09 -10.84
N ASP E 111 28.49 -1.24 -10.99
CA ASP E 111 27.43 -1.45 -11.96
C ASP E 111 27.07 -0.11 -12.59
N LEU E 112 26.69 -0.13 -13.86
CA LEU E 112 26.49 1.09 -14.64
C LEU E 112 25.50 2.04 -13.98
N ALA E 113 24.43 1.49 -13.43
CA ALA E 113 23.43 2.30 -12.75
C ALA E 113 24.07 3.09 -11.60
N GLY E 114 24.76 2.39 -10.72
CA GLY E 114 25.41 3.00 -9.58
C GLY E 114 26.44 4.04 -9.99
N LEU E 115 27.12 3.79 -11.10
CA LEU E 115 28.15 4.71 -11.59
C LEU E 115 27.53 6.00 -12.08
N LEU E 116 26.48 5.89 -12.89
CA LEU E 116 25.81 7.06 -13.44
C LEU E 116 25.05 7.83 -12.35
N SER E 117 24.80 7.17 -11.22
CA SER E 117 24.14 7.81 -10.09
C SER E 117 25.16 8.59 -9.26
N ASN E 118 26.42 8.16 -9.34
CA ASN E 118 27.50 8.83 -8.64
C ASN E 118 27.94 10.07 -9.40
N VAL E 119 27.78 11.22 -8.76
CA VAL E 119 28.03 12.50 -9.43
C VAL E 119 29.53 12.74 -9.60
N LEU E 120 30.32 12.03 -8.80
CA LEU E 120 31.78 12.18 -8.84
C LEU E 120 32.39 11.43 -10.00
N VAL E 121 31.65 10.48 -10.56
CA VAL E 121 32.14 9.69 -11.69
C VAL E 121 32.04 10.49 -12.98
N LYS E 122 33.12 10.50 -13.76
CA LYS E 122 33.17 11.23 -15.02
C LYS E 122 33.52 10.31 -16.18
N PHE E 123 32.68 10.28 -17.20
CA PHE E 123 32.95 9.48 -18.39
C PHE E 123 33.38 10.36 -19.56
N THR E 124 34.54 10.07 -20.12
CA THR E 124 34.99 10.76 -21.33
C THR E 124 34.33 10.11 -22.55
N LEU E 125 34.22 10.85 -23.64
CA LEU E 125 33.60 10.34 -24.86
C LEU E 125 34.27 9.03 -25.27
N SER E 126 35.58 8.97 -25.11
CA SER E 126 36.34 7.78 -25.46
C SER E 126 35.97 6.59 -24.58
N GLU E 127 35.70 6.85 -23.31
CA GLU E 127 35.38 5.79 -22.36
C GLU E 127 33.94 5.29 -22.53
N ILE E 128 33.04 6.18 -22.92
CA ILE E 128 31.67 5.79 -23.20
C ILE E 128 31.63 4.88 -24.42
N LYS E 129 32.50 5.16 -25.39
CA LYS E 129 32.64 4.30 -26.56
C LYS E 129 33.02 2.90 -26.11
N ARG E 130 34.01 2.83 -25.22
CA ARG E 130 34.51 1.54 -24.75
C ARG E 130 33.41 0.76 -24.03
N VAL E 131 32.64 1.45 -23.19
CA VAL E 131 31.53 0.83 -22.49
C VAL E 131 30.53 0.23 -23.47
N MET E 132 29.98 1.06 -24.35
CA MET E 132 29.02 0.58 -25.35
C MET E 132 29.59 -0.55 -26.20
N GLN E 133 30.88 -0.47 -26.51
CA GLN E 133 31.52 -1.49 -27.33
C GLN E 133 31.49 -2.85 -26.64
N MET E 134 31.82 -2.88 -25.36
CA MET E 134 31.82 -4.13 -24.61
C MET E 134 30.38 -4.65 -24.48
N LEU E 135 29.46 -3.75 -24.17
CA LEU E 135 28.05 -4.11 -24.02
C LEU E 135 27.54 -4.77 -25.30
N LEU E 136 27.84 -4.17 -26.45
CA LEU E 136 27.35 -4.67 -27.72
C LEU E 136 28.06 -5.96 -28.11
N ASN E 137 29.35 -6.08 -27.77
CA ASN E 137 30.07 -7.32 -28.03
C ASN E 137 29.48 -8.45 -27.19
N GLY E 138 29.01 -8.10 -26.00
CA GLY E 138 28.36 -9.06 -25.13
C GLY E 138 27.03 -9.53 -25.69
N LEU E 139 26.22 -8.58 -26.16
CA LEU E 139 24.93 -8.91 -26.76
C LEU E 139 25.12 -9.77 -28.01
N TYR E 140 26.12 -9.43 -28.81
CA TYR E 140 26.41 -10.19 -30.02
C TYR E 140 26.61 -11.66 -29.65
N TYR E 141 27.30 -11.90 -28.55
CA TYR E 141 27.62 -13.26 -28.12
C TYR E 141 26.38 -14.03 -27.72
N ILE E 142 25.56 -13.44 -26.86
CA ILE E 142 24.40 -14.16 -26.34
C ILE E 142 23.40 -14.44 -27.47
N HIS E 143 23.14 -13.46 -28.31
CA HIS E 143 22.23 -13.65 -29.43
C HIS E 143 22.77 -14.71 -30.38
N ARG E 144 24.09 -14.73 -30.56
CA ARG E 144 24.76 -15.74 -31.37
C ARG E 144 24.44 -17.12 -30.81
N ASN E 145 24.34 -17.21 -29.49
CA ASN E 145 24.01 -18.47 -28.83
C ASN E 145 22.52 -18.59 -28.55
N LYS E 146 21.72 -17.88 -29.35
CA LYS E 146 20.27 -18.02 -29.33
C LYS E 146 19.69 -17.82 -27.93
N ILE E 147 20.06 -16.70 -27.31
CA ILE E 147 19.53 -16.33 -26.00
C ILE E 147 19.06 -14.89 -26.01
N LEU E 148 17.95 -14.62 -25.33
CA LEU E 148 17.46 -13.25 -25.15
C LEU E 148 17.60 -12.85 -23.69
N HIS E 149 18.20 -11.70 -23.43
CA HIS E 149 18.39 -11.24 -22.06
C HIS E 149 17.03 -10.89 -21.46
N ARG E 150 16.26 -10.07 -22.17
CA ARG E 150 14.89 -9.77 -21.79
C ARG E 150 14.77 -8.95 -20.50
N ASP E 151 15.88 -8.41 -20.03
CA ASP E 151 15.86 -7.50 -18.89
C ASP E 151 17.07 -6.53 -18.88
N MET E 152 17.25 -5.81 -19.98
CA MET E 152 18.34 -4.85 -20.10
C MET E 152 18.06 -3.60 -19.28
N LYS E 153 19.10 -3.11 -18.60
CA LYS E 153 19.04 -1.86 -17.86
C LYS E 153 20.39 -1.61 -17.20
N ALA E 154 20.69 -0.34 -16.91
CA ALA E 154 21.96 0.03 -16.33
C ALA E 154 22.30 -0.84 -15.11
N ALA E 155 21.30 -1.11 -14.28
CA ALA E 155 21.50 -1.89 -13.07
C ALA E 155 22.03 -3.30 -13.37
N ASN E 156 21.72 -3.83 -14.54
CA ASN E 156 22.15 -5.18 -14.91
C ASN E 156 23.41 -5.19 -15.78
N VAL E 157 24.03 -4.03 -15.93
CA VAL E 157 25.33 -3.95 -16.57
C VAL E 157 26.39 -3.75 -15.50
N LEU E 158 27.22 -4.77 -15.29
CA LEU E 158 28.27 -4.70 -14.27
C LEU E 158 29.61 -4.33 -14.90
N ILE E 159 30.51 -3.80 -14.09
CA ILE E 159 31.88 -3.53 -14.52
C ILE E 159 32.84 -3.86 -13.38
N THR E 160 33.95 -4.50 -13.71
CA THR E 160 34.93 -4.90 -12.71
C THR E 160 35.92 -3.77 -12.43
N ARG E 161 36.73 -3.92 -11.39
CA ARG E 161 37.73 -2.92 -11.05
C ARG E 161 38.74 -2.75 -12.19
N ASP E 162 38.95 -3.81 -12.96
CA ASP E 162 39.89 -3.78 -14.07
C ASP E 162 39.25 -3.16 -15.33
N GLY E 163 37.96 -2.86 -15.25
CA GLY E 163 37.28 -2.15 -16.32
C GLY E 163 36.66 -3.05 -17.36
N VAL E 164 36.31 -4.27 -16.98
CA VAL E 164 35.68 -5.20 -17.90
C VAL E 164 34.16 -5.25 -17.67
N LEU E 165 33.40 -4.88 -18.68
CA LEU E 165 31.94 -4.85 -18.58
C LEU E 165 31.38 -6.26 -18.67
N LYS E 166 30.30 -6.53 -17.93
CA LYS E 166 29.68 -7.84 -17.91
C LYS E 166 28.16 -7.72 -17.86
N LEU E 167 27.46 -8.41 -18.75
CA LEU E 167 26.00 -8.46 -18.67
C LEU E 167 25.59 -9.41 -17.56
N ALA E 168 24.55 -9.05 -16.83
CA ALA E 168 24.13 -9.82 -15.67
C ALA E 168 22.61 -9.90 -15.55
N ASP E 169 22.17 -10.67 -14.56
CA ASP E 169 20.75 -10.93 -14.32
C ASP E 169 20.08 -11.59 -15.52
N PHE E 170 20.31 -12.89 -15.67
CA PHE E 170 19.66 -13.66 -16.71
C PHE E 170 18.42 -14.39 -16.18
N GLY E 171 17.89 -13.91 -15.06
CA GLY E 171 16.72 -14.51 -14.46
C GLY E 171 15.47 -14.29 -15.27
N LEU E 172 15.57 -13.44 -16.29
CA LEU E 172 14.44 -13.14 -17.18
C LEU E 172 14.68 -13.69 -18.59
N ALA E 173 15.87 -14.27 -18.82
CA ALA E 173 16.26 -14.67 -20.15
C ALA E 173 15.71 -16.04 -20.55
N ARG E 174 15.50 -16.22 -21.85
CA ARG E 174 15.09 -17.51 -22.40
C ARG E 174 15.84 -17.79 -23.69
N ALA E 175 15.67 -18.99 -24.23
CA ALA E 175 16.26 -19.34 -25.51
C ALA E 175 15.24 -19.02 -26.59
N PHE E 176 15.72 -18.79 -27.82
CA PHE E 176 14.82 -18.49 -28.93
C PHE E 176 15.24 -19.21 -30.20
N SER E 177 14.25 -19.66 -30.96
CA SER E 177 14.50 -20.40 -32.19
C SER E 177 14.09 -19.55 -33.39
N LEU E 178 14.85 -19.71 -34.47
CA LEU E 178 14.62 -19.00 -35.73
C LEU E 178 13.56 -19.71 -36.57
N ALA E 179 12.76 -20.55 -35.95
CA ALA E 179 11.79 -21.35 -36.68
C ALA E 179 10.44 -20.65 -36.79
N LYS E 180 10.43 -19.54 -37.52
CA LYS E 180 9.18 -18.83 -37.79
C LYS E 180 8.48 -19.43 -39.01
N ASN E 181 8.81 -20.69 -39.32
CA ASN E 181 8.20 -21.39 -40.44
C ASN E 181 6.86 -22.01 -40.06
N SER E 182 6.91 -23.06 -39.25
CA SER E 182 5.71 -23.78 -38.84
C SER E 182 4.65 -22.80 -38.34
N GLN E 183 4.82 -22.33 -37.11
CA GLN E 183 3.93 -21.33 -36.55
C GLN E 183 4.78 -20.33 -35.75
N PRO E 184 4.57 -19.02 -35.98
CA PRO E 184 5.37 -18.00 -35.31
C PRO E 184 5.52 -18.24 -33.81
N ASN E 185 6.61 -17.75 -33.23
CA ASN E 185 6.87 -17.93 -31.81
C ASN E 185 5.83 -17.21 -30.96
N ARG E 186 5.48 -17.82 -29.82
CA ARG E 186 4.55 -17.21 -28.87
C ARG E 186 5.20 -17.11 -27.49
N TYR E 187 6.10 -16.15 -27.34
CA TYR E 187 6.81 -15.97 -26.07
C TYR E 187 6.02 -15.09 -25.13
N TPO E 188 6.44 -15.03 -23.87
CA TPO E 188 5.82 -14.14 -22.89
CB TPO E 188 6.46 -14.30 -21.53
CG2 TPO E 188 5.49 -15.00 -20.57
OG1 TPO E 188 7.75 -14.92 -21.69
P TPO E 188 7.88 -16.49 -21.35
O1P TPO E 188 8.65 -16.61 -20.10
O2P TPO E 188 6.47 -17.27 -21.19
O3P TPO E 188 8.70 -17.18 -22.55
C TPO E 188 6.00 -12.72 -23.39
O TPO E 188 7.08 -12.33 -23.80
H TPO E 188 7.09 -15.50 -23.55
HA TPO E 188 4.87 -14.34 -22.82
HB TPO E 188 6.64 -13.29 -21.13
HG21 TPO E 188 5.96 -15.10 -19.59
HG22 TPO E 188 5.25 -15.98 -20.97
HG23 TPO E 188 4.58 -14.41 -20.49
N ASN E 189 4.91 -11.96 -23.37
CA ASN E 189 4.92 -10.61 -23.88
C ASN E 189 5.36 -9.56 -22.85
N ARG E 190 4.86 -9.68 -21.63
CA ARG E 190 5.17 -8.72 -20.58
C ARG E 190 6.57 -8.99 -20.01
N VAL E 191 7.59 -8.62 -20.78
CA VAL E 191 8.97 -8.80 -20.36
C VAL E 191 9.75 -7.49 -20.52
N VAL E 192 10.88 -7.41 -19.83
CA VAL E 192 11.71 -6.20 -19.80
C VAL E 192 11.07 -5.13 -18.92
N THR E 193 11.89 -4.48 -18.10
CA THR E 193 11.41 -3.38 -17.27
C THR E 193 10.75 -2.35 -18.17
N LEU E 194 9.65 -1.78 -17.69
CA LEU E 194 8.84 -0.87 -18.51
C LEU E 194 9.67 0.19 -19.22
N TRP E 195 10.54 0.87 -18.48
CA TRP E 195 11.32 1.97 -19.02
C TRP E 195 12.24 1.56 -20.18
N TYR E 196 12.63 0.30 -20.24
CA TYR E 196 13.56 -0.17 -21.27
C TYR E 196 12.86 -1.07 -22.30
N ARG E 197 11.54 -1.11 -22.24
CA ARG E 197 10.77 -1.98 -23.12
C ARG E 197 10.57 -1.37 -24.50
N PRO E 198 10.87 -2.13 -25.56
CA PRO E 198 10.69 -1.66 -26.93
C PRO E 198 9.22 -1.55 -27.33
N PRO E 199 8.93 -0.77 -28.37
CA PRO E 199 7.55 -0.55 -28.84
C PRO E 199 6.84 -1.86 -29.20
N GLU E 200 7.52 -2.76 -29.90
CA GLU E 200 6.89 -3.98 -30.38
C GLU E 200 6.30 -4.79 -29.22
N LEU E 201 6.95 -4.73 -28.06
CA LEU E 201 6.46 -5.46 -26.90
C LEU E 201 5.27 -4.74 -26.26
N LEU E 202 5.31 -3.42 -26.26
CA LEU E 202 4.21 -2.63 -25.73
C LEU E 202 2.96 -2.76 -26.60
N LEU E 203 3.16 -3.05 -27.88
CA LEU E 203 2.04 -3.24 -28.81
C LEU E 203 1.47 -4.66 -28.74
N GLY E 204 2.16 -5.54 -28.03
CA GLY E 204 1.66 -6.88 -27.77
C GLY E 204 2.29 -7.97 -28.63
N GLU E 205 3.50 -7.72 -29.10
CA GLU E 205 4.22 -8.71 -29.91
C GLU E 205 4.62 -9.93 -29.09
N ARG E 206 4.40 -11.12 -29.63
CA ARG E 206 4.86 -12.35 -28.99
C ARG E 206 5.90 -13.07 -29.85
N ASP E 207 5.97 -12.69 -31.12
CA ASP E 207 6.97 -13.25 -32.03
C ASP E 207 8.10 -12.25 -32.22
N TYR E 208 8.91 -12.07 -31.19
CA TYR E 208 10.02 -11.12 -31.22
C TYR E 208 11.34 -11.86 -31.09
N GLY E 209 12.43 -11.09 -31.04
CA GLY E 209 13.76 -11.66 -30.94
C GLY E 209 14.79 -10.65 -30.44
N PRO E 210 16.05 -10.88 -30.77
CA PRO E 210 17.19 -10.08 -30.30
C PRO E 210 16.96 -8.56 -30.34
N PRO E 211 16.23 -8.06 -31.34
CA PRO E 211 16.06 -6.61 -31.43
C PRO E 211 15.52 -5.95 -30.14
N ILE E 212 14.80 -6.71 -29.32
CA ILE E 212 14.26 -6.13 -28.08
C ILE E 212 15.40 -5.75 -27.14
N ASP E 213 16.47 -6.56 -27.14
CA ASP E 213 17.62 -6.30 -26.29
C ASP E 213 18.40 -5.07 -26.76
N LEU E 214 18.42 -4.84 -28.07
CA LEU E 214 19.19 -3.71 -28.60
C LEU E 214 18.46 -2.39 -28.42
N TRP E 215 17.13 -2.43 -28.36
CA TRP E 215 16.38 -1.25 -27.99
C TRP E 215 16.84 -0.83 -26.61
N GLY E 216 16.99 -1.81 -25.72
CA GLY E 216 17.48 -1.55 -24.38
C GLY E 216 18.87 -0.93 -24.42
N ALA E 217 19.73 -1.48 -25.27
CA ALA E 217 21.10 -0.98 -25.41
C ALA E 217 21.08 0.50 -25.80
N GLY E 218 20.12 0.87 -26.63
CA GLY E 218 19.97 2.25 -27.05
C GLY E 218 19.58 3.15 -25.89
N CYS E 219 18.64 2.69 -25.07
CA CYS E 219 18.21 3.45 -23.91
C CYS E 219 19.39 3.66 -22.95
N ILE E 220 20.21 2.62 -22.80
CA ILE E 220 21.37 2.68 -21.91
C ILE E 220 22.43 3.63 -22.47
N MET E 221 22.66 3.57 -23.77
CA MET E 221 23.65 4.42 -24.41
C MET E 221 23.34 5.90 -24.17
N ALA E 222 22.06 6.24 -24.22
CA ALA E 222 21.63 7.62 -23.98
C ALA E 222 21.85 7.99 -22.52
N GLU E 223 21.65 7.02 -21.62
CA GLU E 223 21.85 7.26 -20.19
C GLU E 223 23.29 7.66 -19.87
N MET E 224 24.23 7.19 -20.70
CA MET E 224 25.64 7.47 -20.46
C MET E 224 25.88 8.97 -20.40
N TRP E 225 25.03 9.74 -21.07
CA TRP E 225 25.14 11.19 -21.07
C TRP E 225 24.08 11.85 -20.18
N THR E 226 22.83 11.41 -20.31
CA THR E 226 21.73 12.02 -19.57
C THR E 226 21.76 11.67 -18.09
N ARG E 227 22.43 10.56 -17.77
CA ARG E 227 22.61 10.10 -16.40
C ARG E 227 21.32 9.57 -15.75
N SER E 228 20.24 9.49 -16.53
CA SER E 228 18.98 8.96 -16.02
C SER E 228 18.14 8.36 -17.14
N PRO E 229 17.37 7.31 -16.82
CA PRO E 229 16.51 6.67 -17.83
C PRO E 229 15.72 7.71 -18.62
N ILE E 230 15.86 7.66 -19.94
CA ILE E 230 15.30 8.71 -20.81
C ILE E 230 13.78 8.68 -20.92
N MET E 231 13.17 7.51 -20.75
CA MET E 231 11.72 7.38 -20.86
C MET E 231 11.12 6.63 -19.66
N GLN E 232 10.75 7.38 -18.64
CA GLN E 232 10.26 6.79 -17.39
C GLN E 232 8.73 6.82 -17.33
N GLY E 233 8.10 5.80 -17.91
CA GLY E 233 6.65 5.72 -17.92
C GLY E 233 6.07 5.23 -16.61
N ASN E 234 4.75 5.34 -16.47
CA ASN E 234 4.06 4.87 -15.29
C ASN E 234 3.10 3.74 -15.63
N THR E 235 2.74 3.64 -16.91
CA THR E 235 1.84 2.61 -17.40
C THR E 235 2.32 2.20 -18.77
N GLU E 236 1.87 1.03 -19.23
CA GLU E 236 2.32 0.52 -20.53
C GLU E 236 2.07 1.53 -21.64
N GLN E 237 0.98 2.28 -21.55
CA GLN E 237 0.61 3.19 -22.62
C GLN E 237 1.28 4.56 -22.48
N HIS E 238 1.52 4.99 -21.24
CA HIS E 238 2.28 6.21 -21.02
C HIS E 238 3.69 6.02 -21.58
N GLN E 239 4.23 4.82 -21.39
CA GLN E 239 5.53 4.48 -21.96
C GLN E 239 5.48 4.66 -23.47
N LEU E 240 4.46 4.07 -24.10
CA LEU E 240 4.26 4.19 -25.54
C LEU E 240 4.15 5.65 -25.96
N ALA E 241 3.55 6.47 -25.11
CA ALA E 241 3.39 7.89 -25.39
C ALA E 241 4.75 8.59 -25.39
N LEU E 242 5.55 8.33 -24.36
CA LEU E 242 6.87 8.93 -24.25
C LEU E 242 7.76 8.53 -25.43
N ILE E 243 7.59 7.30 -25.91
CA ILE E 243 8.32 6.82 -27.07
C ILE E 243 7.90 7.61 -28.31
N SER E 244 6.60 7.82 -28.46
CA SER E 244 6.08 8.58 -29.59
C SER E 244 6.63 10.01 -29.56
N GLN E 245 6.70 10.59 -28.38
CA GLN E 245 7.19 11.96 -28.22
C GLN E 245 8.66 12.08 -28.65
N LEU E 246 9.41 10.99 -28.48
CA LEU E 246 10.84 11.01 -28.75
C LEU E 246 11.16 10.46 -30.15
N CYS E 247 10.61 9.29 -30.46
CA CYS E 247 10.96 8.58 -31.68
C CYS E 247 10.06 8.91 -32.87
N GLY E 248 8.96 9.62 -32.61
CA GLY E 248 8.00 9.96 -33.65
C GLY E 248 6.78 9.07 -33.56
N SER E 249 5.70 9.49 -34.20
CA SER E 249 4.44 8.77 -34.15
C SER E 249 4.56 7.37 -34.76
N ILE E 250 3.84 6.41 -34.18
CA ILE E 250 3.84 5.05 -34.68
C ILE E 250 2.82 4.90 -35.80
N THR E 251 3.33 4.79 -37.03
CA THR E 251 2.46 4.67 -38.20
C THR E 251 3.00 3.61 -39.14
N PRO E 252 2.11 2.98 -39.93
CA PRO E 252 2.51 1.98 -40.91
C PRO E 252 3.52 2.54 -41.92
N GLU E 253 3.49 3.85 -42.12
CA GLU E 253 4.39 4.50 -43.07
C GLU E 253 5.84 4.36 -42.63
N VAL E 254 6.07 4.30 -41.32
CA VAL E 254 7.42 4.17 -40.78
C VAL E 254 7.64 2.80 -40.15
N TRP E 255 6.55 2.04 -40.00
CA TRP E 255 6.62 0.71 -39.40
C TRP E 255 5.64 -0.21 -40.11
N PRO E 256 6.02 -0.67 -41.32
CA PRO E 256 5.15 -1.48 -42.18
C PRO E 256 4.49 -2.64 -41.45
N ASN E 257 3.18 -2.79 -41.65
CA ASN E 257 2.43 -3.92 -41.11
C ASN E 257 2.31 -3.86 -39.58
N VAL E 258 2.29 -2.65 -39.04
CA VAL E 258 2.07 -2.45 -37.62
C VAL E 258 0.56 -2.44 -37.32
N ASP E 259 -0.24 -2.33 -38.37
CA ASP E 259 -1.69 -2.34 -38.23
C ASP E 259 -2.16 -3.65 -37.60
N ASN E 260 -1.45 -4.72 -37.91
CA ASN E 260 -1.86 -6.06 -37.51
C ASN E 260 -1.88 -6.29 -36.01
N TYR E 261 -1.15 -5.46 -35.27
CA TYR E 261 -1.19 -5.54 -33.80
C TYR E 261 -2.60 -5.20 -33.33
N GLU E 262 -3.20 -6.10 -32.55
CA GLU E 262 -4.55 -5.90 -32.06
C GLU E 262 -4.71 -4.55 -31.35
N LEU E 263 -3.62 -4.06 -30.77
CA LEU E 263 -3.70 -2.88 -29.93
C LEU E 263 -3.41 -1.58 -30.68
N TYR E 264 -3.00 -1.67 -31.93
CA TYR E 264 -2.66 -0.48 -32.71
C TYR E 264 -3.83 0.52 -32.75
N GLU E 265 -5.04 0.00 -32.91
CA GLU E 265 -6.21 0.86 -32.93
C GLU E 265 -6.75 1.05 -31.52
N LYS E 266 -6.72 -0.02 -30.72
CA LYS E 266 -7.28 -0.01 -29.38
C LYS E 266 -6.41 0.78 -28.38
N LEU E 267 -5.30 1.34 -28.86
CA LEU E 267 -4.46 2.19 -28.03
C LEU E 267 -4.44 3.62 -28.55
N GLU E 268 -4.99 4.54 -27.76
CA GLU E 268 -4.92 5.96 -28.08
C GLU E 268 -3.47 6.35 -28.33
N LEU E 269 -3.14 6.59 -29.60
CA LEU E 269 -1.78 6.92 -29.99
C LEU E 269 -1.70 8.28 -30.68
N VAL E 270 -0.92 9.19 -30.10
CA VAL E 270 -0.70 10.51 -30.68
C VAL E 270 -0.28 10.36 -32.15
N LYS E 271 -0.82 11.22 -33.01
CA LYS E 271 -0.69 11.05 -34.45
C LYS E 271 0.27 12.04 -35.12
N GLY E 272 0.48 13.19 -34.49
CA GLY E 272 1.23 14.27 -35.12
C GLY E 272 2.72 14.28 -34.86
N GLN E 273 3.19 13.48 -33.91
CA GLN E 273 4.59 13.52 -33.46
C GLN E 273 5.58 13.29 -34.60
N LYS E 274 6.63 14.11 -34.64
CA LYS E 274 7.76 13.90 -35.53
C LYS E 274 8.88 13.22 -34.75
N ARG E 275 9.94 12.81 -35.44
CA ARG E 275 11.05 12.16 -34.77
C ARG E 275 12.00 13.20 -34.19
N LYS E 276 12.27 13.07 -32.89
CA LYS E 276 13.05 14.08 -32.17
C LYS E 276 14.22 13.46 -31.41
N VAL E 277 14.55 12.22 -31.72
CA VAL E 277 15.61 11.51 -31.00
C VAL E 277 16.92 12.30 -30.99
N LYS E 278 17.44 12.60 -32.19
CA LYS E 278 18.71 13.33 -32.30
C LYS E 278 18.60 14.73 -31.72
N ASP E 279 17.55 15.46 -32.11
CA ASP E 279 17.36 16.83 -31.64
C ASP E 279 17.33 16.91 -30.12
N ARG E 280 16.76 15.90 -29.47
CA ARG E 280 16.59 15.93 -28.02
C ARG E 280 17.88 15.62 -27.28
N LEU E 281 18.65 14.66 -27.79
CA LEU E 281 19.88 14.24 -27.13
C LEU E 281 21.07 15.09 -27.52
N LYS E 282 20.92 15.91 -28.55
CA LYS E 282 22.00 16.76 -29.03
C LYS E 282 22.61 17.57 -27.89
N ALA E 283 21.76 18.08 -26.99
CA ALA E 283 22.21 18.90 -25.88
C ALA E 283 23.13 18.15 -24.92
N TYR E 284 22.90 16.84 -24.80
CA TYR E 284 23.65 16.02 -23.85
C TYR E 284 24.90 15.40 -24.47
N VAL E 285 24.76 14.91 -25.70
CA VAL E 285 25.79 14.10 -26.34
C VAL E 285 26.78 14.93 -27.17
N ARG E 286 26.29 15.55 -28.24
CA ARG E 286 27.09 16.44 -29.09
C ARG E 286 27.77 15.71 -30.25
N ASP E 287 28.58 14.70 -29.94
CA ASP E 287 29.28 13.94 -30.98
C ASP E 287 28.28 13.36 -31.98
N PRO E 288 28.44 13.71 -33.28
CA PRO E 288 27.47 13.29 -34.30
C PRO E 288 27.35 11.78 -34.44
N TYR E 289 28.48 11.08 -34.46
CA TYR E 289 28.47 9.62 -34.61
C TYR E 289 27.68 8.97 -33.48
N ALA E 290 27.85 9.48 -32.27
CA ALA E 290 27.14 8.95 -31.11
C ALA E 290 25.65 9.10 -31.30
N LEU E 291 25.21 10.32 -31.63
CA LEU E 291 23.81 10.60 -31.85
C LEU E 291 23.23 9.70 -32.93
N ASP E 292 24.05 9.40 -33.94
CA ASP E 292 23.57 8.62 -35.08
C ASP E 292 23.30 7.17 -34.67
N LEU E 293 24.26 6.56 -33.98
CA LEU E 293 24.10 5.19 -33.53
C LEU E 293 22.87 5.05 -32.61
N ILE E 294 22.71 6.00 -31.70
CA ILE E 294 21.53 6.02 -30.83
C ILE E 294 20.25 6.10 -31.66
N ASP E 295 20.27 6.94 -32.68
CA ASP E 295 19.12 7.12 -33.55
C ASP E 295 18.77 5.79 -34.24
N LYS E 296 19.76 4.96 -34.47
CA LYS E 296 19.56 3.67 -35.14
C LYS E 296 19.17 2.56 -34.16
N LEU E 297 19.52 2.73 -32.90
CA LEU E 297 19.16 1.76 -31.87
C LEU E 297 17.73 1.95 -31.41
N LEU E 298 17.27 3.21 -31.38
CA LEU E 298 15.92 3.52 -30.95
C LEU E 298 14.98 3.63 -32.14
N VAL E 299 15.00 2.62 -33.00
CA VAL E 299 14.12 2.57 -34.16
C VAL E 299 12.84 1.80 -33.82
N LEU E 300 11.70 2.38 -34.15
CA LEU E 300 10.41 1.80 -33.82
C LEU E 300 10.26 0.40 -34.43
N ASP E 301 10.42 0.32 -35.74
CA ASP E 301 10.32 -0.96 -36.44
C ASP E 301 11.51 -1.86 -36.07
N PRO E 302 11.24 -2.93 -35.30
CA PRO E 302 12.33 -3.83 -34.91
C PRO E 302 13.09 -4.42 -36.10
N ALA E 303 12.39 -4.57 -37.22
CA ALA E 303 13.00 -5.11 -38.44
C ALA E 303 13.99 -4.11 -39.05
N GLN E 304 13.77 -2.83 -38.79
CA GLN E 304 14.64 -1.78 -39.31
C GLN E 304 15.60 -1.27 -38.25
N ARG E 305 15.58 -1.89 -37.08
CA ARG E 305 16.47 -1.50 -35.99
C ARG E 305 17.82 -2.19 -36.15
N ILE E 306 18.89 -1.43 -35.92
CA ILE E 306 20.25 -1.93 -36.08
C ILE E 306 20.51 -3.10 -35.14
N ASP E 307 21.30 -4.05 -35.60
CA ASP E 307 21.64 -5.23 -34.80
C ASP E 307 23.00 -5.05 -34.13
N SER E 308 23.47 -6.08 -33.44
CA SER E 308 24.71 -6.00 -32.68
C SER E 308 25.91 -5.83 -33.61
N ASP E 309 25.94 -6.63 -34.67
CA ASP E 309 27.07 -6.65 -35.58
C ASP E 309 27.25 -5.30 -36.28
N ASP E 310 26.18 -4.80 -36.90
CA ASP E 310 26.24 -3.52 -37.59
C ASP E 310 26.60 -2.39 -36.64
N ALA E 311 26.04 -2.44 -35.44
CA ALA E 311 26.31 -1.41 -34.43
C ALA E 311 27.80 -1.35 -34.10
N LEU E 312 28.42 -2.51 -33.93
CA LEU E 312 29.83 -2.58 -33.56
C LEU E 312 30.75 -2.06 -34.65
N ASN E 313 30.28 -2.09 -35.90
CA ASN E 313 31.07 -1.59 -37.02
C ASN E 313 30.66 -0.18 -37.43
N HIS E 314 29.77 0.42 -36.65
CA HIS E 314 29.30 1.78 -36.90
C HIS E 314 30.45 2.76 -36.60
N ASP E 315 30.49 3.86 -37.36
CA ASP E 315 31.61 4.81 -37.29
C ASP E 315 31.96 5.25 -35.87
N PHE E 316 30.94 5.50 -35.04
CA PHE E 316 31.12 5.80 -33.63
C PHE E 316 32.32 5.11 -32.98
N PHE E 317 32.53 3.84 -33.32
CA PHE E 317 33.60 3.06 -32.70
C PHE E 317 34.92 3.12 -33.46
N TRP E 318 34.91 3.76 -34.63
CA TRP E 318 36.08 3.79 -35.50
C TRP E 318 36.37 5.20 -35.99
N SER E 319 36.16 6.18 -35.11
CA SER E 319 36.49 7.57 -35.40
C SER E 319 36.96 8.21 -34.11
N ASP E 320 37.82 9.22 -34.22
CA ASP E 320 38.43 9.84 -33.05
C ASP E 320 37.40 10.57 -32.20
N PRO E 321 37.51 10.43 -30.87
CA PRO E 321 38.54 9.64 -30.19
C PRO E 321 38.20 8.15 -30.15
N MET E 322 39.18 7.30 -30.38
CA MET E 322 38.97 5.86 -30.30
C MET E 322 38.68 5.45 -28.87
N PRO E 323 37.95 4.32 -28.69
CA PRO E 323 37.62 3.82 -27.35
C PRO E 323 38.86 3.60 -26.49
N SER E 324 38.74 3.81 -25.18
CA SER E 324 39.88 3.62 -24.26
C SER E 324 39.47 2.85 -23.01
N ASP E 325 40.46 2.24 -22.35
CA ASP E 325 40.22 1.43 -21.17
C ASP E 325 39.62 2.27 -20.04
N LEU E 326 39.04 1.59 -19.04
CA LEU E 326 38.30 2.26 -17.98
C LEU E 326 38.99 2.29 -16.62
N LYS E 327 40.00 1.45 -16.43
CA LYS E 327 40.67 1.32 -15.12
C LYS E 327 40.85 2.65 -14.40
N GLY E 328 41.44 3.63 -15.09
CA GLY E 328 41.74 4.91 -14.47
C GLY E 328 40.51 5.66 -14.01
N MET E 329 39.46 5.63 -14.83
CA MET E 329 38.24 6.38 -14.56
C MET E 329 37.43 5.79 -13.40
N LEU E 330 37.75 4.56 -13.01
CA LEU E 330 36.98 3.86 -11.98
C LEU E 330 37.56 4.00 -10.57
N SER E 331 38.76 4.56 -10.46
CA SER E 331 39.38 4.77 -9.15
C SER E 331 38.73 5.95 -8.43
N THR E 332 37.89 6.69 -9.14
CA THR E 332 37.19 7.84 -8.57
C THR E 332 35.71 7.54 -8.40
N ASN F 8 36.74 -31.52 -17.44
CA ASN F 8 35.36 -31.80 -17.07
C ASN F 8 34.64 -32.60 -18.16
N ASN F 9 34.90 -32.25 -19.41
CA ASN F 9 34.25 -32.89 -20.55
C ASN F 9 34.09 -34.41 -20.39
N LYS F 10 35.11 -35.06 -19.86
CA LYS F 10 35.09 -36.51 -19.70
C LYS F 10 34.61 -36.95 -18.31
N ARG F 11 33.75 -36.14 -17.70
CA ARG F 11 33.30 -36.41 -16.34
C ARG F 11 32.22 -37.49 -16.28
N TRP F 12 31.18 -37.35 -17.09
CA TRP F 12 30.07 -38.29 -17.07
C TRP F 12 30.22 -39.37 -18.16
N TYR F 13 31.46 -39.73 -18.42
CA TYR F 13 31.77 -40.82 -19.34
C TYR F 13 32.75 -41.74 -18.64
N PHE F 14 32.54 -43.05 -18.77
CA PHE F 14 33.28 -44.02 -17.98
C PHE F 14 33.82 -45.17 -18.81
N THR F 15 34.88 -45.78 -18.30
CA THR F 15 35.43 -46.99 -18.89
C THR F 15 34.74 -48.21 -18.29
N ARG F 16 34.88 -49.36 -18.93
CA ARG F 16 34.24 -50.58 -18.44
C ARG F 16 34.67 -50.88 -17.01
N GLU F 17 35.90 -50.50 -16.67
CA GLU F 17 36.41 -50.69 -15.32
C GLU F 17 35.62 -49.86 -14.32
N GLN F 18 35.35 -48.60 -14.68
CA GLN F 18 34.60 -47.70 -13.82
C GLN F 18 33.14 -48.12 -13.73
N LEU F 19 32.62 -48.70 -14.81
CA LEU F 19 31.24 -49.18 -14.83
C LEU F 19 31.11 -50.46 -13.99
N GLU F 20 32.09 -51.34 -14.11
CA GLU F 20 32.13 -52.55 -13.31
C GLU F 20 32.23 -52.19 -11.83
N ASN F 21 33.12 -51.26 -11.53
CA ASN F 21 33.35 -50.82 -10.15
C ASN F 21 32.39 -49.70 -9.75
N SER F 22 31.09 -49.95 -9.90
CA SER F 22 30.08 -48.94 -9.61
C SER F 22 29.80 -48.84 -8.11
N PRO F 23 29.08 -47.79 -7.70
CA PRO F 23 28.69 -47.64 -6.30
C PRO F 23 27.84 -48.81 -5.81
N SER F 24 26.98 -49.31 -6.68
CA SER F 24 26.12 -50.43 -6.34
C SER F 24 26.92 -51.73 -6.25
N ARG F 25 27.97 -51.83 -7.05
CA ARG F 25 28.88 -52.97 -6.96
C ARG F 25 29.57 -52.94 -5.61
N ARG F 26 29.82 -51.73 -5.12
CA ARG F 26 30.44 -51.53 -3.82
C ARG F 26 29.60 -52.18 -2.72
N PHE F 27 28.29 -52.27 -2.94
CA PHE F 27 27.38 -52.85 -1.97
C PHE F 27 26.91 -54.25 -2.38
N GLY F 28 27.62 -54.87 -3.31
CA GLY F 28 27.39 -56.26 -3.67
C GLY F 28 26.19 -56.50 -4.57
N VAL F 29 26.04 -55.70 -5.61
CA VAL F 29 24.97 -55.88 -6.58
C VAL F 29 25.54 -56.42 -7.89
N ASP F 30 25.05 -57.58 -8.32
CA ASP F 30 25.47 -58.17 -9.59
C ASP F 30 25.53 -57.11 -10.68
N PRO F 31 26.56 -57.20 -11.54
CA PRO F 31 26.64 -56.31 -12.70
C PRO F 31 25.38 -56.40 -13.56
N ASP F 32 24.89 -57.62 -13.73
CA ASP F 32 23.69 -57.86 -14.54
C ASP F 32 22.43 -57.38 -13.82
N LYS F 33 22.44 -57.45 -12.50
CA LYS F 33 21.29 -57.02 -11.71
C LYS F 33 21.21 -55.49 -11.69
N GLU F 34 22.37 -54.83 -11.73
CA GLU F 34 22.40 -53.38 -11.81
C GLU F 34 21.91 -52.93 -13.18
N LEU F 35 22.38 -53.61 -14.21
CA LEU F 35 21.94 -53.33 -15.57
C LEU F 35 20.43 -53.45 -15.62
N SER F 36 19.91 -54.50 -14.98
CA SER F 36 18.48 -54.76 -14.92
C SER F 36 17.74 -53.64 -14.19
N TYR F 37 18.30 -53.18 -13.08
CA TYR F 37 17.70 -52.08 -12.33
C TYR F 37 17.55 -50.85 -13.22
N ARG F 38 18.61 -50.53 -13.96
CA ARG F 38 18.60 -49.39 -14.86
C ARG F 38 17.50 -49.55 -15.90
N GLN F 39 17.43 -50.73 -16.51
CA GLN F 39 16.44 -51.02 -17.54
C GLN F 39 15.01 -50.84 -17.02
N GLN F 40 14.80 -51.15 -15.75
CA GLN F 40 13.48 -51.01 -15.15
C GLN F 40 13.16 -49.54 -14.86
N ALA F 41 14.16 -48.81 -14.39
CA ALA F 41 13.99 -47.38 -14.13
C ALA F 41 13.63 -46.65 -15.42
N ALA F 42 14.31 -47.02 -16.50
CA ALA F 42 14.04 -46.42 -17.81
C ALA F 42 12.64 -46.77 -18.25
N ASN F 43 12.27 -48.05 -18.11
CA ASN F 43 10.95 -48.51 -18.49
C ASN F 43 9.87 -47.75 -17.71
N LEU F 44 10.14 -47.51 -16.44
CA LEU F 44 9.21 -46.77 -15.58
C LEU F 44 9.16 -45.30 -16.00
N LEU F 45 10.33 -44.74 -16.31
CA LEU F 45 10.41 -43.37 -16.77
C LEU F 45 9.62 -43.20 -18.06
N GLN F 46 9.74 -44.19 -18.95
CA GLN F 46 9.06 -44.14 -20.24
C GLN F 46 7.55 -44.21 -20.05
N ASP F 47 7.10 -45.08 -19.14
CA ASP F 47 5.69 -45.24 -18.87
C ASP F 47 5.12 -43.95 -18.28
N MET F 48 5.69 -43.50 -17.18
CA MET F 48 5.25 -42.26 -16.54
C MET F 48 5.23 -41.11 -17.55
N GLY F 49 6.31 -40.98 -18.31
CA GLY F 49 6.44 -39.92 -19.28
C GLY F 49 5.27 -39.87 -20.26
N GLN F 50 4.91 -41.02 -20.81
CA GLN F 50 3.82 -41.09 -21.78
C GLN F 50 2.48 -40.79 -21.13
N ARG F 51 2.36 -41.01 -19.83
CA ARG F 51 1.13 -40.73 -19.10
C ARG F 51 1.03 -39.24 -18.81
N LEU F 52 2.14 -38.67 -18.34
CA LEU F 52 2.22 -37.24 -18.07
C LEU F 52 2.15 -36.47 -19.39
N ASN F 53 2.34 -37.18 -20.50
CA ASN F 53 2.21 -36.60 -21.82
C ASN F 53 3.34 -35.61 -22.12
N VAL F 54 4.56 -36.00 -21.76
CA VAL F 54 5.75 -35.22 -22.09
C VAL F 54 6.40 -35.80 -23.33
N SER F 55 7.25 -35.01 -23.98
CA SER F 55 7.91 -35.46 -25.21
C SER F 55 8.94 -36.52 -24.88
N GLN F 56 9.36 -37.26 -25.91
CA GLN F 56 10.37 -38.29 -25.74
C GLN F 56 11.65 -37.66 -25.20
N LEU F 57 11.92 -36.43 -25.63
CA LEU F 57 13.12 -35.71 -25.21
C LEU F 57 13.15 -35.56 -23.69
N THR F 58 12.00 -35.26 -23.11
CA THR F 58 11.90 -35.11 -21.66
C THR F 58 12.22 -36.44 -20.98
N ILE F 59 11.64 -37.52 -21.48
CA ILE F 59 11.91 -38.85 -20.96
C ILE F 59 13.41 -39.16 -21.09
N ASN F 60 13.93 -39.03 -22.30
CA ASN F 60 15.34 -39.26 -22.57
C ASN F 60 16.24 -38.59 -21.53
N THR F 61 16.02 -37.29 -21.31
CA THR F 61 16.81 -36.55 -20.34
C THR F 61 16.72 -37.20 -18.97
N ALA F 62 15.50 -37.49 -18.51
CA ALA F 62 15.31 -38.12 -17.22
C ALA F 62 16.08 -39.43 -17.15
N ILE F 63 16.07 -40.18 -18.24
CA ILE F 63 16.80 -41.44 -18.30
C ILE F 63 18.29 -41.23 -18.12
N VAL F 64 18.83 -40.19 -18.76
CA VAL F 64 20.25 -39.87 -18.62
C VAL F 64 20.56 -39.42 -17.19
N TYR F 65 19.70 -38.59 -16.62
CA TYR F 65 19.83 -38.19 -15.23
C TYR F 65 19.94 -39.43 -14.35
N MET F 66 19.09 -40.41 -14.63
CA MET F 66 19.08 -41.63 -13.87
C MET F 66 20.40 -42.40 -14.03
N HIS F 67 20.80 -42.65 -15.27
CA HIS F 67 22.05 -43.37 -15.54
C HIS F 67 23.22 -42.73 -14.82
N ARG F 68 23.28 -41.40 -14.86
CA ARG F 68 24.37 -40.67 -14.24
C ARG F 68 24.26 -40.70 -12.72
N PHE F 69 23.02 -40.62 -12.24
CA PHE F 69 22.77 -40.62 -10.80
C PHE F 69 23.35 -41.87 -10.15
N TYR F 70 23.28 -43.00 -10.86
CA TYR F 70 23.69 -44.28 -10.29
C TYR F 70 25.16 -44.62 -10.55
N MET F 71 25.92 -43.65 -11.05
CA MET F 71 27.37 -43.77 -11.10
C MET F 71 27.96 -43.14 -9.84
N ILE F 72 27.10 -42.53 -9.05
CA ILE F 72 27.51 -41.91 -7.79
C ILE F 72 26.83 -42.60 -6.61
N GLN F 73 25.51 -42.75 -6.70
CA GLN F 73 24.72 -43.36 -5.64
C GLN F 73 24.48 -44.83 -5.96
N SER F 74 24.07 -45.60 -4.94
CA SER F 74 23.84 -47.02 -5.09
C SER F 74 22.35 -47.35 -5.14
N PHE F 75 22.00 -48.36 -5.94
CA PHE F 75 20.62 -48.84 -5.99
C PHE F 75 20.20 -49.35 -4.62
N THR F 76 21.18 -49.74 -3.82
CA THR F 76 20.95 -50.16 -2.44
C THR F 76 20.35 -49.03 -1.61
N GLN F 77 20.96 -47.87 -1.70
CA GLN F 77 20.58 -46.71 -0.90
C GLN F 77 19.39 -45.97 -1.52
N PHE F 78 19.25 -46.06 -2.84
CA PHE F 78 18.20 -45.35 -3.55
C PHE F 78 17.47 -46.27 -4.52
N PRO F 79 16.24 -46.68 -4.18
CA PRO F 79 15.42 -47.51 -5.06
C PRO F 79 15.14 -46.83 -6.39
N GLY F 80 15.08 -47.62 -7.47
CA GLY F 80 14.83 -47.07 -8.79
C GLY F 80 13.45 -46.47 -8.92
N ASN F 81 12.53 -46.94 -8.09
CA ASN F 81 11.14 -46.50 -8.15
C ASN F 81 10.91 -45.19 -7.42
N SER F 82 11.88 -44.83 -6.57
CA SER F 82 11.82 -43.55 -5.87
C SER F 82 12.52 -42.48 -6.71
N VAL F 83 13.63 -42.86 -7.32
CA VAL F 83 14.44 -41.92 -8.09
C VAL F 83 13.80 -41.55 -9.43
N ALA F 84 13.21 -42.53 -10.11
CA ALA F 84 12.68 -42.30 -11.45
C ALA F 84 11.65 -41.16 -11.46
N PRO F 85 10.66 -41.21 -10.56
CA PRO F 85 9.67 -40.12 -10.54
C PRO F 85 10.32 -38.75 -10.31
N ALA F 86 11.27 -38.70 -9.38
CA ALA F 86 11.96 -37.44 -9.08
C ALA F 86 12.75 -36.96 -10.30
N ALA F 87 13.42 -37.89 -10.96
CA ALA F 87 14.21 -37.54 -12.13
C ALA F 87 13.32 -37.00 -13.24
N LEU F 88 12.19 -37.65 -13.45
CA LEU F 88 11.25 -37.24 -14.49
C LEU F 88 10.64 -35.88 -14.13
N PHE F 89 10.34 -35.71 -12.85
CA PHE F 89 9.80 -34.44 -12.37
C PHE F 89 10.77 -33.31 -12.67
N LEU F 90 12.05 -33.56 -12.44
CA LEU F 90 13.09 -32.56 -12.68
C LEU F 90 13.27 -32.31 -14.17
N ALA F 91 13.40 -33.39 -14.93
CA ALA F 91 13.60 -33.27 -16.38
C ALA F 91 12.48 -32.45 -17.02
N ALA F 92 11.26 -32.64 -16.52
CA ALA F 92 10.11 -31.94 -17.06
C ALA F 92 10.30 -30.43 -16.96
N LYS F 93 10.83 -29.96 -15.84
CA LYS F 93 11.09 -28.54 -15.65
C LYS F 93 12.20 -28.07 -16.57
N VAL F 94 13.30 -28.81 -16.56
CA VAL F 94 14.46 -28.47 -17.37
C VAL F 94 14.09 -28.32 -18.84
N GLU F 95 13.26 -29.23 -19.35
CA GLU F 95 12.88 -29.23 -20.75
C GLU F 95 11.63 -28.40 -21.04
N GLU F 96 11.29 -27.52 -20.10
CA GLU F 96 10.18 -26.57 -20.28
C GLU F 96 8.85 -27.27 -20.54
N GLN F 97 8.64 -28.41 -19.89
CA GLN F 97 7.36 -29.11 -19.94
C GLN F 97 6.98 -29.52 -18.52
N PRO F 98 7.00 -28.56 -17.59
CA PRO F 98 6.83 -28.85 -16.17
C PRO F 98 5.47 -29.49 -15.85
N LYS F 99 5.50 -30.54 -15.04
CA LYS F 99 4.29 -31.20 -14.59
C LYS F 99 4.13 -31.02 -13.08
N LYS F 100 2.91 -30.72 -12.65
CA LYS F 100 2.65 -30.47 -11.24
C LYS F 100 3.09 -31.64 -10.37
N LEU F 101 3.63 -31.32 -9.21
CA LEU F 101 4.15 -32.33 -8.28
C LEU F 101 3.08 -33.38 -7.97
N GLU F 102 1.85 -32.92 -7.72
CA GLU F 102 0.72 -33.82 -7.52
C GLU F 102 0.57 -34.79 -8.67
N HIS F 103 0.59 -34.26 -9.88
CA HIS F 103 0.39 -35.03 -11.10
C HIS F 103 1.35 -36.21 -11.18
N VAL F 104 2.63 -35.96 -10.92
CA VAL F 104 3.65 -37.00 -11.06
C VAL F 104 3.50 -38.09 -10.01
N ILE F 105 3.30 -37.71 -8.75
CA ILE F 105 3.16 -38.69 -7.67
C ILE F 105 1.97 -39.61 -7.94
N LYS F 106 0.90 -39.04 -8.47
CA LYS F 106 -0.28 -39.82 -8.85
C LYS F 106 0.07 -40.81 -9.96
N VAL F 107 0.61 -40.29 -11.06
CA VAL F 107 0.98 -41.13 -12.20
C VAL F 107 1.98 -42.20 -11.79
N ALA F 108 2.86 -41.87 -10.86
CA ALA F 108 3.82 -42.83 -10.35
C ALA F 108 3.09 -43.96 -9.62
N HIS F 109 2.01 -43.61 -8.92
CA HIS F 109 1.20 -44.59 -8.24
C HIS F 109 0.45 -45.45 -9.25
N THR F 110 -0.03 -44.83 -10.32
CA THR F 110 -0.77 -45.52 -11.35
C THR F 110 0.09 -46.61 -11.99
N CYS F 111 1.39 -46.38 -12.04
CA CYS F 111 2.32 -47.32 -12.67
C CYS F 111 2.84 -48.37 -11.69
N LEU F 112 3.14 -47.95 -10.46
CA LEU F 112 3.70 -48.84 -9.45
C LEU F 112 2.61 -49.62 -8.73
N HIS F 113 1.45 -48.99 -8.54
CA HIS F 113 0.33 -49.62 -7.84
C HIS F 113 -0.98 -49.39 -8.56
N PRO F 114 -1.22 -50.13 -9.66
CA PRO F 114 -2.49 -50.04 -10.39
C PRO F 114 -3.67 -50.48 -9.52
N GLN F 115 -3.37 -50.97 -8.33
CA GLN F 115 -4.37 -51.57 -7.46
C GLN F 115 -4.99 -50.58 -6.49
N GLU F 116 -4.22 -50.19 -5.47
CA GLU F 116 -4.75 -49.41 -4.36
C GLU F 116 -5.41 -48.12 -4.81
N SER F 117 -6.33 -47.63 -4.00
CA SER F 117 -6.98 -46.36 -4.25
C SER F 117 -5.95 -45.24 -4.18
N LEU F 118 -5.98 -44.34 -5.16
CA LEU F 118 -5.11 -43.17 -5.12
C LEU F 118 -5.23 -42.49 -3.76
N PRO F 119 -4.20 -42.60 -2.93
CA PRO F 119 -4.24 -42.14 -1.53
C PRO F 119 -4.81 -40.73 -1.38
N ASP F 120 -5.28 -40.42 -0.17
CA ASP F 120 -5.89 -39.12 0.10
C ASP F 120 -4.86 -38.01 -0.08
N THR F 121 -5.26 -36.94 -0.75
CA THR F 121 -4.35 -35.83 -1.03
C THR F 121 -4.20 -34.91 0.19
N ARG F 122 -4.85 -35.28 1.29
CA ARG F 122 -4.74 -34.54 2.53
C ARG F 122 -4.17 -35.39 3.65
N SER F 123 -3.95 -36.68 3.36
CA SER F 123 -3.47 -37.62 4.36
C SER F 123 -1.98 -37.44 4.67
N GLU F 124 -1.47 -38.28 5.58
CA GLU F 124 -0.09 -38.18 6.02
C GLU F 124 0.88 -38.89 5.08
N ALA F 125 0.59 -40.16 4.81
CA ALA F 125 1.46 -40.97 3.95
C ALA F 125 1.65 -40.32 2.59
N TYR F 126 0.70 -39.49 2.18
CA TYR F 126 0.81 -38.78 0.91
C TYR F 126 1.71 -37.56 1.05
N LEU F 127 1.32 -36.64 1.94
CA LEU F 127 2.13 -35.46 2.20
C LEU F 127 3.59 -35.84 2.40
N GLN F 128 3.80 -37.05 2.91
CA GLN F 128 5.14 -37.58 3.11
C GLN F 128 5.81 -37.87 1.76
N GLN F 129 5.04 -38.46 0.85
CA GLN F 129 5.55 -38.75 -0.50
C GLN F 129 5.95 -37.46 -1.22
N VAL F 130 5.18 -36.40 -1.00
CA VAL F 130 5.44 -35.12 -1.63
C VAL F 130 6.77 -34.56 -1.17
N GLN F 131 7.11 -34.79 0.09
CA GLN F 131 8.39 -34.35 0.64
C GLN F 131 9.52 -35.26 0.19
N ASP F 132 9.28 -36.56 0.18
CA ASP F 132 10.29 -37.53 -0.21
C ASP F 132 10.73 -37.28 -1.65
N LEU F 133 9.80 -36.85 -2.49
CA LEU F 133 10.09 -36.59 -3.89
C LEU F 133 10.86 -35.28 -4.04
N VAL F 134 10.38 -34.24 -3.36
CA VAL F 134 11.04 -32.94 -3.39
C VAL F 134 12.47 -33.06 -2.89
N ILE F 135 12.64 -33.81 -1.80
CA ILE F 135 13.96 -34.06 -1.23
C ILE F 135 14.84 -34.76 -2.24
N LEU F 136 14.30 -35.80 -2.87
CA LEU F 136 15.07 -36.63 -3.78
C LEU F 136 15.47 -35.84 -5.02
N GLU F 137 14.60 -34.92 -5.43
CA GLU F 137 14.91 -34.04 -6.56
C GLU F 137 16.15 -33.21 -6.24
N SER F 138 16.21 -32.73 -5.00
CA SER F 138 17.31 -31.91 -4.54
C SER F 138 18.61 -32.71 -4.55
N ILE F 139 18.54 -33.97 -4.12
CA ILE F 139 19.71 -34.83 -4.09
C ILE F 139 20.20 -35.14 -5.50
N ILE F 140 19.27 -35.35 -6.43
CA ILE F 140 19.62 -35.58 -7.82
C ILE F 140 20.40 -34.39 -8.37
N LEU F 141 19.89 -33.18 -8.10
CA LEU F 141 20.52 -31.96 -8.58
C LEU F 141 21.96 -31.89 -8.10
N GLN F 142 22.15 -32.10 -6.80
CA GLN F 142 23.49 -32.01 -6.21
C GLN F 142 24.38 -33.11 -6.75
N THR F 143 23.83 -34.30 -6.92
CA THR F 143 24.60 -35.44 -7.41
C THR F 143 25.07 -35.19 -8.84
N LEU F 144 24.24 -34.48 -9.62
CA LEU F 144 24.58 -34.18 -11.01
C LEU F 144 25.38 -32.89 -11.13
N GLY F 145 25.74 -32.29 -9.99
CA GLY F 145 26.46 -31.03 -10.00
C GLY F 145 25.72 -29.97 -10.80
N PHE F 146 24.40 -30.02 -10.75
CA PHE F 146 23.55 -29.07 -11.46
C PHE F 146 23.89 -28.95 -12.95
N GLU F 147 24.42 -30.04 -13.51
CA GLU F 147 24.69 -30.10 -14.95
C GLU F 147 23.48 -30.72 -15.64
N LEU F 148 22.54 -29.86 -16.03
CA LEU F 148 21.21 -30.30 -16.46
C LEU F 148 21.05 -30.40 -17.97
N THR F 149 21.89 -29.67 -18.71
CA THR F 149 21.80 -29.67 -20.16
C THR F 149 22.34 -30.98 -20.75
N ILE F 150 21.45 -31.79 -21.29
CA ILE F 150 21.83 -33.10 -21.84
C ILE F 150 21.77 -33.11 -23.35
N ASP F 151 22.75 -33.76 -23.97
CA ASP F 151 22.78 -33.91 -25.42
C ASP F 151 22.45 -35.35 -25.79
N HIS F 152 21.47 -35.52 -26.68
CA HIS F 152 20.99 -36.86 -27.01
C HIS F 152 21.36 -37.28 -28.44
N PRO F 153 21.53 -38.59 -28.65
CA PRO F 153 21.84 -39.13 -29.98
C PRO F 153 20.77 -38.76 -31.00
N HIS F 154 19.54 -38.58 -30.52
CA HIS F 154 18.39 -38.38 -31.40
C HIS F 154 18.60 -37.15 -32.29
N THR F 155 19.11 -36.07 -31.69
CA THR F 155 19.37 -34.84 -32.42
C THR F 155 20.28 -35.12 -33.61
N HIS F 156 21.34 -35.88 -33.35
CA HIS F 156 22.33 -36.18 -34.38
C HIS F 156 21.81 -37.20 -35.39
N VAL F 157 21.03 -38.16 -34.91
CA VAL F 157 20.41 -39.14 -35.79
C VAL F 157 19.54 -38.45 -36.83
N VAL F 158 18.67 -37.55 -36.39
CA VAL F 158 17.78 -36.85 -37.30
C VAL F 158 18.56 -36.04 -38.32
N LYS F 159 19.48 -35.20 -37.84
CA LYS F 159 20.27 -34.35 -38.72
C LYS F 159 20.98 -35.19 -39.79
N CYS F 160 21.35 -36.42 -39.43
CA CYS F 160 22.09 -37.28 -40.33
C CYS F 160 21.19 -37.96 -41.36
N THR F 161 20.09 -38.55 -40.89
CA THR F 161 19.14 -39.20 -41.79
C THR F 161 18.56 -38.19 -42.78
N GLN F 162 18.48 -36.93 -42.35
CA GLN F 162 18.08 -35.84 -43.23
C GLN F 162 19.10 -35.70 -44.35
N LEU F 163 20.38 -35.71 -43.96
CA LEU F 163 21.48 -35.48 -44.89
C LEU F 163 21.58 -36.58 -45.95
N VAL F 164 21.43 -37.83 -45.51
CA VAL F 164 21.59 -38.96 -46.43
C VAL F 164 20.28 -39.37 -47.09
N ARG F 165 19.27 -38.52 -47.00
CA ARG F 165 18.01 -38.74 -47.68
C ARG F 165 17.44 -40.13 -47.39
N ALA F 166 17.29 -40.45 -46.10
CA ALA F 166 16.71 -41.71 -45.69
C ALA F 166 15.19 -41.66 -45.81
N SER F 167 14.58 -42.83 -46.00
CA SER F 167 13.13 -42.92 -46.04
C SER F 167 12.58 -42.89 -44.61
N LYS F 168 11.31 -42.52 -44.46
CA LYS F 168 10.67 -42.56 -43.15
C LYS F 168 10.99 -43.92 -42.54
N ASP F 169 10.83 -44.94 -43.35
CA ASP F 169 11.17 -46.32 -42.98
C ASP F 169 12.46 -46.37 -42.17
N LEU F 170 13.54 -45.89 -42.77
CA LEU F 170 14.86 -45.99 -42.16
C LEU F 170 15.07 -44.94 -41.07
N ALA F 171 14.56 -43.73 -41.30
CA ALA F 171 14.73 -42.63 -40.36
C ALA F 171 14.07 -42.95 -39.02
N GLN F 172 12.84 -43.45 -39.10
CA GLN F 172 12.06 -43.76 -37.90
C GLN F 172 12.69 -44.91 -37.14
N THR F 173 13.31 -45.84 -37.86
CA THR F 173 13.94 -47.00 -37.24
C THR F 173 15.20 -46.59 -36.48
N SER F 174 15.99 -45.70 -37.08
CA SER F 174 17.18 -45.18 -36.44
C SER F 174 16.80 -44.44 -35.15
N TYR F 175 15.79 -43.57 -35.25
CA TYR F 175 15.28 -42.84 -34.11
C TYR F 175 14.85 -43.84 -33.03
N PHE F 176 14.16 -44.88 -33.46
CA PHE F 176 13.68 -45.92 -32.57
C PHE F 176 14.85 -46.58 -31.83
N MET F 177 15.88 -46.94 -32.57
CA MET F 177 17.06 -47.56 -31.98
C MET F 177 17.69 -46.64 -30.95
N ALA F 178 17.70 -45.34 -31.24
CA ALA F 178 18.25 -44.36 -30.32
C ALA F 178 17.56 -44.44 -28.95
N THR F 179 16.24 -44.41 -28.96
CA THR F 179 15.48 -44.51 -27.71
C THR F 179 15.83 -45.81 -27.00
N ASN F 180 15.90 -46.90 -27.76
CA ASN F 180 16.24 -48.21 -27.20
C ASN F 180 17.61 -48.24 -26.52
N SER F 181 18.56 -47.48 -27.07
CA SER F 181 19.91 -47.47 -26.52
C SER F 181 19.91 -46.85 -25.12
N LEU F 182 19.01 -45.89 -24.91
CA LEU F 182 18.89 -45.23 -23.60
C LEU F 182 18.19 -46.15 -22.61
N HIS F 183 17.37 -47.04 -23.12
CA HIS F 183 16.60 -47.97 -22.28
C HIS F 183 17.42 -49.17 -21.82
N LEU F 184 18.07 -49.84 -22.76
CA LEU F 184 18.63 -51.16 -22.51
C LEU F 184 20.15 -51.17 -22.32
N THR F 185 20.81 -50.09 -22.66
CA THR F 185 22.27 -50.03 -22.54
C THR F 185 22.71 -48.82 -21.72
N THR F 186 24.01 -48.75 -21.43
CA THR F 186 24.58 -47.61 -20.74
C THR F 186 25.51 -46.84 -21.68
N PHE F 187 25.16 -46.81 -22.96
CA PHE F 187 25.97 -46.10 -23.94
C PHE F 187 26.04 -44.62 -23.60
N SER F 188 24.99 -44.09 -22.98
CA SER F 188 24.98 -42.68 -22.59
C SER F 188 26.07 -42.37 -21.58
N LEU F 189 26.64 -43.43 -20.99
CA LEU F 189 27.71 -43.28 -20.01
C LEU F 189 29.07 -43.66 -20.60
N GLN F 190 29.06 -44.13 -21.84
CA GLN F 190 30.28 -44.65 -22.45
C GLN F 190 30.71 -43.88 -23.71
N TYR F 191 29.75 -43.54 -24.55
CA TYR F 191 30.04 -42.95 -25.85
C TYR F 191 29.27 -41.66 -26.06
N THR F 192 29.90 -40.71 -26.73
CA THR F 192 29.28 -39.40 -26.96
C THR F 192 28.07 -39.55 -27.86
N PRO F 193 27.07 -38.67 -27.68
CA PRO F 193 25.80 -38.79 -28.41
C PRO F 193 25.97 -38.94 -29.92
N PRO F 194 26.88 -38.18 -30.53
CA PRO F 194 27.10 -38.34 -31.98
C PRO F 194 27.52 -39.77 -32.35
N VAL F 195 28.44 -40.34 -31.56
CA VAL F 195 28.88 -41.71 -31.80
C VAL F 195 27.72 -42.70 -31.65
N VAL F 196 26.96 -42.55 -30.57
CA VAL F 196 25.81 -43.43 -30.33
C VAL F 196 24.80 -43.30 -31.47
N ALA F 197 24.65 -42.09 -32.01
CA ALA F 197 23.75 -41.86 -33.13
C ALA F 197 24.18 -42.68 -34.34
N CYS F 198 25.48 -42.70 -34.60
CA CYS F 198 26.02 -43.48 -35.71
C CYS F 198 25.74 -44.96 -35.51
N VAL F 199 25.93 -45.44 -34.29
CA VAL F 199 25.69 -46.84 -33.98
C VAL F 199 24.23 -47.19 -34.27
N CYS F 200 23.33 -46.29 -33.87
CA CYS F 200 21.90 -46.51 -34.06
C CYS F 200 21.51 -46.55 -35.53
N ILE F 201 22.10 -45.66 -36.32
CA ILE F 201 21.85 -45.63 -37.75
C ILE F 201 22.42 -46.88 -38.41
N HIS F 202 23.68 -47.18 -38.14
CA HIS F 202 24.35 -48.34 -38.72
C HIS F 202 23.58 -49.61 -38.40
N LEU F 203 23.02 -49.67 -37.20
CA LEU F 203 22.25 -50.83 -36.77
C LEU F 203 20.93 -50.91 -37.52
N ALA F 204 20.20 -49.79 -37.55
CA ALA F 204 18.92 -49.73 -38.26
C ALA F 204 19.12 -50.12 -39.72
N CYS F 205 20.27 -49.76 -40.28
CA CYS F 205 20.57 -50.08 -41.67
C CYS F 205 20.72 -51.57 -41.87
N LYS F 206 21.52 -52.20 -41.02
CA LYS F 206 21.75 -53.64 -41.12
C LYS F 206 20.44 -54.40 -40.96
N TRP F 207 19.68 -54.04 -39.93
CA TRP F 207 18.39 -54.67 -39.67
C TRP F 207 17.45 -54.49 -40.85
N SER F 208 17.40 -53.26 -41.37
CA SER F 208 16.45 -52.88 -42.39
C SER F 208 16.93 -53.21 -43.80
N ASN F 209 18.19 -53.62 -43.91
CA ASN F 209 18.79 -53.99 -45.19
C ASN F 209 19.01 -52.80 -46.13
N TRP F 210 18.97 -51.58 -45.59
CA TRP F 210 19.34 -50.40 -46.37
C TRP F 210 20.85 -50.21 -46.29
N GLU F 211 21.43 -49.66 -47.35
CA GLU F 211 22.85 -49.33 -47.33
C GLU F 211 23.05 -47.90 -47.82
N ILE F 212 23.74 -47.10 -47.01
CA ILE F 212 24.01 -45.71 -47.33
C ILE F 212 25.29 -45.64 -48.16
N PRO F 213 25.20 -45.06 -49.38
CA PRO F 213 26.37 -44.94 -50.25
C PRO F 213 27.45 -44.05 -49.63
N VAL F 214 28.60 -43.95 -50.29
CA VAL F 214 29.57 -42.94 -49.94
C VAL F 214 29.15 -41.63 -50.61
N SER F 215 29.28 -40.52 -49.90
CA SER F 215 28.86 -39.22 -50.45
C SER F 215 29.57 -38.98 -51.78
N THR F 216 29.11 -38.00 -52.54
CA THR F 216 29.75 -37.72 -53.83
C THR F 216 31.16 -37.16 -53.62
N ASP F 217 31.49 -36.86 -52.36
CA ASP F 217 32.81 -36.31 -52.03
C ASP F 217 33.77 -37.36 -51.47
N GLY F 218 33.36 -38.62 -51.50
CA GLY F 218 34.21 -39.70 -51.07
C GLY F 218 34.41 -39.76 -49.57
N LYS F 219 33.35 -39.49 -48.82
CA LYS F 219 33.39 -39.59 -47.38
C LYS F 219 32.17 -40.35 -46.89
N HIS F 220 32.39 -41.34 -46.02
CA HIS F 220 31.31 -42.16 -45.49
C HIS F 220 30.37 -41.33 -44.64
N TRP F 221 29.11 -41.75 -44.56
CA TRP F 221 28.07 -40.93 -43.92
C TRP F 221 28.40 -40.57 -42.48
N TRP F 222 29.03 -41.48 -41.74
CA TRP F 222 29.33 -41.23 -40.34
C TRP F 222 30.35 -40.10 -40.17
N GLU F 223 31.14 -39.84 -41.21
CA GLU F 223 32.15 -38.79 -41.15
C GLU F 223 31.49 -37.40 -41.07
N TYR F 224 30.21 -37.34 -41.40
CA TYR F 224 29.45 -36.09 -41.31
C TYR F 224 28.74 -35.98 -39.96
N VAL F 225 29.00 -36.95 -39.08
CA VAL F 225 28.39 -36.94 -37.76
C VAL F 225 29.45 -36.85 -36.66
N ASP F 226 30.58 -37.53 -36.86
CA ASP F 226 31.65 -37.54 -35.88
C ASP F 226 32.96 -37.99 -36.54
N ALA F 227 34.02 -37.23 -36.31
CA ALA F 227 35.28 -37.45 -37.00
C ALA F 227 36.12 -38.59 -36.39
N THR F 228 35.63 -39.17 -35.30
CA THR F 228 36.37 -40.25 -34.63
C THR F 228 35.85 -41.61 -35.07
N VAL F 229 34.62 -41.65 -35.57
CA VAL F 229 33.97 -42.90 -35.94
C VAL F 229 34.64 -43.58 -37.14
N THR F 230 34.87 -44.88 -37.00
CA THR F 230 35.34 -45.71 -38.11
C THR F 230 34.38 -46.89 -38.23
N LEU F 231 34.59 -47.72 -39.24
CA LEU F 231 33.68 -48.84 -39.46
C LEU F 231 33.92 -49.96 -38.45
N GLU F 232 35.15 -50.07 -37.94
CA GLU F 232 35.44 -51.02 -36.87
C GLU F 232 34.57 -50.67 -35.67
N LEU F 233 34.63 -49.40 -35.27
CA LEU F 233 33.90 -48.93 -34.12
C LEU F 233 32.40 -49.21 -34.28
N LEU F 234 31.88 -48.96 -35.48
CA LEU F 234 30.47 -49.21 -35.74
C LEU F 234 30.14 -50.70 -35.60
N ASP F 235 31.01 -51.56 -36.11
CA ASP F 235 30.83 -53.00 -35.96
C ASP F 235 31.04 -53.43 -34.51
N GLU F 236 32.03 -52.82 -33.86
CA GLU F 236 32.41 -53.18 -32.50
C GLU F 236 31.32 -52.78 -31.52
N LEU F 237 30.73 -51.61 -31.74
CA LEU F 237 29.71 -51.09 -30.83
C LEU F 237 28.35 -51.70 -31.14
N THR F 238 28.10 -52.01 -32.40
CA THR F 238 26.87 -52.70 -32.78
C THR F 238 26.90 -54.08 -32.14
N HIS F 239 28.06 -54.72 -32.16
CA HIS F 239 28.25 -56.01 -31.51
C HIS F 239 27.91 -55.90 -30.03
N GLU F 240 28.57 -54.97 -29.36
CA GLU F 240 28.33 -54.73 -27.93
C GLU F 240 26.86 -54.51 -27.64
N PHE F 241 26.21 -53.73 -28.51
CA PHE F 241 24.77 -53.47 -28.39
C PHE F 241 24.00 -54.78 -28.39
N LEU F 242 24.12 -55.53 -29.47
CA LEU F 242 23.43 -56.81 -29.59
C LEU F 242 23.74 -57.73 -28.42
N GLN F 243 24.97 -57.65 -27.92
CA GLN F 243 25.39 -58.46 -26.78
C GLN F 243 24.58 -58.09 -25.55
N ILE F 244 24.44 -56.79 -25.31
CA ILE F 244 23.69 -56.28 -24.18
C ILE F 244 22.23 -56.72 -24.28
N LEU F 245 21.70 -56.73 -25.50
CA LEU F 245 20.32 -57.17 -25.72
C LEU F 245 20.15 -58.65 -25.40
N GLU F 246 21.10 -59.47 -25.83
CA GLU F 246 21.04 -60.91 -25.59
C GLU F 246 20.89 -61.22 -24.10
N LYS F 247 21.50 -60.40 -23.24
CA LYS F 247 21.50 -60.64 -21.81
C LYS F 247 20.19 -60.20 -21.13
N THR F 248 19.42 -59.35 -21.81
CA THR F 248 18.18 -58.85 -21.22
C THR F 248 17.13 -59.95 -21.17
N PRO F 249 16.41 -60.06 -20.04
CA PRO F 249 15.48 -61.17 -19.79
C PRO F 249 14.42 -61.32 -20.87
N ASN F 250 13.37 -60.50 -20.82
CA ASN F 250 12.31 -60.55 -21.81
C ASN F 250 12.44 -59.40 -22.78
N ARG F 251 12.80 -59.72 -24.02
CA ARG F 251 12.94 -58.70 -25.06
C ARG F 251 11.59 -58.31 -25.63
N LEU F 252 10.54 -58.50 -24.82
CA LEU F 252 9.27 -57.85 -25.04
C LEU F 252 9.39 -56.37 -24.66
N LYS F 253 10.59 -55.95 -24.27
CA LYS F 253 10.89 -54.55 -24.06
C LYS F 253 11.22 -53.85 -25.39
N ARG F 254 11.77 -54.61 -26.33
CA ARG F 254 12.37 -54.05 -27.53
C ARG F 254 11.35 -53.56 -28.56
N ILE F 255 10.10 -53.96 -28.42
CA ILE F 255 9.05 -53.51 -29.33
C ILE F 255 7.86 -52.85 -28.60
N TRP F 256 7.76 -53.09 -27.29
CA TRP F 256 6.66 -52.51 -26.51
C TRP F 256 6.86 -51.01 -26.29
N LEU G 36 -17.66 -41.45 4.82
CA LEU G 36 -19.06 -41.24 4.42
C LEU G 36 -19.19 -41.16 2.90
N PHE G 37 -18.22 -40.52 2.26
CA PHE G 37 -18.24 -40.37 0.81
C PHE G 37 -17.02 -41.03 0.17
N ALA G 38 -17.25 -41.96 -0.74
CA ALA G 38 -16.15 -42.50 -1.51
C ALA G 38 -15.54 -41.36 -2.32
N GLU G 39 -14.28 -41.50 -2.70
CA GLU G 39 -13.58 -40.44 -3.40
C GLU G 39 -14.02 -40.37 -4.85
N PRO G 40 -14.32 -39.16 -5.34
CA PRO G 40 -14.67 -38.96 -6.75
C PRO G 40 -13.73 -39.69 -7.69
N TYR G 41 -14.25 -40.16 -8.82
CA TYR G 41 -13.46 -40.95 -9.76
C TYR G 41 -13.64 -40.44 -11.19
N LYS G 42 -12.57 -40.49 -11.98
CA LYS G 42 -12.63 -40.03 -13.36
C LYS G 42 -13.53 -40.94 -14.19
N VAL G 43 -14.65 -40.40 -14.65
CA VAL G 43 -15.57 -41.17 -15.47
C VAL G 43 -14.99 -41.34 -16.87
N THR G 44 -15.39 -42.42 -17.54
CA THR G 44 -14.98 -42.66 -18.91
C THR G 44 -15.34 -41.46 -19.76
N SER G 45 -14.51 -41.17 -20.76
CA SER G 45 -14.74 -40.04 -21.66
C SER G 45 -16.23 -39.91 -21.95
N LYS G 46 -16.81 -38.77 -21.60
CA LYS G 46 -18.24 -38.56 -21.69
C LYS G 46 -18.76 -38.64 -23.13
N GLU G 47 -19.81 -39.41 -23.32
CA GLU G 47 -20.56 -39.41 -24.57
C GLU G 47 -21.74 -38.47 -24.42
N ASP G 48 -21.87 -37.88 -23.24
CA ASP G 48 -22.98 -36.98 -22.92
C ASP G 48 -23.06 -35.82 -23.89
N LYS G 49 -24.24 -35.22 -23.98
CA LYS G 49 -24.44 -34.02 -24.78
C LYS G 49 -24.04 -32.80 -23.95
N LEU G 50 -24.12 -32.94 -22.64
CA LEU G 50 -23.77 -31.86 -21.72
C LEU G 50 -22.26 -31.72 -21.62
N SER G 51 -21.57 -32.83 -21.35
CA SER G 51 -20.12 -32.82 -21.23
C SER G 51 -19.47 -32.37 -22.54
N SER G 52 -20.05 -32.78 -23.66
CA SER G 52 -19.54 -32.40 -24.97
C SER G 52 -19.67 -30.89 -25.18
N ARG G 53 -20.86 -30.36 -24.89
CA ARG G 53 -21.14 -28.94 -25.05
C ARG G 53 -20.26 -28.10 -24.14
N ILE G 54 -20.11 -28.54 -22.89
CA ILE G 54 -19.32 -27.82 -21.91
C ILE G 54 -17.86 -27.71 -22.36
N GLN G 55 -17.33 -28.80 -22.91
CA GLN G 55 -15.94 -28.82 -23.37
C GLN G 55 -15.68 -27.76 -24.42
N SER G 56 -16.75 -27.29 -25.07
CA SER G 56 -16.64 -26.26 -26.09
C SER G 56 -16.96 -24.87 -25.53
N MET G 57 -17.92 -24.82 -24.63
CA MET G 57 -18.35 -23.55 -24.03
C MET G 57 -17.29 -22.97 -23.09
N LEU G 58 -16.44 -23.85 -22.55
CA LEU G 58 -15.41 -23.42 -21.60
C LEU G 58 -14.00 -23.76 -22.08
N GLY G 59 -13.88 -24.60 -23.10
CA GLY G 59 -12.59 -25.08 -23.56
C GLY G 59 -12.26 -26.41 -22.93
N ASN G 60 -11.15 -27.02 -23.35
CA ASN G 60 -10.74 -28.31 -22.82
C ASN G 60 -10.28 -28.18 -21.36
N TYR G 61 -10.74 -29.09 -20.50
CA TYR G 61 -10.43 -29.01 -19.09
C TYR G 61 -8.95 -29.25 -18.81
N ASP G 62 -8.41 -30.33 -19.34
CA ASP G 62 -7.02 -30.69 -19.11
C ASP G 62 -6.05 -29.58 -19.54
N GLU G 63 -6.48 -28.76 -20.48
CA GLU G 63 -5.66 -27.64 -20.95
C GLU G 63 -5.79 -26.43 -20.02
N MET G 64 -7.03 -26.00 -19.80
CA MET G 64 -7.30 -24.80 -19.00
C MET G 64 -7.19 -25.09 -17.50
N LYS G 65 -7.05 -26.36 -17.14
CA LYS G 65 -7.04 -26.78 -15.73
C LYS G 65 -6.02 -26.01 -14.89
N ASP G 66 -4.81 -25.84 -15.43
CA ASP G 66 -3.71 -25.25 -14.66
C ASP G 66 -3.84 -23.74 -14.46
N PHE G 67 -4.93 -23.14 -14.95
CA PHE G 67 -5.17 -21.72 -14.78
C PHE G 67 -6.26 -21.46 -13.74
N ILE G 68 -7.15 -22.41 -13.57
CA ILE G 68 -8.23 -22.31 -12.60
C ILE G 68 -7.70 -22.06 -11.19
N ARG H 5 -14.51 69.03 14.58
CA ARG H 5 -14.50 68.36 13.28
C ARG H 5 -13.14 68.54 12.60
N GLU H 6 -12.77 69.79 12.33
CA GLU H 6 -11.50 70.09 11.69
C GLU H 6 -10.33 69.50 12.48
N ASP H 7 -10.49 69.40 13.79
CA ASP H 7 -9.45 68.86 14.66
C ASP H 7 -9.50 67.34 14.70
N ARG H 8 -10.61 66.76 14.23
CA ARG H 8 -10.73 65.31 14.16
C ARG H 8 -9.87 64.79 13.02
N ASN H 9 -10.11 65.31 11.82
CA ASN H 9 -9.35 64.93 10.65
C ASN H 9 -7.85 64.90 10.94
N VAL H 10 -7.42 65.79 11.82
CA VAL H 10 -6.06 65.77 12.34
C VAL H 10 -5.89 64.52 13.17
N LEU H 11 -6.75 64.36 14.17
CA LEU H 11 -6.68 63.21 15.08
C LEU H 11 -6.92 61.89 14.35
N ARG H 12 -7.60 61.95 13.21
N ARG H 12 -7.59 61.96 13.20
CA ARG H 12 -7.99 60.74 12.49
CA ARG H 12 -7.95 60.77 12.44
C ARG H 12 -6.80 60.14 11.73
C ARG H 12 -6.76 60.22 11.66
N MET H 13 -6.23 60.92 10.84
N MET H 13 -6.18 61.05 10.81
CA MET H 13 -5.05 60.48 10.09
CA MET H 13 -4.99 60.67 10.06
C MET H 13 -3.88 60.23 11.04
C MET H 13 -3.86 60.33 11.02
N LYS H 14 -3.79 61.02 12.10
N LYS H 14 -3.78 61.07 12.12
CA LYS H 14 -2.77 60.84 13.11
CA LYS H 14 -2.75 60.84 13.14
C LYS H 14 -2.97 59.51 13.83
C LYS H 14 -2.97 59.50 13.83
N GLU H 15 -4.23 59.18 14.10
CA GLU H 15 -4.57 57.92 14.73
C GLU H 15 -4.40 56.78 13.74
N ARG H 16 -4.43 57.11 12.45
CA ARG H 16 -4.21 56.14 11.39
C ARG H 16 -2.72 55.93 11.13
N GLU H 17 -1.92 56.94 11.48
CA GLU H 17 -0.47 56.87 11.34
C GLU H 17 0.13 55.96 12.41
N ARG H 18 -0.44 55.99 13.60
CA ARG H 18 0.03 55.15 14.70
C ARG H 18 -0.22 53.67 14.39
N ARG H 19 -1.12 53.41 13.46
CA ARG H 19 -1.50 52.04 13.11
C ARG H 19 -0.64 51.46 11.99
N ASN H 20 -0.31 52.27 11.00
CA ASN H 20 0.47 51.81 9.86
C ASN H 20 1.95 51.65 10.22
N GLN H 21 2.34 52.22 11.36
CA GLN H 21 3.70 52.08 11.86
C GLN H 21 3.69 51.22 13.12
N GLU H 22 3.06 50.04 13.01
CA GLU H 22 2.91 49.14 14.15
C GLU H 22 3.37 47.72 13.81
N ILE H 23 3.94 47.55 12.61
CA ILE H 23 4.39 46.23 12.17
C ILE H 23 5.61 46.36 11.26
N LEU H 36 19.12 51.12 -9.52
CA LEU H 36 19.22 50.01 -8.58
C LEU H 36 20.64 49.45 -8.52
N PHE H 37 20.86 48.31 -9.16
CA PHE H 37 22.16 47.64 -9.13
C PHE H 37 22.71 47.40 -10.53
N ALA H 38 24.03 47.46 -10.67
CA ALA H 38 24.68 47.06 -11.90
C ALA H 38 24.79 45.54 -11.91
N GLU H 39 25.18 44.97 -13.05
CA GLU H 39 25.14 43.53 -13.22
C GLU H 39 26.50 42.88 -12.94
N PRO H 40 26.49 41.59 -12.53
CA PRO H 40 27.74 40.84 -12.34
C PRO H 40 28.43 40.50 -13.66
N TYR H 41 29.69 40.10 -13.57
CA TYR H 41 30.52 39.84 -14.74
C TYR H 41 31.61 38.82 -14.39
N LYS H 42 31.95 37.97 -15.34
CA LYS H 42 32.98 36.95 -15.11
C LYS H 42 34.34 37.60 -14.94
N VAL H 43 34.90 37.50 -13.74
CA VAL H 43 36.21 38.06 -13.45
C VAL H 43 37.29 37.21 -14.11
N THR H 44 38.42 37.84 -14.43
CA THR H 44 39.56 37.13 -14.99
C THR H 44 39.93 35.97 -14.05
N SER H 45 40.40 34.86 -14.64
CA SER H 45 40.81 33.71 -13.86
C SER H 45 41.51 34.14 -12.58
N LYS H 46 40.95 33.76 -11.45
CA LYS H 46 41.42 34.23 -10.15
C LYS H 46 42.84 33.78 -9.85
N GLU H 47 43.67 34.74 -9.43
CA GLU H 47 44.98 34.44 -8.89
C GLU H 47 44.87 34.37 -7.37
N ASP H 48 43.66 34.62 -6.86
CA ASP H 48 43.41 34.63 -5.43
C ASP H 48 43.81 33.33 -4.76
N LYS H 49 44.04 33.39 -3.45
CA LYS H 49 44.32 32.20 -2.67
C LYS H 49 43.00 31.55 -2.25
N LEU H 50 41.95 32.37 -2.18
CA LEU H 50 40.62 31.88 -1.81
C LEU H 50 39.99 31.13 -2.98
N SER H 51 39.96 31.77 -4.15
CA SER H 51 39.39 31.16 -5.34
C SER H 51 40.11 29.86 -5.70
N SER H 52 41.43 29.85 -5.51
CA SER H 52 42.24 28.66 -5.79
C SER H 52 41.86 27.53 -4.85
N ARG H 53 41.80 27.84 -3.56
CA ARG H 53 41.47 26.85 -2.53
C ARG H 53 40.06 26.30 -2.73
N ILE H 54 39.12 27.19 -3.04
CA ILE H 54 37.73 26.80 -3.22
C ILE H 54 37.59 25.82 -4.38
N GLN H 55 38.30 26.09 -5.47
CA GLN H 55 38.25 25.23 -6.65
C GLN H 55 38.65 23.79 -6.32
N SER H 56 39.37 23.63 -5.22
CA SER H 56 39.81 22.30 -4.79
C SER H 56 38.89 21.73 -3.71
N MET H 57 38.40 22.60 -2.84
CA MET H 57 37.54 22.18 -1.74
C MET H 57 36.16 21.75 -2.23
N LEU H 58 35.75 22.26 -3.39
CA LEU H 58 34.43 21.96 -3.95
C LEU H 58 34.51 21.31 -5.33
N GLY H 59 35.68 21.36 -5.95
CA GLY H 59 35.84 20.87 -7.31
C GLY H 59 35.72 22.01 -8.30
N ASN H 60 35.95 21.72 -9.58
CA ASN H 60 35.86 22.74 -10.61
C ASN H 60 34.41 23.18 -10.83
N TYR H 61 34.20 24.49 -10.91
CA TYR H 61 32.83 25.01 -11.05
C TYR H 61 32.20 24.64 -12.39
N ASP H 62 32.93 24.90 -13.47
CA ASP H 62 32.40 24.64 -14.81
C ASP H 62 32.02 23.18 -15.01
N GLU H 63 32.65 22.29 -14.25
CA GLU H 63 32.34 20.86 -14.32
C GLU H 63 31.10 20.52 -13.47
N MET H 64 31.15 20.89 -12.19
CA MET H 64 30.08 20.55 -11.26
C MET H 64 28.87 21.47 -11.42
N LYS H 65 29.02 22.51 -12.23
CA LYS H 65 27.97 23.53 -12.38
C LYS H 65 26.62 22.94 -12.75
N ASP H 66 26.61 21.97 -13.68
CA ASP H 66 25.36 21.44 -14.21
C ASP H 66 24.63 20.52 -13.24
N PHE H 67 25.19 20.32 -12.04
CA PHE H 67 24.55 19.50 -11.02
C PHE H 67 23.91 20.33 -9.92
N ILE H 68 24.41 21.56 -9.74
CA ILE H 68 23.93 22.45 -8.70
C ILE H 68 22.55 23.05 -8.99
N GLY H 69 21.59 22.20 -9.35
CA GLY H 69 20.24 22.65 -9.64
C GLY H 69 19.19 21.67 -9.16
N LEU I 36 25.19 -34.70 -53.72
CA LEU I 36 25.35 -34.73 -52.27
C LEU I 36 25.45 -36.17 -51.76
N PHE I 37 24.29 -36.84 -51.68
CA PHE I 37 24.23 -38.25 -51.28
C PHE I 37 23.27 -39.01 -52.19
N ALA I 38 23.75 -40.06 -52.82
CA ALA I 38 22.86 -40.94 -53.57
C ALA I 38 21.86 -41.54 -52.60
N GLU I 39 20.71 -41.95 -53.10
CA GLU I 39 19.64 -42.45 -52.25
C GLU I 39 19.96 -43.88 -51.79
N PRO I 40 19.81 -44.15 -50.49
CA PRO I 40 20.00 -45.50 -49.95
C PRO I 40 19.30 -46.56 -50.80
N TYR I 41 19.89 -47.74 -50.87
CA TYR I 41 19.37 -48.81 -51.72
C TYR I 41 19.30 -50.12 -50.95
N LYS I 42 18.27 -50.93 -51.23
CA LYS I 42 18.10 -52.20 -50.56
C LYS I 42 19.21 -53.17 -50.96
N VAL I 43 20.06 -53.52 -50.01
CA VAL I 43 21.14 -54.47 -50.26
C VAL I 43 20.59 -55.87 -50.40
N THR I 44 21.29 -56.71 -51.15
CA THR I 44 20.93 -58.11 -51.30
C THR I 44 20.80 -58.73 -49.92
N SER I 45 19.86 -59.68 -49.77
CA SER I 45 19.66 -60.37 -48.50
C SER I 45 21.00 -60.63 -47.83
N LYS I 46 21.17 -60.09 -46.63
CA LYS I 46 22.46 -60.13 -45.93
C LYS I 46 22.89 -61.55 -45.61
N GLU I 47 24.14 -61.86 -45.93
CA GLU I 47 24.76 -63.09 -45.47
C GLU I 47 25.57 -62.78 -44.21
N ASP I 48 25.56 -61.50 -43.81
CA ASP I 48 26.31 -61.04 -42.65
C ASP I 48 25.94 -61.79 -41.39
N LYS I 49 26.85 -61.77 -40.42
CA LYS I 49 26.58 -62.35 -39.10
C LYS I 49 25.85 -61.33 -38.25
N LEU I 50 26.04 -60.06 -38.57
CA LEU I 50 25.38 -58.98 -37.83
C LEU I 50 23.92 -58.87 -38.24
N SER I 51 23.67 -58.79 -39.54
CA SER I 51 22.31 -58.68 -40.05
C SER I 51 21.47 -59.89 -39.65
N SER I 52 22.10 -61.07 -39.63
CA SER I 52 21.42 -62.30 -39.24
C SER I 52 21.03 -62.25 -37.77
N ARG I 53 21.97 -61.86 -36.93
CA ARG I 53 21.77 -61.78 -35.50
C ARG I 53 20.70 -60.74 -35.16
N ILE I 54 20.77 -59.60 -35.82
CA ILE I 54 19.82 -58.51 -35.58
C ILE I 54 18.40 -58.94 -35.91
N GLN I 55 18.23 -59.67 -37.01
CA GLN I 55 16.91 -60.13 -37.43
C GLN I 55 16.25 -61.00 -36.36
N SER I 56 17.06 -61.54 -35.45
CA SER I 56 16.57 -62.37 -34.37
C SER I 56 16.43 -61.58 -33.07
N MET I 57 17.36 -60.67 -32.84
CA MET I 57 17.37 -59.87 -31.62
C MET I 57 16.23 -58.85 -31.59
N LEU I 58 15.74 -58.48 -32.78
CA LEU I 58 14.68 -57.48 -32.90
C LEU I 58 13.43 -58.02 -33.60
N GLY I 59 13.58 -59.17 -34.27
CA GLY I 59 12.50 -59.72 -35.07
C GLY I 59 12.67 -59.34 -36.53
N ASN I 60 11.80 -59.85 -37.39
CA ASN I 60 11.89 -59.53 -38.82
C ASN I 60 11.48 -58.09 -39.10
N TYR I 61 12.27 -57.40 -39.92
CA TYR I 61 12.02 -55.99 -40.18
C TYR I 61 10.72 -55.76 -40.95
N ASP I 62 10.55 -56.48 -42.05
CA ASP I 62 9.38 -56.33 -42.90
C ASP I 62 8.07 -56.56 -42.13
N GLU I 63 8.15 -57.35 -41.07
CA GLU I 63 6.97 -57.63 -40.24
C GLU I 63 6.75 -56.50 -39.22
N MET I 64 7.77 -56.20 -38.45
CA MET I 64 7.66 -55.21 -37.37
C MET I 64 7.73 -53.77 -37.91
N LYS I 65 8.06 -53.64 -39.19
CA LYS I 65 8.25 -52.34 -39.81
C LYS I 65 7.08 -51.38 -39.60
N ASP I 66 5.86 -51.88 -39.75
CA ASP I 66 4.66 -51.04 -39.72
C ASP I 66 4.29 -50.58 -38.30
N PHE I 67 5.09 -50.96 -37.30
CA PHE I 67 4.84 -50.54 -35.93
C PHE I 67 5.83 -49.47 -35.49
N ILE I 68 7.02 -49.49 -36.07
CA ILE I 68 8.06 -48.54 -35.71
C ILE I 68 7.93 -47.24 -36.52
P AMP J . -28.67 0.00 19.11
O1P AMP J . -28.81 -1.13 20.11
O2P AMP J . -27.26 0.25 18.64
O3P AMP J . -29.67 -0.04 17.99
O5' AMP J . -29.03 1.31 19.95
C5' AMP J . -28.51 2.58 19.57
C4' AMP J . -28.97 3.69 20.48
O4' AMP J . -30.42 3.78 20.43
C3' AMP J . -28.62 3.52 21.96
O3' AMP J . -28.32 4.80 22.53
C2' AMP J . -29.89 2.95 22.56
O2' AMP J . -30.06 3.18 23.94
C1' AMP J . -30.97 3.64 21.72
N9 AMP J . -32.20 2.85 21.61
C8 AMP J . -32.28 1.65 21.00
N7 AMP J . -33.54 1.16 21.07
C5 AMP J . -34.28 2.06 21.74
C6 AMP J . -35.70 2.16 22.15
N6 AMP J . -36.55 1.16 21.84
N1 AMP J . -36.08 3.27 22.82
C2 AMP J . -35.23 4.25 23.12
N3 AMP J . -33.93 4.22 22.77
C4 AMP J . -33.40 3.18 22.09
H5'1 AMP J . -27.41 2.54 19.58
H5'2 AMP J . -28.82 2.80 18.54
H4' AMP J . -28.54 4.63 20.13
H3' AMP J . -27.78 2.82 22.07
HO3' AMP J . -28.10 4.69 23.46
H2' AMP J . -29.92 1.87 22.35
HO2' AMP J . -29.33 2.77 24.43
H1' AMP J . -31.19 4.62 22.15
H8 AMP J . -31.45 1.14 20.53
HN61 AMP J . -37.51 1.22 22.12
HN62 AMP J . -36.22 0.35 21.34
H2 AMP J . -35.60 5.11 23.67
P AMP K . -7.32 30.93 23.70
O1P AMP K . -6.72 31.96 24.62
O2P AMP K . -7.05 31.20 22.25
O3P AMP K . -7.08 29.50 24.14
O5' AMP K . -8.89 31.14 23.91
C5' AMP K . -9.81 30.07 23.75
C4' AMP K . -10.94 30.16 24.75
O4' AMP K . -10.43 29.86 26.08
C3' AMP K . -11.61 31.54 24.87
O3' AMP K . -12.72 31.69 23.99
C2' AMP K . -11.98 31.63 26.34
O2' AMP K . -13.33 31.42 26.75
C1' AMP K . -10.90 30.79 27.03
N9 AMP K . -9.76 31.61 27.46
C8 AMP K . -8.54 31.56 26.88
N7 AMP K . -7.69 32.43 27.47
C5 AMP K . -8.36 33.08 28.43
C6 AMP K . -8.05 34.12 29.42
N6 AMP K . -6.80 34.65 29.46
N1 AMP K . -9.03 34.53 30.25
C2 AMP K . -10.27 34.01 30.21
N3 AMP K . -10.62 33.04 29.32
C4 AMP K . -9.73 32.54 28.43
H5'1 AMP K . -9.30 29.12 23.88
H5'2 AMP K . -10.23 30.09 22.74
H4' AMP K . -11.71 29.44 24.47
H3' AMP K . -10.86 32.31 24.64
HO3' AMP K . -13.10 32.57 24.12
H2' AMP K . -12.25 30.60 26.06
HO2' AMP K . -13.88 32.10 26.35
H1' AMP K . -11.34 30.27 27.89
H8 AMP K . -8.28 30.89 26.07
HN61 AMP K . -6.09 34.32 28.82
HN62 AMP K . -6.58 35.36 30.13
H2 AMP K . -11.01 34.37 30.90
P AMP L . 22.85 -12.86 -12.12
O1P AMP L . 24.22 -12.53 -12.70
O2P AMP L . 21.88 -13.43 -13.13
O3P AMP L . 22.89 -13.59 -10.80
O5' AMP L . 22.26 -11.44 -11.71
C5' AMP L . 21.15 -11.35 -10.82
C4' AMP L . 21.28 -10.17 -9.89
O4' AMP L . 22.49 -10.32 -9.10
C3' AMP L . 21.39 -8.81 -10.57
O3' AMP L . 20.81 -7.80 -9.75
C2' AMP L . 22.91 -8.61 -10.66
O2' AMP L . 23.31 -7.26 -10.77
C1' AMP L . 23.38 -9.26 -9.36
N9 AMP L . 24.74 -9.81 -9.45
C8 AMP L . 25.04 -11.02 -9.96
N7 AMP L . 26.37 -11.25 -9.90
C5 AMP L . 26.94 -10.17 -9.34
C6 AMP L . 28.32 -9.77 -8.99
N6 AMP L . 29.35 -10.61 -9.24
N1 AMP L . 28.50 -8.56 -8.41
C2 AMP L . 27.47 -7.74 -8.16
N3 AMP L . 26.20 -8.04 -8.46
C4 AMP L . 25.87 -9.22 -9.03
H5'1 AMP L . 20.24 -11.26 -11.39
H5'2 AMP L . 21.09 -12.27 -10.23
H4' AMP L . 20.41 -10.15 -9.22
H3' AMP L . 20.95 -8.84 -11.58
HO3' AMP L . 20.90 -6.94 -10.19
H2' AMP L . 23.29 -9.18 -11.51
HO2' AMP L . 22.94 -6.87 -11.58
H1' AMP L . 23.33 -8.51 -8.55
H8 AMP L . 24.31 -11.71 -10.36
HN61 AMP L . 29.18 -11.50 -9.68
HN62 AMP L . 30.29 -10.33 -9.01
H2 AMP L . 27.68 -6.78 -7.69
#